data_6N4F
#
_entry.id   6N4F
#
_cell.length_a   241.148
_cell.length_b   241.148
_cell.length_c   147.958
_cell.angle_alpha   90.00
_cell.angle_beta   90.00
_cell.angle_gamma   120.00
#
_symmetry.space_group_name_H-M   'H 3'
#
loop_
_entity.id
_entity.type
_entity.pdbx_description
1 polymer 'Hemagglutinin HA1'
2 polymer 'Hemagglutinin HA2'
#
loop_
_entity_poly.entity_id
_entity_poly.type
_entity_poly.pdbx_seq_one_letter_code
_entity_poly.pdbx_strand_id
1 'polypeptide(L)'
;ADLGSQNLLGNENNAATLCLGHHAVPNGTMVKTITDDQIEVTNATELVQNSSTGKICNNPHKILDGRDCTLIDALLGDPH
CDVFQNETWDLFVERSNAFSNCYPYDVPDYASLRSIVASSGTLEFITEGFTWAGVTQNGGSGACKRGPANSFFSRLNWLT
KSGNTYPVLNVTMPNNNNFDKLYIWGVHHPSTNQEQTSLYIQASGRVTVSTRRSQQTIIPNIGSRPLVRGQSGRISVYWT
IVKPGDILVINSNGNLIAPRGYFKMHIGKSSIMRSDAPIDTCISECITPNGSIPNEKPFQNVNKITYGACPKYVKQNTLK
LATGMRNVPERQTR
;
A,C,E,G
2 'polypeptide(L)'
;GLFGAIAGFIENGWEGMVDGWYGFRHQNSEGTGQAADLKSTQAAIDQINGKLNRVIEKTNEKFHQIEKEFSEVEGRIQDL
ERYVEDTKVDLWSYNAELLVALENQNTIDLTDSEMNKLFEKTRRQLRENAEDMGNGCFKIYHKCDNACIESIRNGTYDHN
IYRDEAVNNRFQIKSGRLVPRG
;
B,D,F,H
#
# COMPACT_ATOMS: atom_id res chain seq x y z
N ASN A 13 71.93 4.79 -20.58
CA ASN A 13 71.98 3.65 -21.56
C ASN A 13 72.31 2.26 -20.96
N ASN A 14 72.75 2.21 -19.70
CA ASN A 14 72.77 0.94 -18.93
C ASN A 14 71.46 0.68 -18.17
N ALA A 15 70.48 1.58 -18.36
CA ALA A 15 69.13 1.36 -17.88
C ALA A 15 68.16 1.99 -18.89
N ALA A 16 66.88 1.64 -18.75
CA ALA A 16 65.81 2.26 -19.53
C ALA A 16 64.64 2.56 -18.58
N THR A 17 63.56 3.13 -19.13
CA THR A 17 62.32 3.34 -18.37
C THR A 17 61.10 3.02 -19.25
N LEU A 18 60.34 2.00 -18.84
CA LEU A 18 59.09 1.60 -19.51
C LEU A 18 57.89 2.05 -18.69
N CYS A 19 56.98 2.76 -19.34
CA CYS A 19 55.80 3.26 -18.66
C CYS A 19 54.52 2.72 -19.28
N LEU A 20 53.65 2.24 -18.40
CA LEU A 20 52.32 1.77 -18.76
C LEU A 20 51.32 2.84 -18.37
N GLY A 21 50.28 2.99 -19.18
CA GLY A 21 49.24 3.96 -18.89
C GLY A 21 48.01 3.88 -19.78
N HIS A 22 47.21 4.92 -19.71
CA HIS A 22 45.93 4.97 -20.39
C HIS A 22 45.73 6.29 -21.08
N HIS A 23 44.80 6.31 -22.03
CA HIS A 23 44.43 7.54 -22.73
C HIS A 23 43.66 8.49 -21.81
N ALA A 24 43.31 9.66 -22.35
CA ALA A 24 42.48 10.67 -21.66
C ALA A 24 41.86 11.69 -22.64
N VAL A 25 41.09 12.64 -22.14
CA VAL A 25 40.57 13.72 -23.00
C VAL A 25 40.51 15.10 -22.32
N PRO A 26 40.48 16.17 -23.15
CA PRO A 26 40.41 17.52 -22.58
C PRO A 26 39.10 17.74 -21.87
N ASN A 27 38.01 17.62 -22.63
CA ASN A 27 36.65 17.70 -22.11
C ASN A 27 36.02 16.31 -22.16
N GLY A 28 35.92 15.68 -20.99
CA GLY A 28 35.25 14.41 -20.76
C GLY A 28 33.93 14.65 -20.03
N THR A 29 33.16 13.58 -19.82
CA THR A 29 31.79 13.66 -19.32
C THR A 29 31.66 13.20 -17.88
N MET A 30 30.63 13.70 -17.20
CA MET A 30 30.24 13.22 -15.86
C MET A 30 29.10 12.21 -15.94
N VAL A 31 29.24 11.09 -15.20
CA VAL A 31 28.21 10.06 -15.06
C VAL A 31 28.02 9.70 -13.59
N LYS A 32 27.11 8.77 -13.29
CA LYS A 32 26.86 8.28 -11.93
C LYS A 32 27.10 6.78 -11.89
N THR A 33 27.53 6.29 -10.73
CA THR A 33 27.71 4.85 -10.50
C THR A 33 27.14 4.53 -9.13
N ILE A 34 27.24 3.26 -8.75
CA ILE A 34 26.84 2.78 -7.43
C ILE A 34 27.61 3.48 -6.30
N THR A 35 28.75 4.09 -6.62
CA THR A 35 29.66 4.67 -5.61
C THR A 35 30.17 6.13 -5.80
N ASP A 36 29.79 6.83 -6.89
CA ASP A 36 29.96 8.31 -7.01
C ASP A 36 28.72 8.91 -7.65
N ASP A 37 28.23 10.05 -7.15
CA ASP A 37 27.05 10.67 -7.80
C ASP A 37 27.54 11.27 -9.09
N GLN A 38 28.82 11.65 -9.06
CA GLN A 38 29.51 12.10 -10.25
C GLN A 38 30.99 11.71 -10.24
N ILE A 39 31.47 11.42 -11.45
CA ILE A 39 32.80 10.89 -11.70
C ILE A 39 33.11 11.08 -13.19
N GLU A 40 34.33 11.49 -13.54
CA GLU A 40 34.59 11.89 -14.93
C GLU A 40 34.95 10.68 -15.79
N VAL A 41 34.51 10.72 -17.06
CA VAL A 41 34.78 9.64 -18.04
C VAL A 41 35.03 10.16 -19.48
N THR A 42 35.60 9.27 -20.28
CA THR A 42 36.18 9.60 -21.57
C THR A 42 35.13 9.75 -22.65
N ASN A 43 34.16 8.83 -22.68
CA ASN A 43 33.00 8.95 -23.58
C ASN A 43 31.77 8.50 -22.81
N ALA A 44 30.62 8.98 -23.23
CA ALA A 44 29.36 8.58 -22.62
C ALA A 44 28.25 8.70 -23.65
N THR A 45 27.10 8.15 -23.30
CA THR A 45 26.02 8.03 -24.24
C THR A 45 24.67 8.21 -23.52
N GLU A 46 23.74 8.84 -24.21
CA GLU A 46 22.45 9.21 -23.61
C GLU A 46 21.44 8.15 -23.88
N LEU A 47 20.80 7.63 -22.83
CA LEU A 47 19.84 6.54 -22.97
C LEU A 47 18.39 7.00 -23.08
N VAL A 48 18.11 8.27 -22.83
CA VAL A 48 16.73 8.73 -22.82
C VAL A 48 16.49 9.62 -23.98
N GLN A 49 15.51 9.27 -24.78
CA GLN A 49 15.12 10.12 -25.88
C GLN A 49 14.15 11.17 -25.38
N ASN A 50 14.49 12.44 -25.53
CA ASN A 50 13.69 13.53 -24.93
C ASN A 50 13.17 14.58 -25.91
N SER A 51 13.24 14.31 -27.21
CA SER A 51 12.73 15.26 -28.20
C SER A 51 12.00 14.55 -29.31
N SER A 52 11.32 15.35 -30.12
CA SER A 52 10.50 14.85 -31.22
C SER A 52 10.52 15.87 -32.37
N THR A 53 10.79 15.41 -33.59
CA THR A 53 10.66 16.29 -34.77
C THR A 53 9.31 17.05 -34.81
N GLY A 54 8.27 16.44 -34.25
CA GLY A 54 7.01 17.09 -34.17
C GLY A 54 6.07 16.75 -35.27
N LYS A 55 6.44 15.77 -36.09
CA LYS A 55 5.62 15.33 -37.22
C LYS A 55 5.39 13.84 -37.00
N ILE A 56 4.34 13.32 -37.60
CA ILE A 56 4.06 11.89 -37.60
C ILE A 56 4.32 11.32 -38.97
N CYS A 57 5.32 10.45 -39.03
CA CYS A 57 5.75 9.80 -40.26
C CYS A 57 4.70 8.83 -40.69
N ASN A 58 4.34 8.90 -41.96
CA ASN A 58 3.35 7.99 -42.52
C ASN A 58 3.84 6.57 -42.93
N ASN A 59 4.98 6.13 -42.39
CA ASN A 59 5.53 4.80 -42.61
C ASN A 59 6.31 4.32 -41.40
N PRO A 60 6.38 2.99 -41.18
CA PRO A 60 5.76 1.88 -41.88
C PRO A 60 4.31 1.63 -41.52
N HIS A 61 3.78 2.38 -40.57
CA HIS A 61 2.38 2.22 -40.15
C HIS A 61 1.46 3.06 -41.01
N LYS A 62 0.30 2.50 -41.32
CA LYS A 62 -0.75 3.21 -42.11
C LYS A 62 -1.49 4.19 -41.22
N ILE A 63 -1.17 5.46 -41.42
CA ILE A 63 -1.78 6.51 -40.62
C ILE A 63 -3.06 6.98 -41.29
N LEU A 64 -4.11 7.26 -40.53
CA LEU A 64 -5.34 7.79 -41.11
C LEU A 64 -5.75 9.06 -40.37
N ASP A 65 -5.73 10.18 -41.09
CA ASP A 65 -5.97 11.48 -40.52
C ASP A 65 -7.45 11.69 -40.51
N GLY A 66 -7.99 11.87 -39.33
CA GLY A 66 -9.43 11.95 -39.14
C GLY A 66 -9.96 13.32 -39.47
N ARG A 67 -9.05 14.31 -39.41
CA ARG A 67 -9.31 15.71 -39.69
C ARG A 67 -10.46 16.19 -38.84
N ASP A 68 -11.56 16.56 -39.50
CA ASP A 68 -12.72 17.15 -38.84
C ASP A 68 -13.66 16.12 -38.26
N CYS A 69 -13.21 14.85 -38.18
CA CYS A 69 -14.07 13.74 -37.76
C CYS A 69 -13.48 12.90 -36.62
N THR A 70 -14.34 12.59 -35.65
CA THR A 70 -14.02 11.60 -34.63
C THR A 70 -14.39 10.24 -35.18
N LEU A 71 -13.69 9.21 -34.69
CA LEU A 71 -13.89 7.86 -35.18
C LEU A 71 -15.35 7.42 -35.10
N ILE A 72 -16.03 7.74 -34.01
CA ILE A 72 -17.45 7.40 -33.93
C ILE A 72 -18.31 8.09 -35.02
N ASP A 73 -18.11 9.39 -35.28
CA ASP A 73 -18.86 10.08 -36.35
C ASP A 73 -18.54 9.51 -37.73
N ALA A 74 -17.27 9.22 -37.99
CA ALA A 74 -16.90 8.47 -39.18
C ALA A 74 -17.62 7.11 -39.22
N LEU A 75 -17.60 6.40 -38.11
CA LEU A 75 -18.37 5.17 -37.97
C LEU A 75 -19.83 5.34 -38.37
N LEU A 76 -20.54 6.16 -37.61
CA LEU A 76 -21.96 6.40 -37.78
C LEU A 76 -22.36 6.97 -39.16
N GLY A 77 -21.54 7.88 -39.68
CA GLY A 77 -21.76 8.48 -41.00
C GLY A 77 -22.39 9.87 -40.95
N ASP A 78 -21.85 10.70 -40.09
CA ASP A 78 -22.10 12.10 -40.14
C ASP A 78 -21.78 12.48 -41.59
N PRO A 79 -22.71 13.12 -42.29
CA PRO A 79 -22.48 13.47 -43.68
C PRO A 79 -21.10 14.07 -43.95
N HIS A 80 -20.61 14.99 -43.12
CA HIS A 80 -19.26 15.53 -43.38
C HIS A 80 -18.09 14.56 -43.12
N CYS A 81 -18.37 13.28 -42.87
CA CYS A 81 -17.35 12.27 -42.69
C CYS A 81 -17.51 11.19 -43.73
N ASP A 82 -18.20 11.48 -44.83
CA ASP A 82 -18.43 10.47 -45.86
C ASP A 82 -17.16 10.01 -46.57
N VAL A 83 -16.14 10.86 -46.62
CA VAL A 83 -14.90 10.49 -47.28
C VAL A 83 -14.26 9.26 -46.59
N PHE A 84 -14.53 9.08 -45.28
CA PHE A 84 -13.98 7.95 -44.47
C PHE A 84 -14.72 6.58 -44.56
N GLN A 85 -15.80 6.48 -45.34
CA GLN A 85 -16.49 5.19 -45.52
C GLN A 85 -15.52 4.11 -45.97
N ASN A 86 -15.74 2.87 -45.52
CA ASN A 86 -14.86 1.75 -45.84
C ASN A 86 -13.33 1.96 -45.67
N GLU A 87 -12.89 2.98 -44.96
CA GLU A 87 -11.47 3.21 -44.76
C GLU A 87 -10.90 2.23 -43.73
N THR A 88 -9.55 2.24 -43.63
CA THR A 88 -8.76 1.38 -42.73
C THR A 88 -7.47 2.09 -42.26
N TRP A 89 -6.90 1.60 -41.16
CA TRP A 89 -5.77 2.26 -40.52
C TRP A 89 -5.05 1.25 -39.67
N ASP A 90 -3.75 1.44 -39.51
CA ASP A 90 -3.04 0.87 -38.40
C ASP A 90 -3.25 1.86 -37.24
N LEU A 91 -3.06 3.16 -37.52
CA LEU A 91 -3.28 4.25 -36.53
C LEU A 91 -4.26 5.34 -36.95
N PHE A 92 -5.32 5.53 -36.16
CA PHE A 92 -6.26 6.63 -36.36
C PHE A 92 -5.87 7.84 -35.53
N VAL A 93 -5.62 8.95 -36.19
CA VAL A 93 -5.26 10.17 -35.52
C VAL A 93 -6.52 11.04 -35.42
N GLU A 94 -6.97 11.29 -34.18
CA GLU A 94 -8.19 12.08 -33.91
C GLU A 94 -7.69 13.48 -33.59
N ARG A 95 -8.40 14.47 -34.11
CA ARG A 95 -7.91 15.86 -34.03
C ARG A 95 -8.68 16.70 -33.03
N SER A 96 -7.98 17.51 -32.25
CA SER A 96 -8.70 18.31 -31.25
C SER A 96 -9.83 19.19 -31.79
N ASN A 97 -9.72 19.66 -33.03
CA ASN A 97 -10.71 20.57 -33.62
C ASN A 97 -11.90 19.87 -34.29
N ALA A 98 -12.06 18.58 -34.06
CA ALA A 98 -13.13 17.86 -34.77
C ALA A 98 -14.48 18.22 -34.15
N PHE A 99 -15.51 18.17 -34.95
CA PHE A 99 -16.83 18.51 -34.47
C PHE A 99 -17.79 17.51 -35.07
N SER A 100 -18.99 17.48 -34.52
CA SER A 100 -20.08 16.73 -35.11
C SER A 100 -20.99 17.76 -35.76
N ASN A 101 -21.81 17.31 -36.69
CA ASN A 101 -22.75 18.16 -37.37
C ASN A 101 -23.95 17.37 -37.90
N CYS A 102 -24.54 16.55 -37.03
CA CYS A 102 -25.72 15.75 -37.39
C CYS A 102 -26.66 15.77 -36.21
N TYR A 103 -27.71 14.97 -36.25
CA TYR A 103 -28.63 14.86 -35.13
C TYR A 103 -27.89 14.58 -33.83
N PRO A 104 -28.30 15.20 -32.70
CA PRO A 104 -27.47 15.06 -31.50
C PRO A 104 -27.65 13.71 -30.83
N TYR A 105 -26.56 13.16 -30.29
CA TYR A 105 -26.53 11.75 -29.86
C TYR A 105 -25.61 11.53 -28.67
N ASP A 106 -25.76 10.38 -28.03
CA ASP A 106 -24.85 9.96 -26.97
C ASP A 106 -24.64 8.48 -27.15
N VAL A 107 -23.57 7.96 -26.55
CA VAL A 107 -23.26 6.56 -26.65
C VAL A 107 -23.02 6.07 -25.26
N PRO A 108 -24.00 5.40 -24.68
CA PRO A 108 -23.68 4.71 -23.46
C PRO A 108 -22.49 3.83 -23.74
N ASP A 109 -21.46 4.02 -22.91
CA ASP A 109 -20.18 3.35 -23.02
C ASP A 109 -19.38 3.68 -24.31
N TYR A 110 -19.39 4.97 -24.65
CA TYR A 110 -18.65 5.51 -25.79
C TYR A 110 -17.18 5.11 -25.82
N ALA A 111 -16.51 5.26 -24.68
CA ALA A 111 -15.09 4.93 -24.59
C ALA A 111 -14.80 3.55 -25.14
N SER A 112 -15.68 2.60 -24.81
CA SER A 112 -15.51 1.21 -25.27
C SER A 112 -15.84 1.04 -26.74
N LEU A 113 -16.99 1.51 -27.20
CA LEU A 113 -17.28 1.49 -28.63
C LEU A 113 -16.09 2.04 -29.41
N ARG A 114 -15.59 3.18 -28.98
CA ARG A 114 -14.46 3.77 -29.65
C ARG A 114 -13.29 2.79 -29.66
N SER A 115 -12.91 2.27 -28.50
CA SER A 115 -11.77 1.37 -28.40
C SER A 115 -11.89 0.17 -29.37
N ILE A 116 -13.07 -0.43 -29.45
CA ILE A 116 -13.14 -1.71 -30.11
C ILE A 116 -13.04 -1.55 -31.60
N VAL A 117 -13.57 -0.43 -32.08
CA VAL A 117 -13.54 -0.12 -33.49
C VAL A 117 -12.12 0.28 -33.86
N ALA A 118 -11.51 1.13 -33.06
CA ALA A 118 -10.12 1.52 -33.27
C ALA A 118 -9.21 0.30 -33.41
N SER A 119 -9.54 -0.78 -32.70
CA SER A 119 -8.68 -1.97 -32.65
C SER A 119 -8.90 -2.89 -33.85
N SER A 120 -10.15 -2.97 -34.27
CA SER A 120 -10.56 -3.60 -35.51
C SER A 120 -9.85 -3.00 -36.74
N GLY A 121 -9.55 -1.71 -36.77
CA GLY A 121 -8.73 -1.14 -37.83
C GLY A 121 -9.38 -0.96 -39.19
N THR A 122 -10.73 -1.04 -39.25
CA THR A 122 -11.49 -0.92 -40.50
C THR A 122 -12.91 -0.38 -40.30
N LEU A 123 -13.44 0.36 -41.28
CA LEU A 123 -14.84 0.78 -41.28
C LEU A 123 -15.64 0.12 -42.38
N GLU A 124 -15.12 -0.98 -42.91
CA GLU A 124 -15.74 -1.67 -43.99
C GLU A 124 -17.18 -2.03 -43.65
N PHE A 125 -18.12 -1.54 -44.45
CA PHE A 125 -19.53 -1.67 -44.13
C PHE A 125 -20.21 -2.46 -45.17
N ILE A 126 -20.99 -3.46 -44.74
CA ILE A 126 -21.65 -4.36 -45.67
C ILE A 126 -23.10 -4.11 -45.48
N THR A 127 -23.76 -3.71 -46.56
CA THR A 127 -25.19 -3.54 -46.51
C THR A 127 -25.95 -4.84 -46.68
N GLU A 128 -27.02 -4.94 -45.91
CA GLU A 128 -27.82 -6.13 -45.75
C GLU A 128 -29.29 -5.76 -45.97
N GLY A 129 -30.02 -6.62 -46.67
CA GLY A 129 -31.39 -6.37 -47.05
C GLY A 129 -32.38 -6.50 -45.91
N PHE A 130 -32.38 -5.52 -45.05
CA PHE A 130 -33.34 -5.52 -43.98
C PHE A 130 -34.67 -5.17 -44.59
N THR A 131 -35.67 -5.99 -44.26
CA THR A 131 -37.07 -5.79 -44.63
C THR A 131 -37.81 -5.18 -43.45
N TRP A 132 -38.29 -3.95 -43.66
CA TRP A 132 -38.91 -3.15 -42.59
C TRP A 132 -40.35 -2.88 -42.95
N ALA A 133 -41.20 -3.85 -42.63
CA ALA A 133 -42.56 -3.88 -43.18
C ALA A 133 -43.56 -3.06 -42.38
N GLY A 134 -44.14 -2.07 -43.06
CA GLY A 134 -45.22 -1.24 -42.51
C GLY A 134 -44.77 0.07 -41.90
N VAL A 135 -43.72 0.68 -42.48
CA VAL A 135 -43.05 1.85 -41.88
C VAL A 135 -42.27 2.64 -42.95
N THR A 136 -41.89 3.86 -42.63
CA THR A 136 -41.15 4.65 -43.62
C THR A 136 -39.68 4.67 -43.27
N GLN A 137 -38.87 4.38 -44.27
CA GLN A 137 -37.44 4.38 -44.11
C GLN A 137 -36.91 5.72 -44.49
N ASN A 138 -35.61 5.88 -44.34
CA ASN A 138 -34.88 7.09 -44.72
C ASN A 138 -35.43 8.43 -44.20
N GLY A 139 -35.91 8.43 -42.96
CA GLY A 139 -36.15 9.66 -42.25
C GLY A 139 -34.88 10.52 -42.26
N GLY A 140 -35.08 11.83 -42.32
CA GLY A 140 -33.99 12.82 -42.33
C GLY A 140 -34.33 13.85 -41.27
N SER A 141 -33.46 14.86 -41.13
CA SER A 141 -33.67 15.91 -40.14
C SER A 141 -32.93 17.21 -40.46
N GLY A 142 -33.39 18.26 -39.80
CA GLY A 142 -32.89 19.60 -39.96
C GLY A 142 -31.60 19.81 -39.24
N ALA A 143 -31.24 18.88 -38.36
CA ALA A 143 -29.94 18.96 -37.69
C ALA A 143 -28.80 18.43 -38.51
N CYS A 144 -29.11 17.70 -39.58
CA CYS A 144 -28.13 16.87 -40.27
C CYS A 144 -28.24 17.03 -41.78
N LYS A 145 -27.90 18.21 -42.27
CA LYS A 145 -28.09 18.57 -43.68
C LYS A 145 -26.98 18.10 -44.65
N ARG A 146 -27.39 17.72 -45.86
CA ARG A 146 -26.49 17.47 -46.99
C ARG A 146 -26.67 18.64 -47.98
N GLY A 147 -25.84 19.65 -47.79
CA GLY A 147 -25.93 20.90 -48.51
C GLY A 147 -27.17 21.62 -47.98
N PRO A 148 -28.19 21.81 -48.83
CA PRO A 148 -29.42 22.46 -48.38
C PRO A 148 -30.48 21.46 -47.94
N ALA A 149 -30.22 20.18 -48.21
CA ALA A 149 -31.20 19.09 -48.07
C ALA A 149 -31.09 18.39 -46.74
N ASN A 150 -32.19 17.80 -46.27
CA ASN A 150 -32.26 17.12 -44.97
C ASN A 150 -31.84 15.68 -44.99
N SER A 151 -31.03 15.29 -44.03
CA SER A 151 -30.30 14.05 -44.14
C SER A 151 -30.09 13.41 -42.76
N PHE A 152 -29.23 12.42 -42.71
CA PHE A 152 -29.06 11.62 -41.53
C PHE A 152 -27.77 10.83 -41.65
N PHE A 153 -27.43 10.16 -40.55
CA PHE A 153 -26.25 9.29 -40.52
C PHE A 153 -26.41 8.28 -41.65
N SER A 154 -25.38 8.21 -42.50
CA SER A 154 -25.33 7.27 -43.59
C SER A 154 -25.57 5.83 -43.19
N ARG A 155 -25.07 5.40 -42.02
CA ARG A 155 -25.13 3.96 -41.64
C ARG A 155 -26.34 3.55 -40.84
N LEU A 156 -27.21 4.52 -40.59
CA LEU A 156 -28.40 4.29 -39.82
C LEU A 156 -29.64 4.70 -40.61
N ASN A 157 -30.79 4.23 -40.16
CA ASN A 157 -32.03 4.31 -40.91
C ASN A 157 -33.21 4.63 -39.96
N TRP A 158 -33.65 5.89 -40.00
CA TRP A 158 -34.73 6.37 -39.15
C TRP A 158 -36.11 5.92 -39.62
N LEU A 159 -36.66 4.95 -38.89
CA LEU A 159 -37.99 4.41 -39.15
C LEU A 159 -39.09 5.15 -38.38
N THR A 160 -39.93 5.76 -39.22
CA THR A 160 -41.12 6.49 -38.82
C THR A 160 -42.38 5.68 -39.20
N LYS A 161 -43.56 6.22 -38.87
CA LYS A 161 -44.83 5.57 -39.17
C LYS A 161 -45.13 5.52 -40.66
N SER A 162 -46.16 4.76 -40.97
CA SER A 162 -46.76 4.75 -42.30
C SER A 162 -48.27 4.51 -42.15
N GLY A 163 -49.04 5.30 -42.90
CA GLY A 163 -50.47 5.44 -42.65
C GLY A 163 -50.62 6.15 -41.31
N ASN A 164 -51.53 5.64 -40.48
CA ASN A 164 -51.68 6.08 -39.09
C ASN A 164 -51.33 4.94 -38.12
N THR A 165 -50.51 3.97 -38.59
CA THR A 165 -49.97 2.89 -37.74
C THR A 165 -48.45 2.60 -37.93
N TYR A 166 -47.84 2.21 -36.82
CA TYR A 166 -46.49 1.67 -36.75
C TYR A 166 -46.63 0.27 -36.15
N PRO A 167 -46.41 -0.78 -36.95
CA PRO A 167 -46.61 -2.12 -36.43
C PRO A 167 -45.44 -2.52 -35.58
N VAL A 168 -45.52 -3.69 -35.01
CA VAL A 168 -44.44 -4.25 -34.24
C VAL A 168 -43.42 -4.87 -35.17
N LEU A 169 -42.29 -4.21 -35.35
CA LEU A 169 -41.21 -4.75 -36.18
C LEU A 169 -40.56 -6.00 -35.53
N ASN A 170 -40.30 -7.04 -36.32
CA ASN A 170 -39.77 -8.34 -35.86
C ASN A 170 -38.97 -8.87 -37.02
N VAL A 171 -37.67 -8.60 -37.06
CA VAL A 171 -36.78 -9.06 -38.16
C VAL A 171 -35.56 -9.84 -37.63
N THR A 172 -34.87 -10.52 -38.55
CA THR A 172 -33.67 -11.30 -38.21
C THR A 172 -32.62 -11.36 -39.32
N MET A 173 -31.40 -11.72 -38.95
CA MET A 173 -30.29 -11.65 -39.88
C MET A 173 -29.12 -12.48 -39.39
N PRO A 174 -29.10 -13.76 -39.79
CA PRO A 174 -28.14 -14.75 -39.30
C PRO A 174 -26.72 -14.43 -39.74
N ASN A 175 -25.72 -14.96 -39.04
CA ASN A 175 -24.37 -14.74 -39.45
C ASN A 175 -23.81 -16.05 -39.97
N ASN A 176 -23.75 -16.14 -41.30
CA ASN A 176 -23.23 -17.30 -42.02
C ASN A 176 -21.82 -16.99 -42.54
N ASN A 177 -21.14 -16.12 -41.79
CA ASN A 177 -19.83 -15.67 -42.13
C ASN A 177 -18.89 -16.21 -41.09
N ASN A 178 -17.60 -16.07 -41.35
CA ASN A 178 -16.58 -16.61 -40.47
C ASN A 178 -15.84 -15.48 -39.74
N PHE A 179 -16.50 -14.33 -39.63
CA PHE A 179 -15.99 -13.20 -38.88
C PHE A 179 -17.10 -12.69 -38.01
N ASP A 180 -16.76 -11.84 -37.06
CA ASP A 180 -17.79 -11.30 -36.19
C ASP A 180 -18.40 -10.09 -36.92
N LYS A 181 -19.69 -9.90 -36.75
CA LYS A 181 -20.34 -8.71 -37.26
C LYS A 181 -20.64 -7.68 -36.16
N LEU A 182 -20.28 -6.43 -36.39
CA LEU A 182 -20.60 -5.35 -35.46
C LEU A 182 -21.82 -4.60 -36.02
N TYR A 183 -22.94 -4.69 -35.31
CA TYR A 183 -24.18 -4.00 -35.70
C TYR A 183 -24.29 -2.76 -34.83
N ILE A 184 -24.55 -1.62 -35.44
CA ILE A 184 -24.74 -0.38 -34.69
C ILE A 184 -26.14 0.13 -34.97
N TRP A 185 -26.77 0.59 -33.92
CA TRP A 185 -28.17 0.99 -34.01
C TRP A 185 -28.38 1.98 -32.89
N GLY A 186 -29.61 2.47 -32.77
CA GLY A 186 -29.91 3.37 -31.71
C GLY A 186 -31.37 3.42 -31.37
N VAL A 187 -31.65 4.26 -30.38
CA VAL A 187 -32.99 4.56 -29.96
C VAL A 187 -33.12 6.05 -29.89
N HIS A 188 -34.26 6.54 -30.39
CA HIS A 188 -34.62 7.96 -30.36
C HIS A 188 -35.44 8.31 -29.13
N HIS A 189 -34.99 9.31 -28.38
CA HIS A 189 -35.78 9.80 -27.27
C HIS A 189 -36.39 11.16 -27.70
N PRO A 190 -37.73 11.23 -27.95
CA PRO A 190 -38.33 12.52 -28.33
C PRO A 190 -38.54 13.47 -27.14
N SER A 191 -38.78 14.75 -27.43
CA SER A 191 -38.81 15.80 -26.41
C SER A 191 -40.22 16.01 -25.87
N THR A 192 -41.19 16.12 -26.78
CA THR A 192 -42.61 16.27 -26.42
C THR A 192 -43.36 15.05 -26.96
N ASN A 193 -44.46 14.67 -26.29
CA ASN A 193 -45.36 13.60 -26.82
C ASN A 193 -45.96 13.85 -28.20
N GLN A 194 -46.19 15.12 -28.56
CA GLN A 194 -46.53 15.51 -29.94
C GLN A 194 -45.62 14.78 -30.93
N GLU A 195 -44.33 14.77 -30.62
CA GLU A 195 -43.32 14.16 -31.48
C GLU A 195 -43.37 12.62 -31.38
N GLN A 196 -43.53 12.09 -30.17
CA GLN A 196 -43.58 10.63 -30.00
C GLN A 196 -44.57 10.03 -30.97
N THR A 197 -45.77 10.59 -30.95
CA THR A 197 -46.89 10.11 -31.74
C THR A 197 -46.88 10.63 -33.17
N SER A 198 -46.53 11.89 -33.36
CA SER A 198 -46.32 12.42 -34.72
C SER A 198 -45.39 11.51 -35.57
N LEU A 199 -44.57 10.65 -34.93
CA LEU A 199 -43.65 9.79 -35.68
C LEU A 199 -43.90 8.27 -35.53
N TYR A 200 -44.17 7.81 -34.31
CA TYR A 200 -44.24 6.36 -34.01
C TYR A 200 -45.62 5.86 -33.54
N ILE A 201 -46.65 6.71 -33.66
CA ILE A 201 -48.04 6.36 -33.32
C ILE A 201 -48.22 5.90 -31.89
N GLN A 202 -47.49 4.89 -31.45
CA GLN A 202 -47.58 4.40 -30.06
C GLN A 202 -47.28 5.50 -29.04
N ALA A 203 -47.51 5.15 -27.78
CA ALA A 203 -47.39 6.08 -26.65
C ALA A 203 -45.99 6.08 -26.07
N SER A 204 -45.36 4.91 -26.07
CA SER A 204 -43.99 4.80 -25.56
C SER A 204 -43.32 3.55 -26.13
N GLY A 205 -42.46 3.78 -27.12
CA GLY A 205 -41.75 2.71 -27.84
C GLY A 205 -40.89 1.77 -27.01
N ARG A 206 -40.15 0.93 -27.71
CA ARG A 206 -39.30 -0.08 -27.05
C ARG A 206 -38.48 -0.77 -28.12
N VAL A 207 -37.21 -1.05 -27.81
CA VAL A 207 -36.27 -1.62 -28.76
C VAL A 207 -35.51 -2.76 -28.12
N THR A 208 -35.58 -3.94 -28.74
CA THR A 208 -34.97 -5.14 -28.15
C THR A 208 -34.19 -5.90 -29.18
N VAL A 209 -32.90 -5.63 -29.23
CA VAL A 209 -31.95 -6.34 -30.10
C VAL A 209 -31.31 -7.47 -29.35
N SER A 210 -31.25 -8.64 -29.96
CA SER A 210 -30.82 -9.87 -29.25
C SER A 210 -30.06 -10.88 -30.11
N THR A 211 -29.27 -11.72 -29.44
CA THR A 211 -28.70 -12.92 -30.05
C THR A 211 -29.22 -14.16 -29.32
N ARG A 212 -28.65 -15.33 -29.64
CA ARG A 212 -28.93 -16.55 -28.89
C ARG A 212 -28.50 -16.38 -27.45
N ARG A 213 -27.45 -15.61 -27.25
CA ARG A 213 -26.72 -15.58 -25.99
C ARG A 213 -26.90 -14.28 -25.20
N SER A 214 -27.26 -13.18 -25.84
CA SER A 214 -27.45 -11.93 -25.11
C SER A 214 -28.66 -11.12 -25.64
N GLN A 215 -28.96 -10.05 -24.93
CA GLN A 215 -30.03 -9.11 -25.29
C GLN A 215 -29.86 -7.75 -24.66
N GLN A 216 -30.49 -6.75 -25.26
CA GLN A 216 -30.53 -5.44 -24.66
C GLN A 216 -31.89 -4.86 -24.93
N THR A 217 -32.57 -4.33 -23.90
CA THR A 217 -33.83 -3.65 -24.14
C THR A 217 -33.77 -2.25 -23.60
N ILE A 218 -34.27 -1.34 -24.41
CA ILE A 218 -34.22 0.07 -24.17
C ILE A 218 -35.61 0.65 -24.32
N ILE A 219 -36.14 1.20 -23.23
CA ILE A 219 -37.28 2.09 -23.36
C ILE A 219 -36.79 3.52 -23.54
N PRO A 220 -37.38 4.24 -24.50
CA PRO A 220 -37.13 5.66 -24.63
C PRO A 220 -37.51 6.43 -23.37
N ASN A 221 -37.37 7.75 -23.43
CA ASN A 221 -37.48 8.64 -22.29
C ASN A 221 -37.81 10.01 -22.81
N ILE A 222 -39.10 10.34 -22.83
CA ILE A 222 -39.56 11.59 -23.41
C ILE A 222 -39.17 12.71 -22.43
N GLY A 223 -39.02 13.94 -22.95
CA GLY A 223 -38.48 15.04 -22.15
C GLY A 223 -37.51 15.91 -22.92
N SER A 224 -37.26 17.11 -22.41
CA SER A 224 -36.48 18.12 -23.15
C SER A 224 -35.04 18.14 -22.72
N ARG A 225 -34.16 18.30 -23.69
CA ARG A 225 -32.72 18.37 -23.45
C ARG A 225 -32.25 19.69 -24.01
N PRO A 226 -31.06 20.15 -23.62
CA PRO A 226 -30.57 21.38 -24.17
C PRO A 226 -30.60 21.29 -25.66
N LEU A 227 -30.80 22.43 -26.31
CA LEU A 227 -31.13 22.48 -27.72
C LEU A 227 -29.84 22.42 -28.50
N VAL A 228 -29.82 21.59 -29.55
CA VAL A 228 -28.63 21.39 -30.40
C VAL A 228 -29.04 21.21 -31.86
N ARG A 229 -28.36 21.95 -32.73
CA ARG A 229 -28.74 22.12 -34.15
C ARG A 229 -30.27 22.09 -34.34
N GLY A 230 -30.95 22.95 -33.61
CA GLY A 230 -32.41 23.04 -33.62
C GLY A 230 -33.16 21.85 -33.06
N GLN A 231 -32.51 21.03 -32.26
CA GLN A 231 -33.13 19.80 -31.71
C GLN A 231 -32.86 19.60 -30.23
N SER A 232 -33.90 19.21 -29.53
CA SER A 232 -33.85 18.90 -28.12
C SER A 232 -34.30 17.46 -27.87
N GLY A 233 -34.31 16.63 -28.90
CA GLY A 233 -34.40 15.19 -28.71
C GLY A 233 -32.99 14.65 -28.80
N ARG A 234 -32.85 13.36 -28.61
CA ARG A 234 -31.52 12.74 -28.64
C ARG A 234 -31.62 11.34 -29.18
N ILE A 235 -30.58 10.94 -29.88
CA ILE A 235 -30.46 9.54 -30.20
C ILE A 235 -29.40 8.90 -29.34
N SER A 236 -29.76 7.81 -28.68
CA SER A 236 -28.79 7.03 -27.94
C SER A 236 -28.34 5.84 -28.80
N VAL A 237 -27.04 5.58 -28.83
CA VAL A 237 -26.50 4.57 -29.71
C VAL A 237 -25.99 3.32 -28.99
N TYR A 238 -26.20 2.18 -29.62
CA TYR A 238 -25.86 0.90 -29.01
C TYR A 238 -25.29 -0.04 -30.08
N TRP A 239 -24.49 -1.00 -29.64
CA TRP A 239 -23.93 -1.96 -30.56
C TRP A 239 -24.19 -3.41 -30.18
N THR A 240 -24.30 -4.24 -31.19
CA THR A 240 -24.38 -5.65 -30.95
C THR A 240 -23.42 -6.33 -31.84
N ILE A 241 -22.62 -7.20 -31.23
CA ILE A 241 -21.75 -8.12 -31.96
C ILE A 241 -22.43 -9.47 -32.18
N VAL A 242 -22.26 -10.05 -33.35
CA VAL A 242 -22.91 -11.31 -33.67
C VAL A 242 -21.90 -12.26 -34.22
N LYS A 243 -21.70 -13.35 -33.49
CA LYS A 243 -20.59 -14.25 -33.82
C LYS A 243 -21.04 -15.18 -34.93
N PRO A 244 -20.10 -15.73 -35.68
CA PRO A 244 -20.41 -16.74 -36.68
C PRO A 244 -21.34 -17.78 -36.14
N GLY A 245 -22.36 -18.11 -36.91
CA GLY A 245 -23.28 -19.13 -36.47
C GLY A 245 -24.32 -18.66 -35.51
N ASP A 246 -24.12 -17.50 -34.88
CA ASP A 246 -25.19 -16.84 -34.10
C ASP A 246 -26.18 -16.10 -35.02
N ILE A 247 -27.28 -15.62 -34.47
CA ILE A 247 -28.32 -14.91 -35.24
C ILE A 247 -28.59 -13.55 -34.60
N LEU A 248 -29.06 -12.57 -35.37
CA LEU A 248 -29.50 -11.28 -34.79
C LEU A 248 -30.99 -11.13 -34.89
N VAL A 249 -31.62 -10.58 -33.86
CA VAL A 249 -33.07 -10.35 -33.97
C VAL A 249 -33.49 -9.01 -33.39
N ILE A 250 -34.04 -8.15 -34.25
CA ILE A 250 -34.50 -6.81 -33.85
C ILE A 250 -36.00 -6.83 -33.69
N ASN A 251 -36.49 -6.23 -32.63
CA ASN A 251 -37.89 -6.37 -32.26
C ASN A 251 -38.36 -5.13 -31.53
N SER A 252 -39.19 -4.31 -32.17
CA SER A 252 -39.54 -3.01 -31.63
C SER A 252 -40.88 -2.51 -32.10
N ASN A 253 -41.61 -1.86 -31.19
CA ASN A 253 -42.85 -1.18 -31.54
C ASN A 253 -42.75 0.35 -31.54
N GLY A 254 -41.65 0.89 -32.05
CA GLY A 254 -41.48 2.32 -32.13
C GLY A 254 -40.17 2.79 -31.54
N ASN A 255 -39.63 3.84 -32.17
CA ASN A 255 -38.44 4.57 -31.73
C ASN A 255 -37.11 3.94 -32.19
N LEU A 256 -37.17 2.83 -32.94
CA LEU A 256 -35.96 2.13 -33.39
C LEU A 256 -35.31 2.98 -34.44
N ILE A 257 -34.02 3.22 -34.27
CA ILE A 257 -33.20 3.74 -35.32
C ILE A 257 -32.36 2.57 -35.79
N ALA A 258 -32.58 2.14 -37.02
CA ALA A 258 -32.22 0.81 -37.44
C ALA A 258 -30.92 0.84 -38.16
N PRO A 259 -30.23 -0.31 -38.18
CA PRO A 259 -29.02 -0.43 -38.93
C PRO A 259 -29.34 -0.78 -40.35
N ARG A 260 -28.44 -0.44 -41.24
CA ARG A 260 -28.56 -0.81 -42.62
C ARG A 260 -27.75 -2.04 -42.95
N GLY A 261 -26.93 -2.51 -42.01
CA GLY A 261 -25.92 -3.54 -42.31
C GLY A 261 -24.99 -3.83 -41.14
N TYR A 262 -23.74 -4.16 -41.44
CA TYR A 262 -22.78 -4.44 -40.37
C TYR A 262 -21.39 -4.01 -40.74
N PHE A 263 -20.58 -3.83 -39.70
CA PHE A 263 -19.14 -3.59 -39.85
C PHE A 263 -18.36 -4.90 -39.69
N LYS A 264 -17.47 -5.19 -40.62
CA LYS A 264 -16.56 -6.33 -40.45
C LYS A 264 -15.68 -6.09 -39.26
N MET A 265 -15.58 -7.06 -38.37
CA MET A 265 -14.54 -6.99 -37.35
C MET A 265 -13.23 -7.73 -37.68
N HIS A 266 -12.11 -7.09 -37.36
CA HIS A 266 -10.77 -7.65 -37.49
C HIS A 266 -10.05 -7.75 -36.18
N ILE A 267 -9.02 -8.58 -36.19
CA ILE A 267 -8.11 -8.76 -35.09
C ILE A 267 -6.78 -8.33 -35.63
N GLY A 268 -6.01 -7.60 -34.85
CA GLY A 268 -4.73 -7.10 -35.34
C GLY A 268 -4.21 -5.94 -34.54
N LYS A 269 -3.18 -5.32 -35.08
CA LYS A 269 -2.36 -4.31 -34.38
C LYS A 269 -2.92 -2.88 -34.43
N SER A 270 -4.21 -2.74 -34.63
CA SER A 270 -4.78 -1.43 -34.90
C SER A 270 -5.17 -0.65 -33.64
N SER A 271 -5.02 0.67 -33.72
CA SER A 271 -5.34 1.55 -32.60
C SER A 271 -5.63 3.00 -33.02
N ILE A 272 -5.75 3.87 -32.04
CA ILE A 272 -6.15 5.25 -32.20
C ILE A 272 -5.44 6.13 -31.18
N MET A 273 -5.10 7.33 -31.61
CA MET A 273 -4.31 8.26 -30.83
C MET A 273 -4.90 9.62 -31.05
N ARG A 274 -4.86 10.47 -30.03
CA ARG A 274 -5.27 11.87 -30.16
C ARG A 274 -4.04 12.72 -30.32
N SER A 275 -3.96 13.42 -31.42
CA SER A 275 -2.82 14.33 -31.62
C SER A 275 -3.07 15.36 -32.68
N ASP A 276 -2.39 16.49 -32.52
CA ASP A 276 -2.47 17.56 -33.50
C ASP A 276 -1.22 17.68 -34.38
N ALA A 277 -0.32 16.70 -34.31
CA ALA A 277 0.86 16.65 -35.15
C ALA A 277 0.53 16.41 -36.64
N PRO A 278 1.29 17.04 -37.54
CA PRO A 278 0.99 16.86 -38.97
C PRO A 278 1.65 15.61 -39.49
N ILE A 279 1.13 15.10 -40.60
CA ILE A 279 1.59 13.81 -41.16
C ILE A 279 2.66 14.09 -42.21
N ASP A 280 3.76 13.33 -42.17
CA ASP A 280 4.89 13.53 -43.10
C ASP A 280 5.21 12.23 -43.79
N THR A 281 5.87 12.36 -44.93
CA THR A 281 6.50 11.25 -45.58
C THR A 281 7.86 11.03 -44.96
N CYS A 282 8.00 9.99 -44.17
CA CYS A 282 9.30 9.59 -43.65
C CYS A 282 9.06 8.20 -43.06
N ILE A 283 10.09 7.63 -42.45
CA ILE A 283 9.98 6.32 -41.84
C ILE A 283 10.28 6.45 -40.34
N SER A 284 9.34 5.97 -39.53
CA SER A 284 9.56 5.85 -38.10
C SER A 284 8.67 4.83 -37.44
N GLU A 285 9.28 3.89 -36.74
CA GLU A 285 8.55 2.83 -36.08
C GLU A 285 7.73 3.38 -34.93
N CYS A 286 8.35 4.21 -34.09
CA CYS A 286 7.71 4.78 -32.90
C CYS A 286 6.95 6.05 -33.18
N ILE A 287 5.71 6.09 -32.72
CA ILE A 287 4.84 7.29 -32.83
C ILE A 287 4.34 7.74 -31.47
N THR A 288 4.43 9.04 -31.20
CA THR A 288 3.78 9.61 -29.99
C THR A 288 2.83 10.70 -30.41
N PRO A 289 1.93 11.09 -29.49
CA PRO A 289 1.01 12.17 -29.85
C PRO A 289 1.80 13.42 -30.20
N ASN A 290 2.94 13.65 -29.49
CA ASN A 290 3.88 14.72 -29.81
C ASN A 290 4.62 14.61 -31.20
N GLY A 291 4.28 13.62 -32.04
CA GLY A 291 5.09 13.29 -33.22
C GLY A 291 5.95 12.03 -33.01
N SER A 292 6.54 11.54 -34.10
CA SER A 292 7.36 10.35 -34.09
C SER A 292 8.66 10.53 -33.30
N ILE A 293 9.29 9.42 -32.97
CA ILE A 293 10.60 9.47 -32.34
C ILE A 293 11.50 8.28 -32.76
N PRO A 294 12.82 8.51 -32.84
CA PRO A 294 13.76 7.39 -33.02
C PRO A 294 13.73 6.39 -31.86
N ASN A 295 13.85 5.11 -32.18
CA ASN A 295 13.73 4.06 -31.17
C ASN A 295 15.03 3.30 -30.91
N GLU A 296 16.13 4.03 -30.94
CA GLU A 296 17.49 3.46 -30.84
C GLU A 296 17.87 3.37 -29.36
N LYS A 297 17.45 4.38 -28.62
CA LYS A 297 17.65 4.41 -27.19
C LYS A 297 16.62 3.56 -26.48
N PRO A 298 17.01 2.89 -25.41
CA PRO A 298 16.06 2.06 -24.69
C PRO A 298 14.97 2.85 -23.95
N PHE A 299 15.16 4.13 -23.69
CA PHE A 299 14.18 4.90 -22.93
C PHE A 299 13.77 6.18 -23.63
N GLN A 300 12.75 6.83 -23.06
CA GLN A 300 12.19 8.04 -23.64
C GLN A 300 11.34 8.79 -22.65
N ASN A 301 11.33 10.09 -22.85
CA ASN A 301 10.82 11.01 -21.89
C ASN A 301 9.81 11.93 -22.56
N VAL A 302 9.35 11.54 -23.75
CA VAL A 302 8.48 12.38 -24.54
C VAL A 302 7.02 12.18 -24.21
N ASN A 303 6.58 10.96 -23.96
CA ASN A 303 5.15 10.72 -23.70
C ASN A 303 4.89 9.28 -23.31
N LYS A 304 4.15 9.08 -22.22
CA LYS A 304 3.73 7.75 -21.80
C LYS A 304 2.79 7.07 -22.79
N ILE A 305 2.13 7.87 -23.61
CA ILE A 305 1.35 7.38 -24.74
C ILE A 305 2.20 7.13 -25.95
N THR A 306 2.19 5.89 -26.48
CA THR A 306 2.97 5.56 -27.68
C THR A 306 2.28 4.52 -28.53
N TYR A 307 2.84 4.29 -29.72
CA TYR A 307 2.34 3.28 -30.67
C TYR A 307 3.46 2.81 -31.56
N GLY A 308 3.64 1.50 -31.66
CA GLY A 308 4.73 0.96 -32.44
C GLY A 308 5.87 0.47 -31.57
N ALA A 309 7.03 0.34 -32.21
CA ALA A 309 8.27 -0.12 -31.55
C ALA A 309 8.96 1.07 -30.95
N CYS A 310 8.93 1.17 -29.63
CA CYS A 310 9.19 2.42 -28.96
C CYS A 310 10.05 2.16 -27.73
N PRO A 311 10.90 3.12 -27.37
CA PRO A 311 11.54 3.03 -26.06
C PRO A 311 10.55 3.11 -24.88
N LYS A 312 11.03 2.80 -23.69
CA LYS A 312 10.21 2.79 -22.50
C LYS A 312 10.09 4.18 -21.87
N TYR A 313 8.88 4.61 -21.58
CA TYR A 313 8.72 5.91 -20.98
C TYR A 313 9.26 5.80 -19.59
N VAL A 314 10.05 6.80 -19.22
CA VAL A 314 10.50 6.99 -17.85
C VAL A 314 10.40 8.47 -17.50
N LYS A 315 10.70 8.79 -16.25
CA LYS A 315 10.51 10.13 -15.75
C LYS A 315 11.70 11.06 -16.04
N GLN A 316 12.92 10.49 -15.95
CA GLN A 316 14.18 11.19 -16.16
C GLN A 316 14.31 11.82 -17.57
N ASN A 317 14.88 13.02 -17.65
CA ASN A 317 15.14 13.71 -18.95
C ASN A 317 16.50 13.36 -19.52
N THR A 318 17.34 12.71 -18.70
CA THR A 318 18.67 12.30 -19.11
C THR A 318 19.22 11.17 -18.23
N LEU A 319 19.93 10.25 -18.88
CA LEU A 319 20.69 9.18 -18.23
C LEU A 319 21.90 8.86 -19.09
N LYS A 320 23.09 9.00 -18.48
CA LYS A 320 24.35 8.79 -19.21
C LYS A 320 25.10 7.48 -18.85
N LEU A 321 25.23 6.64 -19.85
CA LEU A 321 25.96 5.40 -19.73
C LEU A 321 27.41 5.60 -20.17
N ALA A 322 28.34 5.08 -19.37
CA ALA A 322 29.74 5.20 -19.66
C ALA A 322 30.10 4.23 -20.79
N THR A 323 30.59 4.81 -21.88
CA THR A 323 31.13 4.03 -22.99
C THR A 323 32.67 3.95 -22.94
N GLY A 324 33.28 4.58 -21.93
CA GLY A 324 34.73 4.56 -21.73
C GLY A 324 35.18 4.61 -20.29
N MET A 325 36.49 4.50 -20.08
CA MET A 325 37.08 4.41 -18.74
C MET A 325 37.05 5.74 -17.98
N ARG A 326 37.62 5.74 -16.78
CA ARG A 326 37.69 6.96 -15.97
C ARG A 326 38.69 7.93 -16.57
N ASN A 327 38.38 9.22 -16.54
CA ASN A 327 39.21 10.23 -17.21
C ASN A 327 39.98 11.18 -16.27
N VAL A 328 41.32 11.06 -16.25
CA VAL A 328 42.21 11.95 -15.45
C VAL A 328 43.20 12.71 -16.36
N PRO A 329 42.90 13.98 -16.71
CA PRO A 329 43.76 14.74 -17.64
C PRO A 329 45.17 15.08 -17.11
N GLY B 1 38.81 3.33 -8.36
CA GLY B 1 38.40 1.97 -8.83
C GLY B 1 38.85 0.83 -7.92
N LEU B 2 38.32 -0.35 -8.19
CA LEU B 2 38.49 -1.50 -7.31
C LEU B 2 39.92 -2.05 -7.18
N PHE B 3 40.73 -1.97 -8.23
CA PHE B 3 42.14 -2.41 -8.14
C PHE B 3 43.08 -1.26 -7.82
N GLY B 4 42.66 -0.05 -8.19
CA GLY B 4 43.39 1.16 -7.86
C GLY B 4 44.58 1.39 -8.74
N ALA B 5 44.45 1.02 -10.02
CA ALA B 5 45.47 1.31 -11.03
C ALA B 5 45.17 2.66 -11.64
N ILE B 6 44.18 2.71 -12.54
CA ILE B 6 43.68 3.96 -13.15
C ILE B 6 43.34 4.90 -12.00
N ALA B 7 43.69 6.18 -12.16
CA ALA B 7 43.54 7.17 -11.07
C ALA B 7 43.90 6.57 -9.70
N GLY B 8 45.01 5.81 -9.64
CA GLY B 8 45.40 5.07 -8.44
C GLY B 8 46.88 5.22 -8.15
N PHE B 9 47.67 4.18 -8.42
CA PHE B 9 49.10 4.38 -8.43
C PHE B 9 49.53 5.14 -9.70
N ILE B 10 48.81 4.98 -10.82
CA ILE B 10 49.05 5.79 -12.03
C ILE B 10 48.38 7.16 -11.92
N GLU B 11 49.19 8.22 -11.88
CA GLU B 11 48.72 9.60 -11.66
C GLU B 11 47.77 10.09 -12.74
N ASN B 12 47.96 9.58 -13.96
CA ASN B 12 47.60 10.36 -15.13
C ASN B 12 47.39 9.54 -16.41
N GLY B 13 46.72 10.21 -17.36
CA GLY B 13 46.46 9.65 -18.68
C GLY B 13 47.00 10.54 -19.78
N TRP B 14 47.36 9.89 -20.88
CA TRP B 14 48.15 10.52 -21.92
C TRP B 14 47.30 11.00 -23.08
N GLU B 15 46.93 12.27 -22.98
CA GLU B 15 46.05 12.94 -23.95
C GLU B 15 46.54 12.97 -25.42
N GLY B 16 47.71 12.37 -25.67
CA GLY B 16 48.18 12.21 -27.04
C GLY B 16 47.65 10.91 -27.61
N MET B 17 47.67 9.85 -26.81
CA MET B 17 47.47 8.49 -27.29
C MET B 17 46.15 8.32 -28.08
N VAL B 18 46.13 8.86 -29.31
CA VAL B 18 45.00 8.73 -30.25
C VAL B 18 45.12 7.41 -31.04
N ASP B 19 45.74 6.38 -30.46
CA ASP B 19 45.93 5.10 -31.16
C ASP B 19 45.44 3.88 -30.36
N GLY B 20 44.98 4.10 -29.14
CA GLY B 20 44.62 3.01 -28.26
C GLY B 20 44.20 3.48 -26.88
N TRP B 21 43.78 2.53 -26.05
CA TRP B 21 43.31 2.83 -24.69
C TRP B 21 44.43 2.55 -23.70
N TYR B 22 45.19 1.50 -23.97
CA TYR B 22 46.40 1.21 -23.20
C TYR B 22 47.64 1.15 -24.12
N GLY B 23 48.82 1.03 -23.52
CA GLY B 23 50.07 1.02 -24.27
C GLY B 23 51.27 1.45 -23.45
N PHE B 24 52.38 1.73 -24.14
CA PHE B 24 53.68 1.98 -23.49
C PHE B 24 54.42 3.23 -23.96
N ARG B 25 54.97 3.96 -22.97
CA ARG B 25 55.87 5.10 -23.20
C ARG B 25 57.27 4.78 -22.62
N HIS B 26 58.22 4.45 -23.49
CA HIS B 26 59.58 4.01 -23.10
C HIS B 26 60.63 5.13 -23.15
N GLN B 27 61.68 5.00 -22.33
CA GLN B 27 62.82 5.95 -22.31
C GLN B 27 64.17 5.24 -22.10
N ASN B 28 65.00 5.20 -23.15
CA ASN B 28 66.20 4.37 -23.18
C ASN B 28 67.46 5.11 -23.70
N SER B 29 68.34 4.37 -24.36
CA SER B 29 69.56 4.89 -24.97
C SER B 29 69.29 5.72 -26.23
N GLU B 30 68.38 5.23 -27.06
CA GLU B 30 68.10 5.86 -28.34
C GLU B 30 67.20 7.07 -28.20
N GLY B 31 66.43 7.11 -27.12
CA GLY B 31 65.48 8.19 -26.88
C GLY B 31 64.23 7.65 -26.22
N THR B 32 63.07 7.89 -26.85
CA THR B 32 61.75 7.52 -26.30
C THR B 32 60.77 7.05 -27.39
N GLY B 33 59.47 6.98 -27.05
CA GLY B 33 58.40 6.72 -28.03
C GLY B 33 57.04 6.53 -27.36
N GLN B 34 56.08 5.96 -28.11
CA GLN B 34 54.76 5.62 -27.57
C GLN B 34 53.98 4.76 -28.53
N ALA B 35 53.47 3.62 -28.06
CA ALA B 35 52.74 2.69 -28.92
C ALA B 35 51.51 2.10 -28.26
N ALA B 36 50.42 1.99 -29.02
CA ALA B 36 49.21 1.34 -28.54
C ALA B 36 49.47 -0.13 -28.21
N ASP B 37 48.62 -0.66 -27.31
CA ASP B 37 48.49 -2.10 -27.06
C ASP B 37 47.07 -2.60 -27.39
N LEU B 38 46.91 -3.25 -28.55
CA LEU B 38 45.60 -3.66 -29.05
C LEU B 38 44.94 -4.83 -28.33
N LYS B 39 45.70 -5.72 -27.69
CA LYS B 39 45.11 -6.93 -27.10
C LYS B 39 44.21 -6.64 -25.88
N SER B 40 44.66 -5.74 -25.01
CA SER B 40 43.84 -5.31 -23.86
C SER B 40 43.00 -4.03 -24.14
N THR B 41 43.24 -3.36 -25.27
CA THR B 41 42.37 -2.26 -25.68
C THR B 41 41.13 -2.85 -26.37
N GLN B 42 41.30 -3.97 -27.06
CA GLN B 42 40.15 -4.69 -27.63
C GLN B 42 39.32 -5.37 -26.53
N ALA B 43 39.96 -5.81 -25.47
CA ALA B 43 39.25 -6.55 -24.41
C ALA B 43 38.26 -5.68 -23.63
N ALA B 44 38.48 -4.37 -23.63
CA ALA B 44 37.52 -3.43 -23.02
C ALA B 44 36.45 -3.03 -24.02
N ILE B 45 36.85 -2.80 -25.26
CA ILE B 45 35.92 -2.40 -26.32
C ILE B 45 34.98 -3.56 -26.75
N ASP B 46 35.30 -4.80 -26.35
CA ASP B 46 34.40 -5.95 -26.56
C ASP B 46 33.50 -6.20 -25.36
N GLN B 47 34.01 -5.89 -24.15
CA GLN B 47 33.20 -5.99 -22.93
C GLN B 47 32.19 -4.85 -22.80
N ILE B 48 32.57 -3.66 -23.25
CA ILE B 48 31.71 -2.50 -23.17
C ILE B 48 30.62 -2.45 -24.25
N ASN B 49 30.74 -3.26 -25.30
CA ASN B 49 29.75 -3.20 -26.38
C ASN B 49 28.74 -4.29 -26.24
N GLY B 50 29.23 -5.49 -25.97
CA GLY B 50 28.34 -6.52 -25.54
C GLY B 50 27.98 -6.30 -24.08
N LYS B 51 27.61 -5.09 -23.65
CA LYS B 51 27.03 -4.93 -22.29
C LYS B 51 25.79 -4.04 -22.26
N LEU B 52 25.23 -3.80 -23.43
CA LEU B 52 24.30 -2.70 -23.59
C LEU B 52 22.86 -3.26 -23.62
N ASN B 53 22.66 -4.17 -24.54
CA ASN B 53 21.45 -4.92 -24.73
C ASN B 53 21.79 -6.39 -24.53
N ARG B 54 22.64 -6.65 -23.55
CA ARG B 54 22.76 -8.00 -23.07
C ARG B 54 21.52 -8.25 -22.23
N VAL B 55 20.95 -7.15 -21.71
CA VAL B 55 19.85 -7.18 -20.74
C VAL B 55 18.51 -6.53 -21.18
N ILE B 56 18.52 -5.66 -22.19
CA ILE B 56 17.28 -5.11 -22.74
C ILE B 56 16.88 -5.78 -24.07
N GLU B 57 15.58 -5.97 -24.22
CA GLU B 57 15.01 -6.68 -25.35
C GLU B 57 15.18 -5.98 -26.67
N LYS B 58 14.79 -6.69 -27.73
CA LYS B 58 14.77 -6.17 -29.08
C LYS B 58 13.74 -5.03 -29.22
N THR B 59 13.76 -4.08 -28.28
CA THR B 59 12.73 -3.04 -28.19
C THR B 59 11.32 -3.61 -28.35
N ASN B 60 10.69 -3.97 -27.23
CA ASN B 60 9.27 -4.35 -27.21
C ASN B 60 8.34 -3.45 -28.10
N GLU B 61 7.48 -4.09 -28.88
CA GLU B 61 6.62 -3.41 -29.83
C GLU B 61 5.16 -3.51 -29.36
N LYS B 62 4.56 -2.38 -28.95
CA LYS B 62 3.18 -2.35 -28.44
C LYS B 62 2.24 -1.58 -29.35
N PHE B 63 0.96 -1.93 -29.24
CA PHE B 63 -0.06 -1.49 -30.17
C PHE B 63 -1.21 -0.82 -29.44
N HIS B 64 -2.45 -1.32 -29.53
CA HIS B 64 -3.56 -0.74 -28.77
C HIS B 64 -3.41 -1.07 -27.32
N GLN B 65 -3.38 -0.04 -26.50
CA GLN B 65 -3.25 -0.17 -25.07
C GLN B 65 -4.44 0.55 -24.41
N ILE B 66 -4.27 1.00 -23.20
CA ILE B 66 -5.29 1.73 -22.50
C ILE B 66 -5.08 3.24 -22.70
N GLU B 67 -6.15 4.02 -22.57
CA GLU B 67 -6.04 5.49 -22.66
C GLU B 67 -5.40 5.97 -21.37
N LYS B 68 -4.66 7.07 -21.49
CA LYS B 68 -3.80 7.55 -20.40
C LYS B 68 -4.01 9.04 -20.07
N GLU B 69 -4.88 9.71 -20.83
CA GLU B 69 -5.34 11.06 -20.53
C GLU B 69 -6.89 11.12 -20.63
N PHE B 70 -7.51 12.06 -19.91
CA PHE B 70 -8.97 12.08 -19.84
C PHE B 70 -9.54 13.53 -19.86
N SER B 71 -10.61 13.70 -20.65
CA SER B 71 -11.33 14.97 -20.70
C SER B 71 -12.27 15.16 -19.56
N GLU B 72 -12.85 14.07 -19.06
CA GLU B 72 -13.93 14.11 -18.05
C GLU B 72 -13.55 13.33 -16.81
N VAL B 73 -13.99 13.82 -15.65
CA VAL B 73 -13.88 13.08 -14.40
C VAL B 73 -14.83 11.91 -14.49
N GLU B 74 -14.48 10.77 -13.89
CA GLU B 74 -15.34 9.56 -13.97
C GLU B 74 -15.30 8.69 -12.72
N GLY B 75 -14.31 8.85 -11.86
CA GLY B 75 -14.27 8.10 -10.63
C GLY B 75 -13.47 6.81 -10.67
N ARG B 76 -14.11 5.73 -10.30
CA ARG B 76 -13.41 4.51 -9.87
C ARG B 76 -12.59 3.89 -10.95
N ILE B 77 -13.18 3.79 -12.12
CA ILE B 77 -12.55 3.10 -13.22
C ILE B 77 -11.34 3.89 -13.76
N GLN B 78 -11.49 5.19 -13.92
CA GLN B 78 -10.38 6.05 -14.32
C GLN B 78 -9.33 6.17 -13.21
N ASP B 79 -9.72 6.20 -11.95
CA ASP B 79 -8.75 6.06 -10.87
C ASP B 79 -7.80 4.87 -11.12
N LEU B 80 -8.39 3.76 -11.52
CA LEU B 80 -7.66 2.52 -11.68
C LEU B 80 -6.76 2.57 -12.91
N GLU B 81 -7.30 3.08 -14.02
CA GLU B 81 -6.50 3.29 -15.24
C GLU B 81 -5.25 4.16 -14.98
N ARG B 82 -5.44 5.26 -14.26
CA ARG B 82 -4.34 6.17 -14.03
C ARG B 82 -3.30 5.53 -13.14
N TYR B 83 -3.76 4.77 -12.14
CA TYR B 83 -2.89 4.17 -11.16
C TYR B 83 -2.10 3.07 -11.81
N VAL B 84 -2.71 2.38 -12.77
CA VAL B 84 -2.00 1.31 -13.43
C VAL B 84 -0.80 1.88 -14.15
N GLU B 85 -1.00 2.99 -14.84
CA GLU B 85 0.09 3.61 -15.58
C GLU B 85 1.11 4.16 -14.60
N ASP B 86 0.67 4.99 -13.68
CA ASP B 86 1.57 5.63 -12.71
C ASP B 86 2.48 4.57 -12.08
N THR B 87 1.89 3.41 -11.78
CA THR B 87 2.59 2.32 -11.13
C THR B 87 3.71 1.75 -11.99
N LYS B 88 3.42 1.57 -13.27
CA LYS B 88 4.41 1.10 -14.26
C LYS B 88 5.53 2.08 -14.53
N VAL B 89 5.18 3.35 -14.66
CA VAL B 89 6.15 4.33 -15.00
C VAL B 89 7.19 4.42 -13.90
N ASP B 90 6.76 4.35 -12.64
CA ASP B 90 7.69 4.44 -11.53
C ASP B 90 8.59 3.22 -11.43
N LEU B 91 8.13 2.09 -11.94
CA LEU B 91 8.95 0.88 -11.89
C LEU B 91 9.98 0.87 -13.00
N TRP B 92 9.61 1.33 -14.20
CA TRP B 92 10.57 1.45 -15.25
C TRP B 92 11.54 2.58 -14.89
N SER B 93 11.03 3.69 -14.42
CA SER B 93 11.93 4.76 -13.99
C SER B 93 12.94 4.29 -12.97
N TYR B 94 12.60 3.36 -12.08
CA TYR B 94 13.61 2.84 -11.13
C TYR B 94 14.55 1.89 -11.84
N ASN B 95 14.00 0.94 -12.57
CA ASN B 95 14.79 -0.06 -13.29
C ASN B 95 15.91 0.56 -14.15
N ALA B 96 15.64 1.72 -14.73
CA ALA B 96 16.59 2.38 -15.63
C ALA B 96 17.58 3.24 -14.88
N GLU B 97 17.16 3.79 -13.74
CA GLU B 97 18.12 4.36 -12.80
C GLU B 97 19.14 3.32 -12.33
N LEU B 98 18.66 2.15 -11.90
CA LEU B 98 19.54 1.13 -11.33
C LEU B 98 20.35 0.48 -12.39
N LEU B 99 19.78 0.32 -13.58
CA LEU B 99 20.50 -0.31 -14.68
C LEU B 99 21.80 0.41 -14.90
N VAL B 100 21.69 1.72 -15.08
CA VAL B 100 22.83 2.57 -15.41
C VAL B 100 23.86 2.60 -14.28
N ALA B 101 23.39 2.78 -13.07
CA ALA B 101 24.29 2.84 -11.93
C ALA B 101 25.11 1.57 -11.79
N LEU B 102 24.52 0.43 -12.11
CA LEU B 102 25.24 -0.84 -12.05
C LEU B 102 26.17 -0.99 -13.23
N GLU B 103 25.71 -0.61 -14.41
CA GLU B 103 26.54 -0.74 -15.58
C GLU B 103 27.73 0.20 -15.43
N ASN B 104 27.49 1.45 -15.11
CA ASN B 104 28.57 2.40 -14.88
C ASN B 104 29.58 1.96 -13.78
N GLN B 105 29.14 1.44 -12.65
CA GLN B 105 30.12 0.87 -11.68
C GLN B 105 30.96 -0.21 -12.32
N ASN B 106 30.34 -1.05 -13.12
CA ASN B 106 31.01 -2.18 -13.73
C ASN B 106 31.98 -1.77 -14.84
N THR B 107 31.58 -0.80 -15.66
CA THR B 107 32.41 -0.32 -16.77
C THR B 107 33.71 0.18 -16.17
N ILE B 108 33.55 1.10 -15.23
CA ILE B 108 34.67 1.69 -14.51
C ILE B 108 35.56 0.66 -13.81
N ASP B 109 34.97 -0.41 -13.28
CA ASP B 109 35.75 -1.49 -12.67
C ASP B 109 36.45 -2.39 -13.68
N LEU B 110 35.81 -2.71 -14.80
CA LEU B 110 36.42 -3.64 -15.75
C LEU B 110 37.60 -2.98 -16.45
N THR B 111 37.57 -1.66 -16.62
CA THR B 111 38.73 -0.93 -17.19
C THR B 111 39.94 -0.86 -16.22
N ASP B 112 39.68 -0.49 -14.97
CA ASP B 112 40.69 -0.53 -13.89
C ASP B 112 41.28 -1.96 -13.72
N SER B 113 40.52 -2.98 -14.08
CA SER B 113 41.06 -4.33 -14.18
C SER B 113 41.99 -4.42 -15.36
N GLU B 114 41.51 -4.05 -16.55
CA GLU B 114 42.32 -4.24 -17.75
C GLU B 114 43.69 -3.54 -17.69
N MET B 115 43.80 -2.43 -16.95
CA MET B 115 45.08 -1.73 -16.79
C MET B 115 46.03 -2.50 -15.89
N ASN B 116 45.54 -2.84 -14.71
CA ASN B 116 46.29 -3.61 -13.72
C ASN B 116 46.57 -5.08 -14.12
N LYS B 117 45.91 -5.59 -15.15
CA LYS B 117 46.27 -6.90 -15.70
C LYS B 117 47.38 -6.80 -16.77
N LEU B 118 47.48 -5.66 -17.45
CA LEU B 118 48.59 -5.39 -18.39
C LEU B 118 49.89 -5.22 -17.61
N PHE B 119 49.77 -4.59 -16.45
CA PHE B 119 50.89 -4.32 -15.54
C PHE B 119 51.48 -5.59 -14.92
N GLU B 120 50.64 -6.61 -14.74
CA GLU B 120 51.08 -7.88 -14.14
C GLU B 120 51.15 -9.04 -15.16
N LYS B 121 50.95 -8.75 -16.44
CA LYS B 121 51.39 -9.61 -17.54
C LYS B 121 52.82 -9.18 -17.83
N THR B 122 53.03 -7.87 -17.81
CA THR B 122 54.33 -7.24 -18.02
C THR B 122 55.30 -7.46 -16.83
N ARG B 123 54.96 -7.03 -15.61
CA ARG B 123 55.82 -7.31 -14.44
C ARG B 123 56.29 -8.78 -14.42
N ARG B 124 55.43 -9.71 -14.85
CA ARG B 124 55.79 -11.15 -14.91
C ARG B 124 56.80 -11.51 -15.99
N GLN B 125 56.78 -10.78 -17.11
CA GLN B 125 57.76 -10.96 -18.20
C GLN B 125 59.17 -10.49 -17.77
N LEU B 126 59.25 -9.25 -17.28
CA LEU B 126 60.52 -8.64 -16.85
C LEU B 126 61.05 -9.29 -15.59
N ARG B 127 60.25 -10.13 -14.95
CA ARG B 127 60.73 -11.14 -13.97
C ARG B 127 61.58 -10.57 -12.80
N GLU B 128 62.91 -10.58 -12.94
CA GLU B 128 63.83 -10.00 -11.95
C GLU B 128 64.86 -9.03 -12.58
N ASN B 129 64.69 -8.73 -13.87
CA ASN B 129 65.62 -7.86 -14.60
C ASN B 129 65.31 -6.37 -14.38
N ALA B 130 64.27 -6.08 -13.59
CA ALA B 130 63.73 -4.72 -13.38
C ALA B 130 62.92 -4.60 -12.08
N GLU B 131 62.45 -3.40 -11.78
CA GLU B 131 61.73 -3.12 -10.52
C GLU B 131 60.47 -2.23 -10.67
N ASP B 132 59.45 -2.55 -9.89
CA ASP B 132 58.23 -1.74 -9.81
C ASP B 132 58.57 -0.42 -9.10
N MET B 133 58.71 0.65 -9.89
CA MET B 133 58.98 1.99 -9.33
C MET B 133 57.85 2.47 -8.40
N GLY B 134 56.63 2.01 -8.64
CA GLY B 134 55.46 2.39 -7.83
C GLY B 134 54.68 3.55 -8.41
N ASN B 135 54.93 3.84 -9.69
CA ASN B 135 54.22 4.85 -10.44
C ASN B 135 53.70 4.29 -11.77
N GLY B 136 53.70 2.96 -11.92
CA GLY B 136 53.30 2.31 -13.17
C GLY B 136 54.41 2.11 -14.21
N CYS B 137 55.60 2.66 -13.94
CA CYS B 137 56.78 2.43 -14.76
C CYS B 137 57.72 1.50 -14.03
N PHE B 138 58.33 0.58 -14.77
CA PHE B 138 59.40 -0.24 -14.25
C PHE B 138 60.72 0.44 -14.61
N LYS B 139 61.75 0.27 -13.79
CA LYS B 139 63.11 0.64 -14.22
C LYS B 139 63.84 -0.60 -14.70
N ILE B 140 64.05 -0.66 -16.02
CA ILE B 140 64.83 -1.71 -16.65
C ILE B 140 66.30 -1.46 -16.33
N TYR B 141 66.98 -2.50 -15.85
CA TYR B 141 68.38 -2.40 -15.44
C TYR B 141 69.30 -3.05 -16.49
N HIS B 142 69.15 -2.66 -17.75
CA HIS B 142 70.04 -3.10 -18.83
C HIS B 142 69.86 -2.26 -20.13
N LYS B 143 70.79 -2.44 -21.07
CA LYS B 143 70.71 -1.76 -22.36
C LYS B 143 69.46 -2.29 -23.10
N CYS B 144 68.45 -1.43 -23.28
CA CYS B 144 67.20 -1.84 -23.94
C CYS B 144 66.75 -0.84 -25.01
N ASP B 145 67.00 -1.24 -26.25
CA ASP B 145 66.81 -0.43 -27.46
C ASP B 145 65.47 -0.74 -28.17
N ASN B 146 65.26 -0.17 -29.35
CA ASN B 146 63.97 -0.26 -30.09
C ASN B 146 63.42 -1.66 -30.50
N ALA B 147 64.24 -2.70 -30.44
CA ALA B 147 63.76 -4.08 -30.65
C ALA B 147 63.74 -4.88 -29.36
N CYS B 148 64.37 -4.35 -28.30
CA CYS B 148 64.29 -4.93 -26.96
C CYS B 148 62.94 -4.60 -26.28
N ILE B 149 62.52 -3.34 -26.43
CA ILE B 149 61.20 -2.86 -25.97
C ILE B 149 60.11 -3.59 -26.76
N GLU B 150 60.17 -3.47 -28.08
CA GLU B 150 59.23 -4.13 -29.00
C GLU B 150 59.07 -5.66 -28.76
N SER B 151 60.08 -6.32 -28.18
CA SER B 151 59.96 -7.75 -27.80
C SER B 151 59.16 -7.96 -26.51
N ILE B 152 59.16 -6.95 -25.64
CA ILE B 152 58.30 -6.92 -24.44
C ILE B 152 56.84 -6.75 -24.90
N ARG B 153 56.61 -5.62 -25.58
CA ARG B 153 55.29 -5.21 -26.06
C ARG B 153 54.59 -6.33 -26.81
N ASN B 154 55.29 -7.00 -27.73
CA ASN B 154 54.69 -8.18 -28.41
C ASN B 154 54.88 -9.53 -27.66
N GLY B 155 55.12 -9.44 -26.35
CA GLY B 155 55.06 -10.59 -25.45
C GLY B 155 55.88 -11.82 -25.83
N THR B 156 57.05 -11.60 -26.43
CA THR B 156 58.01 -12.67 -26.72
C THR B 156 59.37 -12.46 -26.02
N TYR B 157 59.57 -11.29 -25.42
CA TYR B 157 60.78 -10.94 -24.66
C TYR B 157 61.39 -12.12 -23.88
N ASP B 158 62.68 -12.40 -24.10
CA ASP B 158 63.41 -13.46 -23.39
C ASP B 158 64.24 -12.88 -22.22
N HIS B 159 63.81 -13.16 -20.99
CA HIS B 159 64.46 -12.61 -19.80
C HIS B 159 65.85 -13.21 -19.49
N ASN B 160 66.10 -14.46 -19.92
CA ASN B 160 67.39 -15.13 -19.65
C ASN B 160 68.56 -14.32 -20.23
N ILE B 161 68.44 -14.02 -21.52
CA ILE B 161 69.42 -13.21 -22.25
C ILE B 161 70.00 -12.09 -21.35
N TYR B 162 69.16 -11.21 -20.81
CA TYR B 162 69.64 -10.06 -20.02
C TYR B 162 69.77 -10.34 -18.51
N ARG B 163 69.74 -11.60 -18.09
CA ARG B 163 69.53 -11.96 -16.67
C ARG B 163 70.67 -11.57 -15.72
N ASP B 164 71.91 -11.79 -16.17
CA ASP B 164 73.11 -11.55 -15.38
C ASP B 164 73.44 -10.07 -15.38
N GLU B 165 73.52 -9.49 -16.59
CA GLU B 165 73.76 -8.05 -16.78
C GLU B 165 72.80 -7.17 -15.98
N ALA B 166 71.54 -7.62 -15.90
CA ALA B 166 70.49 -6.91 -15.18
C ALA B 166 70.54 -7.12 -13.68
N VAL B 167 71.01 -8.29 -13.24
CA VAL B 167 71.31 -8.46 -11.81
C VAL B 167 72.55 -7.60 -11.47
N ASN B 168 73.48 -7.47 -12.44
CA ASN B 168 74.66 -6.57 -12.33
C ASN B 168 74.29 -5.10 -12.09
N ASN B 169 73.80 -4.41 -13.13
CA ASN B 169 73.42 -3.01 -12.98
C ASN B 169 72.62 -2.81 -11.67
N ARG B 170 71.77 -3.79 -11.32
CA ARG B 170 70.99 -3.77 -10.05
C ARG B 170 71.88 -3.77 -8.80
N PHE B 171 72.25 -4.95 -8.30
CA PHE B 171 72.98 -5.04 -7.04
C PHE B 171 74.53 -4.99 -7.16
N GLN B 172 75.06 -4.97 -8.39
CA GLN B 172 76.51 -5.11 -8.67
C GLN B 172 77.05 -6.50 -8.30
N ASN C 13 66.20 -3.63 17.34
CA ASN C 13 66.44 -2.22 16.88
C ASN C 13 67.19 -2.06 15.53
N ASN C 14 67.76 -3.16 15.01
CA ASN C 14 68.20 -3.21 13.60
C ASN C 14 67.10 -3.71 12.65
N ALA C 15 65.91 -3.95 13.20
CA ALA C 15 64.71 -4.21 12.41
C ALA C 15 63.52 -3.57 13.13
N ALA C 16 62.40 -3.46 12.42
CA ALA C 16 61.14 -3.01 13.01
C ALA C 16 60.02 -3.93 12.51
N THR C 17 58.79 -3.66 12.95
CA THR C 17 57.60 -4.35 12.43
C THR C 17 56.44 -3.36 12.25
N LEU C 18 56.01 -3.19 10.99
CA LEU C 18 54.87 -2.34 10.63
C LEU C 18 53.68 -3.22 10.30
N CYS C 19 52.55 -2.94 10.95
CA CYS C 19 51.34 -3.70 10.72
C CYS C 19 50.20 -2.83 10.20
N LEU C 20 49.57 -3.33 9.14
CA LEU C 20 48.39 -2.73 8.56
C LEU C 20 47.18 -3.55 8.98
N GLY C 21 46.06 -2.88 9.18
CA GLY C 21 44.83 -3.56 9.55
C GLY C 21 43.59 -2.69 9.57
N HIS C 22 42.54 -3.23 10.18
CA HIS C 22 41.25 -2.58 10.19
C HIS C 22 40.63 -2.62 11.57
N HIS C 23 39.66 -1.75 11.78
CA HIS C 23 38.91 -1.70 13.05
C HIS C 23 38.00 -2.92 13.18
N ALA C 24 37.31 -3.01 14.32
CA ALA C 24 36.30 -4.04 14.60
C ALA C 24 35.35 -3.65 15.76
N VAL C 25 34.39 -4.52 16.09
CA VAL C 25 33.54 -4.26 17.25
C VAL C 25 33.17 -5.53 18.04
N PRO C 26 32.78 -5.32 19.33
CA PRO C 26 32.40 -6.48 20.17
C PRO C 26 31.14 -7.13 19.62
N ASN C 27 30.06 -6.35 19.59
CA ASN C 27 28.78 -6.77 19.02
C ASN C 27 28.53 -6.01 17.72
N GLY C 28 28.72 -6.72 16.61
CA GLY C 28 28.44 -6.24 15.25
C GLY C 28 27.19 -6.91 14.74
N THR C 29 26.76 -6.54 13.53
CA THR C 29 25.45 -6.93 12.97
C THR C 29 25.59 -7.96 11.86
N MET C 30 24.53 -8.74 11.66
CA MET C 30 24.40 -9.66 10.52
C MET C 30 23.56 -9.05 9.40
N VAL C 31 24.07 -9.17 8.16
CA VAL C 31 23.37 -8.72 6.94
C VAL C 31 23.44 -9.82 5.88
N LYS C 32 22.83 -9.58 4.72
CA LYS C 32 22.85 -10.53 3.59
C LYS C 32 23.49 -9.86 2.39
N THR C 33 24.16 -10.66 1.56
CA THR C 33 24.72 -10.17 0.29
C THR C 33 24.37 -11.18 -0.78
N ILE C 34 24.83 -10.91 -2.00
CA ILE C 34 24.65 -11.81 -3.13
C ILE C 34 25.29 -13.18 -2.88
N THR C 35 26.22 -13.26 -1.91
CA THR C 35 27.03 -14.47 -1.66
C THR C 35 27.13 -15.03 -0.21
N ASP C 36 26.49 -14.40 0.79
CA ASP C 36 26.26 -15.01 2.13
C ASP C 36 24.86 -14.69 2.59
N ASP C 37 24.13 -15.64 3.18
CA ASP C 37 22.77 -15.32 3.67
C ASP C 37 22.97 -14.49 4.92
N GLN C 38 24.09 -14.75 5.58
CA GLN C 38 24.52 -13.97 6.70
C GLN C 38 26.03 -13.87 6.79
N ILE C 39 26.47 -12.71 7.26
CA ILE C 39 27.86 -12.30 7.30
C ILE C 39 27.98 -11.10 8.25
N GLU C 40 29.02 -11.07 9.10
CA GLU C 40 29.02 -10.06 10.17
C GLU C 40 29.61 -8.75 9.69
N VAL C 41 29.07 -7.63 10.19
CA VAL C 41 29.52 -6.27 9.84
C VAL C 41 29.50 -5.28 11.04
N THR C 42 30.22 -4.18 10.84
CA THR C 42 30.57 -3.25 11.90
C THR C 42 29.43 -2.30 12.26
N ASN C 43 28.75 -1.77 11.24
CA ASN C 43 27.52 -0.99 11.43
C ASN C 43 26.53 -1.38 10.34
N ALA C 44 25.25 -1.17 10.62
CA ALA C 44 24.22 -1.44 9.64
C ALA C 44 23.04 -0.54 9.92
N THR C 45 22.10 -0.52 8.97
CA THR C 45 21.00 0.40 9.03
C THR C 45 19.73 -0.24 8.46
N GLU C 46 18.59 0.10 9.06
CA GLU C 46 17.31 -0.53 8.72
C GLU C 46 16.61 0.28 7.68
N LEU C 47 16.24 -0.35 6.56
CA LEU C 47 15.59 0.35 5.45
C LEU C 47 14.06 0.29 5.47
N VAL C 48 13.48 -0.55 6.33
CA VAL C 48 12.05 -0.70 6.33
C VAL C 48 11.47 -0.09 7.57
N GLN C 49 10.56 0.85 7.41
CA GLN C 49 9.85 1.42 8.53
C GLN C 49 8.69 0.51 8.91
N ASN C 50 8.66 0.01 10.13
CA ASN C 50 7.65 -0.99 10.52
C ASN C 50 6.78 -0.62 11.71
N SER C 51 6.82 0.65 12.14
CA SER C 51 5.98 1.10 13.26
C SER C 51 5.36 2.46 12.99
N SER C 52 4.42 2.82 13.85
CA SER C 52 3.68 4.06 13.74
C SER C 52 3.32 4.57 15.14
N THR C 53 3.59 5.84 15.42
CA THR C 53 3.11 6.46 16.67
C THR C 53 1.62 6.22 16.95
N GLY C 54 0.84 6.08 15.89
CA GLY C 54 -0.54 5.75 16.03
C GLY C 54 -1.45 6.92 15.99
N LYS C 55 -0.91 8.08 15.67
CA LYS C 55 -1.67 9.33 15.65
C LYS C 55 -1.48 9.87 14.25
N ILE C 56 -2.41 10.70 13.81
CA ILE C 56 -2.30 11.41 12.55
C ILE C 56 -2.01 12.88 12.82
N CYS C 57 -0.80 13.28 12.42
CA CYS C 57 -0.35 14.65 12.56
C CYS C 57 -1.12 15.55 11.64
N ASN C 58 -1.60 16.65 12.20
CA ASN C 58 -2.37 17.62 11.43
C ASN C 58 -1.56 18.63 10.59
N ASN C 59 -0.29 18.33 10.30
CA ASN C 59 0.57 19.13 9.44
C ASN C 59 1.57 18.26 8.67
N PRO C 60 2.01 18.70 7.47
CA PRO C 60 1.64 19.89 6.70
C PRO C 60 0.36 19.76 5.91
N HIS C 61 -0.27 18.59 5.94
CA HIS C 61 -1.52 18.38 5.22
C HIS C 61 -2.73 18.79 6.09
N LYS C 62 -3.73 19.38 5.44
CA LYS C 62 -4.97 19.78 6.10
C LYS C 62 -5.85 18.56 6.30
N ILE C 63 -5.93 18.11 7.55
CA ILE C 63 -6.73 16.94 7.89
C ILE C 63 -8.13 17.35 8.26
N LEU C 64 -9.13 16.59 7.83
CA LEU C 64 -10.50 16.92 8.20
C LEU C 64 -11.17 15.69 8.79
N ASP C 65 -11.51 15.78 10.07
CA ASP C 65 -12.06 14.66 10.82
C ASP C 65 -13.54 14.65 10.57
N GLY C 66 -14.01 13.55 10.03
CA GLY C 66 -15.39 13.43 9.60
C GLY C 66 -16.29 13.11 10.76
N ARG C 67 -15.67 12.52 11.80
CA ARG C 67 -16.32 12.08 13.03
C ARG C 67 -17.48 11.16 12.73
N ASP C 68 -18.69 11.61 13.04
CA ASP C 68 -19.91 10.82 12.88
C ASP C 68 -20.48 10.86 11.47
N CYS C 69 -19.71 11.38 10.52
CA CYS C 69 -20.18 11.59 9.16
C CYS C 69 -19.30 10.98 8.06
N THR C 70 -19.95 10.34 7.09
CA THR C 70 -19.30 9.89 5.88
C THR C 70 -19.34 11.04 4.91
N LEU C 71 -18.35 11.08 4.02
CA LEU C 71 -18.21 12.18 3.06
C LEU C 71 -19.50 12.39 2.24
N ILE C 72 -20.15 11.33 1.80
CA ILE C 72 -21.42 11.48 1.09
C ILE C 72 -22.54 12.15 1.95
N ASP C 73 -22.71 11.73 3.20
CA ASP C 73 -23.70 12.38 4.08
C ASP C 73 -23.36 13.85 4.36
N ALA C 74 -22.09 14.15 4.59
CA ALA C 74 -21.64 15.52 4.64
C ALA C 74 -21.99 16.25 3.34
N LEU C 75 -21.66 15.62 2.22
CA LEU C 75 -22.06 16.14 0.90
C LEU C 75 -23.54 16.49 0.82
N LEU C 76 -24.38 15.45 0.95
CA LEU C 76 -25.82 15.58 0.85
C LEU C 76 -26.48 16.51 1.86
N GLY C 77 -25.99 16.48 3.10
CA GLY C 77 -26.48 17.36 4.17
C GLY C 77 -27.44 16.70 5.13
N ASP C 78 -27.05 15.52 5.57
CA ASP C 78 -27.67 14.89 6.69
C ASP C 78 -27.60 15.94 7.79
N PRO C 79 -28.74 16.31 8.39
CA PRO C 79 -28.73 17.34 9.41
C PRO C 79 -27.58 17.22 10.44
N HIS C 80 -27.30 16.02 10.95
CA HIS C 80 -26.17 15.90 11.89
C HIS C 80 -24.76 16.09 11.29
N CYS C 81 -24.67 16.51 10.02
CA CYS C 81 -23.39 16.78 9.37
C CYS C 81 -23.36 18.22 8.92
N ASP C 82 -24.19 19.08 9.50
CA ASP C 82 -24.23 20.47 9.09
C ASP C 82 -22.96 21.25 9.41
N VAL C 83 -22.21 20.83 10.41
CA VAL C 83 -20.98 21.52 10.76
C VAL C 83 -19.97 21.49 9.57
N PHE C 84 -20.08 20.45 8.71
CA PHE C 84 -19.18 20.24 7.54
C PHE C 84 -19.53 21.00 6.25
N GLN C 85 -20.62 21.79 6.23
CA GLN C 85 -20.95 22.62 5.07
C GLN C 85 -19.76 23.47 4.65
N ASN C 86 -19.60 23.69 3.34
CA ASN C 86 -18.49 24.49 2.82
C ASN C 86 -17.08 24.17 3.36
N GLU C 87 -16.87 23.02 3.98
CA GLU C 87 -15.53 22.64 4.43
C GLU C 87 -14.63 22.18 3.28
N THR C 88 -13.33 22.03 3.61
CA THR C 88 -12.26 21.61 2.69
C THR C 88 -11.16 20.81 3.40
N TRP C 89 -10.39 20.06 2.62
CA TRP C 89 -9.42 19.12 3.17
C TRP C 89 -8.38 18.82 2.11
N ASP C 90 -7.17 18.53 2.56
CA ASP C 90 -6.23 17.78 1.77
C ASP C 90 -6.62 16.30 1.97
N LEU C 91 -6.81 15.91 3.26
CA LEU C 91 -7.21 14.55 3.63
C LEU C 91 -8.47 14.43 4.46
N PHE C 92 -9.45 13.70 3.95
CA PHE C 92 -10.66 13.40 4.69
C PHE C 92 -10.51 12.08 5.42
N VAL C 93 -10.64 12.11 6.73
CA VAL C 93 -10.59 10.91 7.53
C VAL C 93 -12.02 10.47 7.84
N GLU C 94 -12.40 9.28 7.34
CA GLU C 94 -13.76 8.72 7.53
C GLU C 94 -13.63 7.74 8.68
N ARG C 95 -14.62 7.76 9.58
CA ARG C 95 -14.52 6.99 10.83
C ARG C 95 -15.39 5.76 10.84
N SER C 96 -14.87 4.65 11.33
CA SER C 96 -15.69 3.41 11.31
C SER C 96 -17.07 3.52 12.00
N ASN C 97 -17.18 4.38 13.01
CA ASN C 97 -18.42 4.51 13.78
C ASN C 97 -19.44 5.50 13.20
N ALA C 98 -19.24 5.93 11.96
CA ALA C 98 -20.12 6.94 11.40
C ALA C 98 -21.45 6.31 11.03
N PHE C 99 -22.52 7.09 11.09
CA PHE C 99 -23.82 6.56 10.78
C PHE C 99 -24.53 7.63 9.97
N SER C 100 -25.63 7.22 9.36
CA SER C 100 -26.53 8.14 8.71
C SER C 100 -27.72 8.27 9.63
N ASN C 101 -28.47 9.35 9.47
CA ASN C 101 -29.67 9.57 10.24
C ASN C 101 -30.65 10.49 9.49
N CYS C 102 -30.91 10.15 8.22
CA CYS C 102 -31.85 10.92 7.40
C CYS C 102 -32.66 9.92 6.59
N TYR C 103 -33.47 10.41 5.66
CA TYR C 103 -34.24 9.52 4.78
C TYR C 103 -33.32 8.50 4.15
N PRO C 104 -33.77 7.22 4.04
CA PRO C 104 -32.85 6.20 3.54
C PRO C 104 -32.60 6.30 2.04
N TYR C 105 -31.35 6.03 1.63
CA TYR C 105 -30.92 6.31 0.26
C TYR C 105 -29.87 5.31 -0.25
N ASP C 106 -29.65 5.31 -1.56
CA ASP C 106 -28.57 4.55 -2.16
C ASP C 106 -27.99 5.43 -3.24
N VAL C 107 -26.78 5.11 -3.65
CA VAL C 107 -26.11 5.86 -4.69
C VAL C 107 -25.61 4.86 -5.71
N PRO C 108 -26.34 4.73 -6.83
CA PRO C 108 -25.73 3.98 -7.89
C PRO C 108 -24.38 4.59 -8.19
N ASP C 109 -23.37 3.72 -8.11
CA ASP C 109 -21.97 4.06 -8.25
C ASP C 109 -21.41 4.98 -7.14
N TYR C 110 -21.79 4.67 -5.91
CA TYR C 110 -21.33 5.34 -4.71
C TYR C 110 -19.83 5.48 -4.63
N ALA C 111 -19.13 4.39 -4.87
CA ALA C 111 -17.66 4.40 -4.78
C ALA C 111 -17.07 5.53 -5.58
N SER C 112 -17.63 5.76 -6.78
CA SER C 112 -17.13 6.80 -7.68
C SER C 112 -17.53 8.19 -7.21
N LEU C 113 -18.82 8.42 -6.93
CA LEU C 113 -19.20 9.70 -6.32
C LEU C 113 -18.29 10.06 -5.14
N ARG C 114 -18.10 9.11 -4.25
CA ARG C 114 -17.19 9.33 -3.15
C ARG C 114 -15.80 9.75 -3.62
N SER C 115 -15.19 8.95 -4.50
CA SER C 115 -13.85 9.25 -5.00
C SER C 115 -13.73 10.69 -5.59
N ILE C 116 -14.71 11.11 -6.37
CA ILE C 116 -14.49 12.31 -7.14
C ILE C 116 -14.59 13.53 -6.28
N VAL C 117 -15.43 13.44 -5.26
CA VAL C 117 -15.61 14.52 -4.31
C VAL C 117 -14.40 14.58 -3.41
N ALA C 118 -13.98 13.43 -2.91
CA ALA C 118 -12.75 13.35 -2.09
C ALA C 118 -11.57 14.04 -2.79
N SER C 119 -11.52 13.95 -4.12
CA SER C 119 -10.37 14.41 -4.89
C SER C 119 -10.44 15.93 -5.14
N SER C 120 -11.66 16.40 -5.35
CA SER C 120 -11.98 17.81 -5.42
C SER C 120 -11.58 18.56 -4.13
N GLY C 121 -11.67 17.94 -2.98
CA GLY C 121 -11.13 18.55 -1.76
C GLY C 121 -11.93 19.69 -1.12
N THR C 122 -13.19 19.85 -1.52
CA THR C 122 -14.07 20.93 -1.05
C THR C 122 -15.57 20.58 -1.09
N LEU C 123 -16.35 21.10 -0.15
CA LEU C 123 -17.81 20.96 -0.19
C LEU C 123 -18.49 22.30 -0.42
N GLU C 124 -17.74 23.27 -0.94
CA GLU C 124 -18.26 24.58 -1.18
C GLU C 124 -19.50 24.55 -2.03
N PHE C 125 -20.60 25.06 -1.50
CA PHE C 125 -21.88 24.89 -2.17
C PHE C 125 -22.44 26.23 -2.52
N ILE C 126 -22.86 26.38 -3.75
CA ILE C 126 -23.35 27.66 -4.25
C ILE C 126 -24.79 27.46 -4.56
N THR C 127 -25.63 28.23 -3.89
CA THR C 127 -27.04 28.17 -4.17
C THR C 127 -27.44 28.99 -5.38
N GLU C 128 -28.38 28.44 -6.11
CA GLU C 128 -28.82 28.92 -7.40
C GLU C 128 -30.33 29.01 -7.39
N GLY C 129 -30.86 30.07 -8.00
CA GLY C 129 -32.29 30.36 -7.99
C GLY C 129 -33.10 29.48 -8.91
N PHE C 130 -33.29 28.25 -8.49
CA PHE C 130 -34.11 27.36 -9.27
C PHE C 130 -35.54 27.80 -9.07
N THR C 131 -36.25 27.95 -10.19
CA THR C 131 -37.68 28.25 -10.23
C THR C 131 -38.44 26.95 -10.48
N TRP C 132 -39.24 26.56 -9.49
CA TRP C 132 -39.96 25.28 -9.51
C TRP C 132 -41.47 25.52 -9.51
N ALA C 133 -42.01 25.76 -10.72
CA ALA C 133 -43.34 26.34 -10.85
C ALA C 133 -44.46 25.31 -10.83
N GLY C 134 -45.34 25.45 -9.83
CA GLY C 134 -46.54 24.62 -9.69
C GLY C 134 -46.40 23.44 -8.76
N VAL C 135 -45.62 23.59 -7.68
CA VAL C 135 -45.23 22.47 -6.81
C VAL C 135 -44.80 22.97 -5.43
N THR C 136 -44.73 22.09 -4.45
CA THR C 136 -44.30 22.51 -3.13
C THR C 136 -42.86 22.14 -2.88
N GLN C 137 -42.10 23.11 -2.41
CA GLN C 137 -40.71 22.90 -2.11
C GLN C 137 -40.59 22.55 -0.64
N ASN C 138 -39.37 22.28 -0.22
CA ASN C 138 -39.03 21.99 1.17
C ASN C 138 -39.87 20.92 1.90
N GLY C 139 -40.20 19.86 1.16
CA GLY C 139 -40.70 18.65 1.79
C GLY C 139 -39.71 18.20 2.86
N GLY C 140 -40.26 17.64 3.94
CA GLY C 140 -39.48 17.09 5.06
C GLY C 140 -40.00 15.69 5.34
N SER C 141 -39.44 15.03 6.33
CA SER C 141 -39.82 13.67 6.68
C SER C 141 -39.48 13.29 8.11
N GLY C 142 -40.14 12.21 8.54
CA GLY C 142 -40.02 11.68 9.88
C GLY C 142 -38.78 10.88 10.06
N ALA C 143 -38.11 10.54 8.96
CA ALA C 143 -36.82 9.85 9.06
C ALA C 143 -35.65 10.78 9.32
N CYS C 144 -35.85 12.08 9.12
CA CYS C 144 -34.75 13.02 9.04
C CYS C 144 -35.04 14.26 9.88
N LYS C 145 -35.07 14.09 11.19
CA LYS C 145 -35.48 15.17 12.12
C LYS C 145 -34.37 16.19 12.49
N ARG C 146 -34.76 17.45 12.64
CA ARG C 146 -33.93 18.51 13.22
C ARG C 146 -34.51 18.81 14.62
N GLY C 147 -33.97 18.09 15.60
CA GLY C 147 -34.47 18.13 16.97
C GLY C 147 -35.78 17.39 16.99
N PRO C 148 -36.90 18.09 17.27
CA PRO C 148 -38.21 17.46 17.25
C PRO C 148 -38.91 17.63 15.90
N ALA C 149 -38.35 18.47 15.04
CA ALA C 149 -38.98 18.93 13.80
C ALA C 149 -38.57 18.10 12.60
N ASN C 150 -39.42 18.06 11.58
CA ASN C 150 -39.20 17.24 10.37
C ASN C 150 -38.41 17.93 9.32
N SER C 151 -37.45 17.22 8.75
CA SER C 151 -36.43 17.88 7.96
C SER C 151 -35.94 16.98 6.83
N PHE C 152 -34.83 17.36 6.21
CA PHE C 152 -34.36 16.71 5.02
C PHE C 152 -32.93 17.14 4.77
N PHE C 153 -32.33 16.49 3.78
CA PHE C 153 -30.96 16.80 3.37
C PHE C 153 -30.93 18.30 3.04
N SER C 154 -29.98 19.01 3.64
CA SER C 154 -29.79 20.42 3.42
C SER C 154 -29.59 20.79 1.97
N ARG C 155 -28.90 19.95 1.19
CA ARG C 155 -28.55 20.32 -0.21
C ARG C 155 -29.54 19.88 -1.27
N LEU C 156 -30.62 19.24 -0.82
CA LEU C 156 -31.62 18.74 -1.71
C LEU C 156 -32.97 19.29 -1.34
N ASN C 157 -33.92 19.18 -2.28
CA ASN C 157 -35.21 19.86 -2.19
C ASN C 157 -36.32 18.94 -2.69
N TRP C 158 -37.08 18.38 -1.74
CA TRP C 158 -38.17 17.46 -2.05
C TRP C 158 -39.41 18.18 -2.59
N LEU C 159 -39.62 18.04 -3.91
CA LEU C 159 -40.78 18.58 -4.60
C LEU C 159 -41.96 17.61 -4.64
N THR C 160 -43.01 18.08 -3.96
CA THR C 160 -44.31 17.45 -3.87
C THR C 160 -45.34 18.23 -4.71
N LYS C 161 -46.59 17.75 -4.74
CA LYS C 161 -47.66 18.39 -5.50
C LYS C 161 -48.07 19.72 -4.91
N SER C 162 -48.89 20.43 -5.68
CA SER C 162 -49.59 21.61 -5.20
C SER C 162 -50.95 21.67 -5.90
N GLY C 163 -51.98 21.98 -5.09
CA GLY C 163 -53.36 21.77 -5.49
C GLY C 163 -53.58 20.27 -5.60
N ASN C 164 -54.23 19.84 -6.67
CA ASN C 164 -54.36 18.42 -7.00
C ASN C 164 -53.65 18.11 -8.33
N THR C 165 -52.65 18.95 -8.67
CA THR C 165 -51.76 18.69 -9.83
C THR C 165 -50.25 18.93 -9.57
N TYR C 166 -49.45 18.11 -10.26
CA TYR C 166 -48.01 18.25 -10.37
C TYR C 166 -47.71 18.41 -11.86
N PRO C 167 -47.31 19.61 -12.29
CA PRO C 167 -47.09 19.81 -13.71
C PRO C 167 -45.78 19.19 -14.12
N VAL C 168 -45.50 19.26 -15.41
CA VAL C 168 -44.23 18.81 -15.93
C VAL C 168 -43.19 19.89 -15.72
N LEU C 169 -42.29 19.67 -14.78
CA LEU C 169 -41.18 20.59 -14.53
C LEU C 169 -40.15 20.59 -15.72
N ASN C 170 -39.71 21.77 -16.13
CA ASN C 170 -38.81 21.96 -17.30
C ASN C 170 -37.99 23.19 -16.97
N VAL C 171 -36.81 23.02 -16.37
CA VAL C 171 -35.95 24.15 -15.98
C VAL C 171 -34.55 24.02 -16.55
N THR C 172 -33.77 25.12 -16.49
CA THR C 172 -32.39 25.13 -16.96
C THR C 172 -31.45 26.07 -16.17
N MET C 173 -30.14 25.85 -16.30
CA MET C 173 -29.18 26.57 -15.50
C MET C 173 -27.80 26.48 -16.11
N PRO C 174 -27.47 27.45 -16.98
CA PRO C 174 -26.23 27.47 -17.76
C PRO C 174 -25.00 27.61 -16.89
N ASN C 175 -23.84 27.20 -17.38
CA ASN C 175 -22.62 27.38 -16.63
C ASN C 175 -21.77 28.44 -17.31
N ASN C 176 -21.81 29.63 -16.72
CA ASN C 176 -21.07 30.80 -17.22
C ASN C 176 -19.85 31.02 -16.32
N ASN C 177 -19.38 29.92 -15.77
CA ASN C 177 -18.26 29.92 -14.87
C ASN C 177 -17.13 29.22 -15.55
N ASN C 178 -15.94 29.33 -14.97
CA ASN C 178 -14.74 28.76 -15.56
C ASN C 178 -14.27 27.51 -14.76
N PHE C 179 -15.20 26.90 -14.04
CA PHE C 179 -14.94 25.68 -13.31
C PHE C 179 -16.07 24.74 -13.59
N ASP C 180 -15.89 23.47 -13.25
CA ASP C 180 -16.94 22.51 -13.49
C ASP C 180 -17.92 22.58 -12.30
N LYS C 181 -19.19 22.40 -12.58
CA LYS C 181 -20.17 22.33 -11.52
C LYS C 181 -20.63 20.89 -11.28
N LEU C 182 -20.66 20.49 -10.02
CA LEU C 182 -21.17 19.17 -9.65
C LEU C 182 -22.57 19.34 -9.10
N TYR C 183 -23.56 18.81 -9.82
CA TYR C 183 -24.96 18.89 -9.42
C TYR C 183 -25.32 17.53 -8.83
N ILE C 184 -25.93 17.53 -7.65
CA ILE C 184 -26.39 16.30 -7.04
C ILE C 184 -27.91 16.38 -6.85
N TRP C 185 -28.55 15.26 -7.13
CA TRP C 185 -29.99 15.24 -7.15
C TRP C 185 -30.37 13.80 -6.92
N GLY C 186 -31.66 13.51 -6.94
CA GLY C 186 -32.10 12.15 -6.78
C GLY C 186 -33.48 11.92 -7.27
N VAL C 187 -33.88 10.67 -7.12
CA VAL C 187 -35.20 10.22 -7.47
C VAL C 187 -35.73 9.44 -6.30
N HIS C 188 -36.99 9.70 -5.98
CA HIS C 188 -37.72 9.01 -4.89
C HIS C 188 -38.51 7.80 -5.39
N HIS C 189 -38.28 6.65 -4.81
CA HIS C 189 -39.05 5.48 -5.15
C HIS C 189 -40.04 5.23 -3.98
N PRO C 190 -41.36 5.50 -4.17
CA PRO C 190 -42.30 5.22 -3.08
C PRO C 190 -42.66 3.74 -2.93
N SER C 191 -43.25 3.38 -1.79
CA SER C 191 -43.48 1.98 -1.42
C SER C 191 -44.84 1.47 -1.88
N THR C 192 -45.88 2.26 -1.63
CA THR C 192 -47.24 1.95 -2.06
C THR C 192 -47.70 3.05 -3.03
N ASN C 193 -48.59 2.71 -3.96
CA ASN C 193 -49.21 3.74 -4.86
C ASN C 193 -49.98 4.85 -4.15
N GLN C 194 -50.56 4.56 -2.99
CA GLN C 194 -51.12 5.61 -2.09
C GLN C 194 -50.14 6.78 -1.98
N GLU C 195 -48.86 6.44 -1.78
CA GLU C 195 -47.81 7.43 -1.59
C GLU C 195 -47.45 8.10 -2.94
N GLN C 196 -47.34 7.30 -4.01
CA GLN C 196 -46.98 7.86 -5.34
C GLN C 196 -47.86 9.06 -5.64
N THR C 197 -49.16 8.84 -5.51
CA THR C 197 -50.17 9.81 -5.84
C THR C 197 -50.43 10.81 -4.71
N SER C 198 -50.44 10.34 -3.47
CA SER C 198 -50.51 11.26 -2.34
C SER C 198 -49.47 12.39 -2.42
N LEU C 199 -48.40 12.22 -3.22
CA LEU C 199 -47.35 13.24 -3.33
C LEU C 199 -47.16 13.86 -4.73
N TYR C 200 -47.20 13.03 -5.77
CA TYR C 200 -46.84 13.47 -7.13
C TYR C 200 -47.99 13.39 -8.16
N ILE C 201 -49.21 13.13 -7.69
CA ILE C 201 -50.42 13.07 -8.52
C ILE C 201 -50.35 12.04 -9.65
N GLN C 202 -49.33 12.11 -10.49
CA GLN C 202 -49.16 11.14 -11.59
C GLN C 202 -49.07 9.70 -11.08
N ALA C 203 -49.08 8.77 -12.03
CA ALA C 203 -49.12 7.34 -11.76
C ALA C 203 -47.72 6.77 -11.65
N SER C 204 -46.80 7.30 -12.45
CA SER C 204 -45.43 6.84 -12.41
C SER C 204 -44.51 7.91 -13.00
N GLY C 205 -43.82 8.60 -12.10
CA GLY C 205 -42.93 9.72 -12.44
C GLY C 205 -41.76 9.40 -13.38
N ARG C 206 -40.89 10.39 -13.54
CA ARG C 206 -39.76 10.26 -14.45
C ARG C 206 -38.88 11.47 -14.29
N VAL C 207 -37.57 11.26 -14.33
CA VAL C 207 -36.60 12.32 -14.09
C VAL C 207 -35.52 12.28 -15.13
N THR C 208 -35.31 13.39 -15.83
CA THR C 208 -34.37 13.43 -16.95
C THR C 208 -33.51 14.67 -16.86
N VAL C 209 -32.34 14.51 -16.26
CA VAL C 209 -31.32 15.55 -16.19
C VAL C 209 -30.33 15.40 -17.34
N SER C 210 -30.02 16.50 -18.01
CA SER C 210 -29.21 16.45 -19.24
C SER C 210 -28.28 17.66 -19.46
N THR C 211 -27.25 17.45 -20.27
CA THR C 211 -26.44 18.53 -20.80
C THR C 211 -26.55 18.52 -22.33
N ARG C 212 -25.72 19.33 -22.99
CA ARG C 212 -25.59 19.28 -24.46
C ARG C 212 -25.10 17.92 -24.88
N ARG C 213 -24.27 17.32 -24.02
CA ARG C 213 -23.48 16.16 -24.42
C ARG C 213 -23.91 14.86 -23.76
N SER C 214 -24.60 14.90 -22.63
CA SER C 214 -25.06 13.68 -21.98
C SER C 214 -26.48 13.80 -21.40
N GLN C 215 -26.99 12.69 -20.91
CA GLN C 215 -28.30 12.62 -20.27
C GLN C 215 -28.44 11.38 -19.40
N GLN C 216 -29.37 11.45 -18.45
CA GLN C 216 -29.71 10.28 -17.65
C GLN C 216 -31.19 10.32 -17.42
N THR C 217 -31.89 9.21 -17.65
CA THR C 217 -33.31 9.16 -17.32
C THR C 217 -33.59 8.00 -16.41
N ILE C 218 -34.38 8.30 -15.39
CA ILE C 218 -34.68 7.40 -14.32
C ILE C 218 -36.18 7.32 -14.14
N ILE C 219 -36.73 6.14 -14.33
CA ILE C 219 -38.07 5.87 -13.87
C ILE C 219 -38.00 5.31 -12.46
N PRO C 220 -38.85 5.83 -11.56
CA PRO C 220 -38.99 5.25 -10.25
C PRO C 220 -39.44 3.79 -10.31
N ASN C 221 -39.68 3.22 -9.13
CA ASN C 221 -39.91 1.79 -8.99
C ASN C 221 -40.64 1.60 -7.68
N ILE C 222 -41.96 1.52 -7.75
CA ILE C 222 -42.80 1.43 -6.56
C ILE C 222 -42.64 0.02 -5.99
N GLY C 223 -42.85 -0.13 -4.69
CA GLY C 223 -42.54 -1.40 -3.99
C GLY C 223 -41.92 -1.21 -2.63
N SER C 224 -41.96 -2.23 -1.80
CA SER C 224 -41.56 -2.11 -0.39
C SER C 224 -40.14 -2.58 -0.17
N ARG C 225 -39.44 -1.85 0.67
CA ARG C 225 -38.05 -2.16 1.00
C ARG C 225 -38.00 -2.31 2.51
N PRO C 226 -36.94 -2.96 3.03
CA PRO C 226 -36.85 -3.09 4.46
C PRO C 226 -36.99 -1.75 5.08
N LEU C 227 -37.56 -1.71 6.28
CA LEU C 227 -38.01 -0.49 6.91
C LEU C 227 -36.84 0.15 7.59
N VAL C 228 -36.68 1.47 7.41
CA VAL C 228 -35.56 2.25 7.98
C VAL C 228 -36.04 3.63 8.38
N ARG C 229 -35.67 3.99 9.62
CA ARG C 229 -36.20 5.18 10.34
C ARG C 229 -37.68 5.46 9.98
N GLY C 230 -38.49 4.42 10.16
CA GLY C 230 -39.92 4.48 9.84
C GLY C 230 -40.27 4.60 8.37
N GLN C 231 -39.34 4.27 7.47
CA GLN C 231 -39.57 4.41 6.03
C GLN C 231 -39.13 3.19 5.23
N SER C 232 -39.97 2.83 4.28
CA SER C 232 -39.70 1.74 3.37
C SER C 232 -39.73 2.22 1.92
N GLY C 233 -39.61 3.53 1.71
CA GLY C 233 -39.30 4.07 0.40
C GLY C 233 -37.80 4.32 0.37
N ARG C 234 -37.30 4.76 -0.76
CA ARG C 234 -35.88 5.02 -0.88
C ARG C 234 -35.64 6.17 -1.81
N ILE C 235 -34.58 6.91 -1.54
CA ILE C 235 -34.13 7.87 -2.51
C ILE C 235 -32.87 7.38 -3.17
N SER C 236 -32.87 7.35 -4.50
CA SER C 236 -31.66 7.05 -5.22
C SER C 236 -30.98 8.36 -5.65
N VAL C 237 -29.67 8.44 -5.50
CA VAL C 237 -28.96 9.67 -5.80
C VAL C 237 -28.06 9.61 -7.03
N TYR C 238 -28.02 10.70 -7.76
CA TYR C 238 -27.30 10.78 -9.01
C TYR C 238 -26.59 12.13 -9.14
N TRP C 239 -25.53 12.18 -9.91
CA TRP C 239 -24.82 13.42 -10.12
C TRP C 239 -24.62 13.81 -11.57
N THR C 240 -24.62 15.10 -11.81
CA THR C 240 -24.32 15.58 -13.11
C THR C 240 -23.29 16.65 -13.00
N ILE C 241 -22.24 16.49 -13.80
CA ILE C 241 -21.22 17.51 -13.96
C ILE C 241 -21.53 18.37 -15.17
N VAL C 242 -21.31 19.67 -15.05
CA VAL C 242 -21.63 20.58 -16.12
C VAL C 242 -20.44 21.45 -16.36
N LYS C 243 -19.89 21.34 -17.56
CA LYS C 243 -18.64 22.00 -17.85
C LYS C 243 -18.92 23.45 -18.22
N PRO C 244 -17.93 24.31 -18.07
CA PRO C 244 -18.06 25.69 -18.51
C PRO C 244 -18.66 25.77 -19.90
N GLY C 245 -19.62 26.65 -20.07
CA GLY C 245 -20.19 26.85 -21.37
C GLY C 245 -21.24 25.85 -21.70
N ASP C 246 -21.30 24.74 -20.99
CA ASP C 246 -22.39 23.79 -21.15
C ASP C 246 -23.63 24.29 -20.38
N ILE C 247 -24.75 23.62 -20.54
CA ILE C 247 -26.00 23.99 -19.87
C ILE C 247 -26.55 22.79 -19.12
N LEU C 248 -27.34 23.03 -18.07
CA LEU C 248 -28.07 21.93 -17.39
C LEU C 248 -29.55 22.01 -17.63
N VAL C 249 -30.21 20.88 -17.83
CA VAL C 249 -31.66 20.92 -18.00
C VAL C 249 -32.37 19.80 -17.27
N ILE C 250 -33.19 20.17 -16.29
CA ILE C 250 -33.97 19.21 -15.50
C ILE C 250 -35.40 19.16 -16.00
N ASN C 251 -35.94 17.96 -16.15
CA ASN C 251 -37.21 17.77 -16.83
C ASN C 251 -37.91 16.56 -16.26
N SER C 252 -38.97 16.77 -15.50
CA SER C 252 -39.62 15.68 -14.78
C SER C 252 -41.08 15.92 -14.51
N ASN C 253 -41.87 14.85 -14.61
CA ASN C 253 -43.28 14.89 -14.23
C ASN C 253 -43.59 14.14 -12.93
N GLY C 254 -42.74 14.28 -11.92
CA GLY C 254 -42.96 13.64 -10.65
C GLY C 254 -41.77 12.83 -10.17
N ASN C 255 -41.59 12.86 -8.85
CA ASN C 255 -40.59 12.06 -8.13
C ASN C 255 -39.19 12.69 -8.06
N LEU C 256 -39.02 13.88 -8.64
CA LEU C 256 -37.72 14.53 -8.67
C LEU C 256 -37.42 15.02 -7.29
N ILE C 257 -36.24 14.68 -6.82
CA ILE C 257 -35.68 15.31 -5.64
C ILE C 257 -34.60 16.24 -6.18
N ALA C 258 -34.81 17.54 -6.00
CA ALA C 258 -34.13 18.53 -6.80
C ALA C 258 -32.95 19.07 -6.08
N PRO C 259 -31.99 19.59 -6.83
CA PRO C 259 -30.86 20.25 -6.24
C PRO C 259 -31.21 21.69 -5.95
N ARG C 260 -30.51 22.26 -4.99
CA ARG C 260 -30.66 23.65 -4.67
C ARG C 260 -29.59 24.49 -5.32
N GLY C 261 -28.59 23.86 -5.93
CA GLY C 261 -27.37 24.56 -6.37
C GLY C 261 -26.29 23.63 -6.91
N TYR C 262 -25.03 23.99 -6.70
CA TYR C 262 -23.92 23.14 -7.17
C TYR C 262 -22.72 23.19 -6.26
N PHE C 263 -21.90 22.16 -6.39
CA PHE C 263 -20.62 22.07 -5.70
C PHE C 263 -19.49 22.51 -6.65
N LYS C 264 -18.66 23.42 -6.21
CA LYS C 264 -17.48 23.78 -6.97
C LYS C 264 -16.59 22.57 -7.10
N MET C 265 -16.15 22.25 -8.32
CA MET C 265 -15.09 21.27 -8.46
C MET C 265 -13.67 21.86 -8.55
N HIS C 266 -12.73 21.20 -7.87
CA HIS C 266 -11.31 21.53 -7.90
C HIS C 266 -10.49 20.40 -8.43
N ILE C 267 -9.28 20.76 -8.83
CA ILE C 267 -8.28 19.84 -9.24
C ILE C 267 -7.19 20.02 -8.20
N GLY C 268 -6.59 18.94 -7.74
CA GLY C 268 -5.52 19.05 -6.77
C GLY C 268 -5.23 17.76 -6.08
N LYS C 269 -4.43 17.86 -5.03
CA LYS C 269 -3.84 16.71 -4.30
C LYS C 269 -4.76 16.10 -3.24
N SER C 270 -6.06 16.30 -3.38
CA SER C 270 -6.98 15.92 -2.31
C SER C 270 -7.44 14.46 -2.37
N SER C 271 -7.65 13.88 -1.19
CA SER C 271 -8.10 12.50 -1.08
C SER C 271 -8.81 12.20 0.25
N ILE C 272 -9.07 10.91 0.47
CA ILE C 272 -9.85 10.41 1.59
C ILE C 272 -9.31 9.05 2.03
N MET C 273 -9.35 8.81 3.33
CA MET C 273 -8.76 7.66 3.94
C MET C 273 -9.70 7.23 5.03
N ARG C 274 -9.79 5.93 5.26
CA ARG C 274 -10.57 5.39 6.38
C ARG C 274 -9.64 5.05 7.51
N SER C 275 -9.84 5.66 8.66
CA SER C 275 -9.02 5.37 9.82
C SER C 275 -9.63 5.80 11.11
N ASP C 276 -9.26 5.08 12.17
CA ASP C 276 -9.71 5.42 13.52
C ASP C 276 -8.62 6.07 14.37
N ALA C 277 -7.50 6.45 13.75
CA ALA C 277 -6.41 7.15 14.44
C ALA C 277 -6.79 8.59 14.86
N PRO C 278 -6.28 9.03 16.01
CA PRO C 278 -6.68 10.36 16.48
C PRO C 278 -5.76 11.39 15.87
N ILE C 279 -6.23 12.65 15.84
CA ILE C 279 -5.50 13.73 15.18
C ILE C 279 -4.64 14.45 16.20
N ASP C 280 -3.39 14.72 15.87
CA ASP C 280 -2.44 15.38 16.77
C ASP C 280 -1.85 16.60 16.11
N THR C 281 -1.36 17.51 16.94
CA THR C 281 -0.51 18.58 16.48
C THR C 281 0.90 18.06 16.41
N CYS C 282 1.38 17.86 15.19
CA CYS C 282 2.79 17.54 14.96
C CYS C 282 3.00 17.70 13.47
N ILE C 283 4.19 17.39 12.98
CA ILE C 283 4.50 17.49 11.56
C ILE C 283 4.90 16.11 11.02
N SER C 284 4.21 15.68 9.98
CA SER C 284 4.58 14.46 9.27
C SER C 284 4.04 14.42 7.86
N GLU C 285 4.95 14.22 6.92
CA GLU C 285 4.58 14.19 5.51
C GLU C 285 3.76 12.97 5.18
N CYS C 286 4.23 11.81 5.64
CA CYS C 286 3.55 10.53 5.37
C CYS C 286 2.44 10.22 6.36
N ILE C 287 1.27 9.87 5.84
CA ILE C 287 0.12 9.42 6.64
C ILE C 287 -0.35 8.02 6.23
N THR C 288 -0.60 7.14 7.20
CA THR C 288 -1.26 5.87 6.92
C THR C 288 -2.51 5.74 7.75
N PRO C 289 -3.39 4.77 7.40
CA PRO C 289 -4.58 4.62 8.22
C PRO C 289 -4.20 4.29 9.65
N ASN C 290 -3.12 3.51 9.82
CA ASN C 290 -2.50 3.23 11.13
C ASN C 290 -1.89 4.46 11.88
N GLY C 291 -2.03 5.69 11.36
CA GLY C 291 -1.28 6.85 11.88
C GLY C 291 -0.10 7.22 10.97
N SER C 292 0.48 8.38 11.24
CA SER C 292 1.61 8.90 10.48
C SER C 292 2.87 8.05 10.61
N ILE C 293 3.81 8.26 9.70
CA ILE C 293 5.11 7.62 9.80
C ILE C 293 6.25 8.49 9.26
N PRO C 294 7.46 8.37 9.84
CA PRO C 294 8.64 9.03 9.27
C PRO C 294 8.99 8.50 7.88
N ASN C 295 9.45 9.39 7.01
CA ASN C 295 9.69 9.03 5.61
C ASN C 295 11.15 9.12 5.21
N GLU C 296 12.02 8.73 6.14
CA GLU C 296 13.49 8.84 6.00
C GLU C 296 13.99 7.57 5.32
N LYS C 297 13.39 6.44 5.68
CA LYS C 297 13.70 5.17 5.10
C LYS C 297 13.00 5.03 3.76
N PRO C 298 13.65 4.40 2.79
CA PRO C 298 13.01 4.21 1.51
C PRO C 298 11.79 3.25 1.51
N PHE C 299 11.67 2.39 2.51
CA PHE C 299 10.59 1.40 2.50
C PHE C 299 9.79 1.43 3.80
N GLN C 300 8.71 0.67 3.79
CA GLN C 300 7.78 0.62 4.91
C GLN C 300 6.84 -0.57 4.82
N ASN C 301 6.47 -1.02 6.00
CA ASN C 301 5.83 -2.29 6.18
C ASN C 301 4.56 -2.10 6.98
N VAL C 302 4.14 -0.84 7.11
CA VAL C 302 3.00 -0.50 7.95
C VAL C 302 1.68 -0.63 7.22
N ASN C 303 1.61 -0.24 5.94
CA ASN C 303 0.32 -0.28 5.22
C ASN C 303 0.50 0.09 3.76
N LYS C 304 -0.07 -0.72 2.87
CA LYS C 304 -0.07 -0.40 1.43
C LYS C 304 -0.86 0.85 1.09
N ILE C 305 -1.77 1.21 1.98
CA ILE C 305 -2.51 2.46 1.89
C ILE C 305 -1.72 3.59 2.50
N THR C 306 -1.46 4.65 1.73
CA THR C 306 -0.74 5.83 2.24
C THR C 306 -1.22 7.11 1.58
N TYR C 307 -0.71 8.23 2.09
CA TYR C 307 -1.01 9.56 1.56
C TYR C 307 0.11 10.50 1.91
N GLY C 308 0.63 11.21 0.91
CA GLY C 308 1.76 12.11 1.14
C GLY C 308 3.06 11.55 0.64
N ALA C 309 4.15 12.11 1.16
CA ALA C 309 5.50 11.69 0.82
C ALA C 309 5.90 10.55 1.71
N CYS C 310 5.97 9.35 1.16
CA CYS C 310 5.94 8.13 1.95
C CYS C 310 6.93 7.13 1.38
N PRO C 311 7.49 6.30 2.23
CA PRO C 311 8.28 5.19 1.70
C PRO C 311 7.41 4.18 0.93
N LYS C 312 8.07 3.26 0.24
CA LYS C 312 7.38 2.27 -0.56
C LYS C 312 6.96 1.05 0.28
N TYR C 313 5.71 0.64 0.15
CA TYR C 313 5.28 -0.50 0.91
C TYR C 313 5.96 -1.68 0.31
N VAL C 314 6.48 -2.54 1.19
CA VAL C 314 6.98 -3.86 0.81
C VAL C 314 6.52 -4.87 1.86
N LYS C 315 6.84 -6.13 1.62
CA LYS C 315 6.34 -7.23 2.43
C LYS C 315 7.20 -7.48 3.67
N GLN C 316 8.51 -7.33 3.49
CA GLN C 316 9.54 -7.55 4.53
C GLN C 316 9.36 -6.64 5.75
N ASN C 317 9.56 -7.18 6.96
CA ASN C 317 9.52 -6.38 8.23
C ASN C 317 10.87 -5.79 8.59
N THR C 318 11.92 -6.23 7.89
CA THR C 318 13.28 -5.76 8.11
C THR C 318 14.20 -6.01 6.93
N LEU C 319 15.07 -5.04 6.65
CA LEU C 319 16.13 -5.12 5.66
C LEU C 319 17.30 -4.29 6.11
N LYS C 320 18.46 -4.93 6.27
CA LYS C 320 19.65 -4.28 6.78
C LYS C 320 20.74 -4.00 5.73
N LEU C 321 21.00 -2.72 5.55
CA LEU C 321 22.05 -2.26 4.67
C LEU C 321 23.35 -2.05 5.44
N ALA C 322 24.45 -2.56 4.89
CA ALA C 322 25.76 -2.42 5.52
C ALA C 322 26.25 -1.01 5.35
N THR C 323 26.47 -0.34 6.49
CA THR C 323 27.10 0.98 6.52
C THR C 323 28.61 0.89 6.87
N GLY C 324 29.11 -0.33 7.09
CA GLY C 324 30.52 -0.56 7.38
C GLY C 324 31.05 -1.90 6.87
N MET C 325 32.37 -2.09 7.05
CA MET C 325 33.08 -3.26 6.49
C MET C 325 32.75 -4.55 7.22
N ARG C 326 33.41 -5.64 6.79
CA ARG C 326 33.22 -6.94 7.44
C ARG C 326 33.87 -6.94 8.82
N ASN C 327 33.22 -7.57 9.78
CA ASN C 327 33.70 -7.53 11.17
C ASN C 327 34.25 -8.86 11.72
N VAL C 328 35.57 -8.90 12.00
CA VAL C 328 36.26 -10.07 12.61
C VAL C 328 36.93 -9.69 13.95
N PRO C 329 36.26 -9.99 15.08
CA PRO C 329 36.81 -9.60 16.40
C PRO C 329 38.11 -10.31 16.82
N GLY D 1 35.94 -11.88 1.11
CA GLY D 1 35.88 -10.78 0.08
C GLY D 1 36.70 -11.04 -1.16
N LEU D 2 36.49 -10.21 -2.17
CA LEU D 2 37.03 -10.45 -3.51
C LEU D 2 38.56 -10.37 -3.63
N PHE D 3 39.23 -9.53 -2.82
CA PHE D 3 40.70 -9.46 -2.85
C PHE D 3 41.32 -10.35 -1.79
N GLY D 4 40.56 -10.59 -0.72
CA GLY D 4 40.96 -11.50 0.34
C GLY D 4 41.97 -10.89 1.29
N ALA D 5 41.82 -9.59 1.55
CA ALA D 5 42.63 -8.91 2.57
C ALA D 5 41.91 -9.02 3.89
N ILE D 6 40.88 -8.20 4.08
CA ILE D 6 40.01 -8.25 5.27
C ILE D 6 39.53 -9.69 5.42
N ALA D 7 39.50 -10.19 6.66
CA ALA D 7 39.21 -11.60 6.91
C ALA D 7 39.83 -12.53 5.86
N GLY D 8 41.09 -12.28 5.51
CA GLY D 8 41.78 -12.99 4.44
C GLY D 8 43.19 -13.39 4.85
N PHE D 9 44.20 -12.70 4.33
CA PHE D 9 45.52 -12.86 4.90
C PHE D 9 45.60 -12.15 6.26
N ILE D 10 44.86 -11.06 6.46
CA ILE D 10 44.77 -10.41 7.79
C ILE D 10 43.77 -11.14 8.69
N GLU D 11 44.28 -11.72 9.77
CA GLU D 11 43.48 -12.54 10.70
C GLU D 11 42.34 -11.79 11.37
N ASN D 12 42.54 -10.49 11.59
CA ASN D 12 41.89 -9.82 12.70
C ASN D 12 41.77 -8.30 12.55
N GLY D 13 40.89 -7.75 13.38
CA GLY D 13 40.67 -6.32 13.47
C GLY D 13 40.86 -5.79 14.88
N TRP D 14 41.27 -4.54 14.96
CA TRP D 14 41.78 -3.96 16.20
C TRP D 14 40.73 -3.16 16.93
N GLU D 15 40.04 -3.84 17.83
CA GLU D 15 38.93 -3.27 18.61
C GLU D 15 39.26 -2.04 19.47
N GLY D 16 40.50 -1.57 19.42
CA GLY D 16 40.86 -0.33 20.06
C GLY D 16 40.66 0.83 19.10
N MET D 17 41.03 0.64 17.84
CA MET D 17 41.16 1.73 16.88
C MET D 17 39.87 2.58 16.75
N VAL D 18 39.60 3.40 17.77
CA VAL D 18 38.46 4.34 17.82
C VAL D 18 38.86 5.67 17.13
N ASP D 19 39.77 5.62 16.16
CA ASP D 19 40.23 6.84 15.47
C ASP D 19 40.17 6.75 13.94
N GLY D 20 39.77 5.60 13.42
CA GLY D 20 39.79 5.39 11.98
C GLY D 20 39.38 3.97 11.59
N TRP D 21 39.32 3.73 10.30
CA TRP D 21 38.91 2.42 9.76
C TRP D 21 40.13 1.63 9.36
N TYR D 22 41.13 2.33 8.83
CA TYR D 22 42.44 1.73 8.56
C TYR D 22 43.57 2.49 9.30
N GLY D 23 44.77 1.97 9.23
CA GLY D 23 45.91 2.58 9.92
C GLY D 23 47.04 1.59 10.24
N PHE D 24 47.96 2.00 11.11
CA PHE D 24 49.20 1.25 11.36
C PHE D 24 49.54 1.01 12.84
N ARG D 25 49.95 -0.23 13.13
CA ARG D 25 50.50 -0.64 14.44
C ARG D 25 51.97 -1.06 14.28
N HIS D 26 52.89 -0.19 14.70
CA HIS D 26 54.35 -0.39 14.52
C HIS D 26 55.06 -0.94 15.76
N GLN D 27 56.18 -1.65 15.56
CA GLN D 27 57.02 -2.19 16.66
C GLN D 27 58.53 -2.10 16.36
N ASN D 28 59.23 -1.22 17.06
CA ASN D 28 60.59 -0.84 16.71
C ASN D 28 61.56 -0.82 17.92
N SER D 29 62.54 0.08 17.88
CA SER D 29 63.50 0.29 18.95
C SER D 29 62.89 1.00 20.16
N GLU D 30 62.07 2.02 19.90
CA GLU D 30 61.52 2.85 20.96
C GLU D 30 60.34 2.19 21.64
N GLY D 31 59.69 1.27 20.94
CA GLY D 31 58.53 0.58 21.45
C GLY D 31 57.53 0.32 20.34
N THR D 32 56.29 0.81 20.52
CA THR D 32 55.18 0.57 19.58
C THR D 32 54.27 1.80 19.43
N GLY D 33 53.09 1.62 18.85
CA GLY D 33 52.04 2.66 18.79
C GLY D 33 50.84 2.25 17.94
N GLN D 34 50.01 3.22 17.57
CA GLN D 34 48.89 2.98 16.65
C GLN D 34 48.29 4.29 16.18
N ALA D 35 48.15 4.45 14.86
CA ALA D 35 47.62 5.69 14.30
C ALA D 35 46.65 5.47 13.14
N ALA D 36 45.57 6.25 13.10
CA ALA D 36 44.63 6.20 12.00
C ALA D 36 45.29 6.61 10.69
N ASP D 37 44.71 6.12 9.58
CA ASP D 37 44.99 6.61 8.23
C ASP D 37 43.73 7.19 7.56
N LEU D 38 43.65 8.52 7.54
CA LEU D 38 42.45 9.23 7.07
C LEU D 38 42.20 9.20 5.55
N LYS D 39 43.23 9.02 4.74
CA LYS D 39 43.04 9.13 3.28
C LYS D 39 42.21 7.98 2.69
N SER D 40 42.47 6.75 3.14
CA SER D 40 41.67 5.58 2.73
C SER D 40 40.50 5.26 3.69
N THR D 41 40.45 5.91 4.86
CA THR D 41 39.27 5.79 5.72
C THR D 41 38.19 6.74 5.22
N GLN D 42 38.59 7.88 4.67
CA GLN D 42 37.64 8.77 4.01
C GLN D 42 37.12 8.18 2.70
N ALA D 43 37.95 7.43 1.99
CA ALA D 43 37.57 6.90 0.68
C ALA D 43 36.47 5.85 0.75
N ALA D 44 36.31 5.21 1.89
CA ALA D 44 35.20 4.27 2.11
C ALA D 44 33.97 5.01 2.63
N ILE D 45 34.18 5.97 3.53
CA ILE D 45 33.08 6.76 4.10
C ILE D 45 32.45 7.75 3.07
N ASP D 46 33.13 7.98 1.94
CA ASP D 46 32.55 8.76 0.82
C ASP D 46 31.88 7.88 -0.21
N GLN D 47 32.38 6.65 -0.38
CA GLN D 47 31.75 5.68 -1.26
C GLN D 47 30.49 5.05 -0.66
N ILE D 48 30.48 4.86 0.64
CA ILE D 48 29.35 4.27 1.33
C ILE D 48 28.20 5.26 1.59
N ASN D 49 28.44 6.55 1.45
CA ASN D 49 27.38 7.52 1.72
C ASN D 49 26.72 7.99 0.47
N GLY D 50 27.53 8.29 -0.52
CA GLY D 50 26.99 8.45 -1.83
C GLY D 50 26.72 7.08 -2.44
N LYS D 51 26.07 6.14 -1.74
CA LYS D 51 25.61 4.91 -2.43
C LYS D 51 24.19 4.53 -2.07
N LEU D 52 23.47 5.46 -1.46
CA LEU D 52 22.27 5.12 -0.72
C LEU D 52 21.04 5.48 -1.58
N ASN D 53 21.02 6.75 -1.95
CA ASN D 53 20.02 7.33 -2.81
C ASN D 53 20.77 7.85 -4.04
N ARG D 54 21.74 7.08 -4.48
CA ARG D 54 22.26 7.28 -5.80
C ARG D 54 21.22 6.74 -6.76
N VAL D 55 20.41 5.79 -6.24
CA VAL D 55 19.45 5.02 -7.03
C VAL D 55 17.96 5.17 -6.65
N ILE D 56 17.65 5.64 -5.45
CA ILE D 56 16.26 5.91 -5.06
C ILE D 56 15.94 7.41 -5.10
N GLU D 57 14.72 7.71 -5.53
CA GLU D 57 14.24 9.07 -5.75
C GLU D 57 14.10 9.87 -4.46
N LYS D 58 13.80 11.16 -4.66
CA LYS D 58 13.54 12.09 -3.59
C LYS D 58 12.24 11.71 -2.85
N THR D 59 12.09 10.43 -2.49
CA THR D 59 10.84 9.89 -1.95
C THR D 59 9.62 10.38 -2.73
N ASN D 60 9.21 9.60 -3.73
CA ASN D 60 7.94 9.83 -4.46
C ASN D 60 6.73 10.22 -3.54
N GLU D 61 6.01 11.25 -3.97
CA GLU D 61 4.92 11.82 -3.20
C GLU D 61 3.60 11.51 -3.94
N LYS D 62 2.76 10.64 -3.36
CA LYS D 62 1.47 10.27 -3.96
C LYS D 62 0.28 10.77 -3.16
N PHE D 63 -0.83 10.89 -3.85
CA PHE D 63 -2.02 11.56 -3.33
C PHE D 63 -3.24 10.66 -3.44
N HIS D 64 -4.31 11.05 -4.15
CA HIS D 64 -5.46 10.16 -4.33
C HIS D 64 -5.09 9.05 -5.25
N GLN D 65 -5.29 7.84 -4.78
CA GLN D 65 -4.98 6.64 -5.53
C GLN D 65 -6.25 5.78 -5.59
N ILE D 66 -6.09 4.48 -5.74
CA ILE D 66 -7.20 3.56 -5.75
C ILE D 66 -7.43 3.01 -4.35
N GLU D 67 -8.66 2.58 -4.05
CA GLU D 67 -8.96 1.95 -2.77
C GLU D 67 -8.36 0.54 -2.79
N LYS D 68 -7.94 0.07 -1.62
CA LYS D 68 -7.15 -1.16 -1.49
C LYS D 68 -7.71 -2.15 -0.47
N GLU D 69 -8.80 -1.77 0.19
CA GLU D 69 -9.58 -2.66 1.06
C GLU D 69 -11.10 -2.49 0.76
N PHE D 70 -11.88 -3.53 1.04
CA PHE D 70 -13.26 -3.54 0.61
C PHE D 70 -14.21 -4.16 1.65
N SER D 71 -15.35 -3.50 1.86
CA SER D 71 -16.39 -4.01 2.76
C SER D 71 -17.23 -5.06 2.14
N GLU D 72 -17.43 -4.96 0.82
CA GLU D 72 -18.40 -5.81 0.09
C GLU D 72 -17.72 -6.54 -1.06
N VAL D 73 -18.16 -7.78 -1.31
CA VAL D 73 -17.73 -8.53 -2.48
C VAL D 73 -18.34 -7.84 -3.69
N GLU D 74 -17.64 -7.84 -4.83
CA GLU D 74 -18.15 -7.15 -6.04
C GLU D 74 -17.79 -7.82 -7.34
N GLY D 75 -16.78 -8.68 -7.33
CA GLY D 75 -16.43 -9.40 -8.55
C GLY D 75 -15.34 -8.78 -9.39
N ARG D 76 -15.64 -8.55 -10.65
CA ARG D 76 -14.62 -8.38 -11.67
C ARG D 76 -13.74 -7.18 -11.44
N ILE D 77 -14.38 -6.07 -11.15
CA ILE D 77 -13.68 -4.81 -11.02
C ILE D 77 -12.79 -4.80 -9.77
N GLN D 78 -13.30 -5.27 -8.65
CA GLN D 78 -12.51 -5.38 -7.45
C GLN D 78 -11.43 -6.48 -7.57
N ASP D 79 -11.70 -7.59 -8.23
CA ASP D 79 -10.64 -8.51 -8.60
C ASP D 79 -9.43 -7.79 -9.23
N LEU D 80 -9.73 -6.89 -10.15
CA LEU D 80 -8.71 -6.17 -10.90
C LEU D 80 -7.97 -5.16 -10.01
N GLU D 81 -8.73 -4.41 -9.20
CA GLU D 81 -8.13 -3.47 -8.23
C GLU D 81 -7.15 -4.19 -7.29
N ARG D 82 -7.54 -5.34 -6.78
CA ARG D 82 -6.71 -6.05 -5.81
C ARG D 82 -5.46 -6.56 -6.48
N TYR D 83 -5.62 -7.03 -7.72
CA TYR D 83 -4.53 -7.66 -8.45
C TYR D 83 -3.54 -6.61 -8.86
N VAL D 84 -4.02 -5.41 -9.17
CA VAL D 84 -3.11 -4.34 -9.53
C VAL D 84 -2.18 -4.05 -8.36
N GLU D 85 -2.73 -3.96 -7.15
CA GLU D 85 -1.91 -3.66 -6.00
C GLU D 85 -0.99 -4.82 -5.71
N ASP D 86 -1.56 -6.02 -5.58
CA ASP D 86 -0.78 -7.23 -5.26
C ASP D 86 0.43 -7.34 -6.20
N THR D 87 0.19 -7.02 -7.47
CA THR D 87 1.21 -7.09 -8.49
C THR D 87 2.37 -6.12 -8.20
N LYS D 88 2.03 -4.89 -7.82
CA LYS D 88 3.01 -3.83 -7.51
C LYS D 88 3.82 -4.14 -6.25
N VAL D 89 3.12 -4.63 -5.25
CA VAL D 89 3.77 -4.84 -3.99
C VAL D 89 4.84 -5.90 -4.16
N ASP D 90 4.55 -6.94 -4.93
CA ASP D 90 5.52 -8.01 -5.11
C ASP D 90 6.72 -7.56 -5.93
N LEU D 91 6.53 -6.56 -6.76
CA LEU D 91 7.63 -6.05 -7.56
C LEU D 91 8.54 -5.13 -6.72
N TRP D 92 7.94 -4.29 -5.88
CA TRP D 92 8.75 -3.46 -5.02
C TRP D 92 9.38 -4.36 -3.97
N SER D 93 8.65 -5.29 -3.42
CA SER D 93 9.27 -6.23 -2.49
C SER D 93 10.47 -6.97 -3.10
N TYR D 94 10.48 -7.28 -4.39
CA TYR D 94 11.67 -7.90 -4.98
C TYR D 94 12.74 -6.86 -5.17
N ASN D 95 12.40 -5.73 -5.77
CA ASN D 95 13.37 -4.66 -6.05
C ASN D 95 14.20 -4.27 -4.82
N ALA D 96 13.56 -4.31 -3.64
CA ALA D 96 14.23 -3.90 -2.40
C ALA D 96 15.01 -5.02 -1.75
N GLU D 97 14.57 -6.25 -1.95
CA GLU D 97 15.41 -7.39 -1.65
C GLU D 97 16.72 -7.37 -2.47
N LEU D 98 16.61 -7.16 -3.78
CA LEU D 98 17.77 -7.22 -4.64
C LEU D 98 18.63 -6.01 -4.45
N LEU D 99 18.02 -4.86 -4.17
CA LEU D 99 18.79 -3.64 -4.01
C LEU D 99 19.82 -3.86 -2.95
N VAL D 100 19.35 -4.31 -1.79
CA VAL D 100 20.19 -4.50 -0.60
C VAL D 100 21.27 -5.55 -0.83
N ALA D 101 20.87 -6.69 -1.38
CA ALA D 101 21.82 -7.77 -1.62
C ALA D 101 22.96 -7.33 -2.54
N LEU D 102 22.66 -6.47 -3.50
CA LEU D 102 23.70 -5.95 -4.37
C LEU D 102 24.53 -4.89 -3.67
N GLU D 103 23.89 -4.01 -2.92
CA GLU D 103 24.63 -2.96 -2.27
C GLU D 103 25.53 -3.60 -1.23
N ASN D 104 24.98 -4.48 -0.42
CA ASN D 104 25.78 -5.19 0.56
C ASN D 104 26.96 -5.97 -0.03
N GLN D 105 26.79 -6.69 -1.14
CA GLN D 105 27.96 -7.32 -1.79
C GLN D 105 29.01 -6.28 -2.17
N ASN D 106 28.56 -5.15 -2.67
CA ASN D 106 29.46 -4.09 -3.11
C ASN D 106 30.16 -3.37 -1.97
N THR D 107 29.44 -3.09 -0.89
CA THR D 107 30.02 -2.42 0.28
C THR D 107 31.19 -3.25 0.80
N ILE D 108 30.88 -4.50 1.06
CA ILE D 108 31.85 -5.48 1.51
C ILE D 108 33.04 -5.66 0.58
N ASP D 109 32.80 -5.58 -0.73
CA ASP D 109 33.91 -5.62 -1.71
C ASP D 109 34.72 -4.32 -1.77
N LEU D 110 34.09 -3.16 -1.68
CA LEU D 110 34.84 -1.91 -1.83
C LEU D 110 35.73 -1.68 -0.63
N THR D 111 35.34 -2.17 0.56
CA THR D 111 36.22 -2.09 1.75
C THR D 111 37.44 -3.03 1.69
N ASP D 112 37.21 -4.30 1.32
CA ASP D 112 38.29 -5.28 1.05
C ASP D 112 39.24 -4.77 -0.05
N SER D 113 38.75 -3.91 -0.93
CA SER D 113 39.62 -3.20 -1.86
C SER D 113 40.44 -2.17 -1.11
N GLU D 114 39.79 -1.30 -0.36
CA GLU D 114 40.50 -0.20 0.28
C GLU D 114 41.63 -0.65 1.21
N MET D 115 41.50 -1.84 1.81
CA MET D 115 42.55 -2.39 2.67
C MET D 115 43.76 -2.85 1.87
N ASN D 116 43.49 -3.70 0.89
CA ASN D 116 44.50 -4.23 -0.01
C ASN D 116 45.11 -3.19 -0.98
N LYS D 117 44.54 -2.00 -1.09
CA LYS D 117 45.19 -0.91 -1.82
C LYS D 117 46.11 -0.08 -0.91
N LEU D 118 45.85 -0.04 0.40
CA LEU D 118 46.76 0.60 1.37
C LEU D 118 48.03 -0.23 1.50
N PHE D 119 47.85 -1.56 1.44
CA PHE D 119 48.94 -2.53 1.55
C PHE D 119 49.89 -2.48 0.36
N GLU D 120 49.39 -2.11 -0.81
CA GLU D 120 50.20 -2.04 -2.03
C GLU D 120 50.49 -0.61 -2.49
N LYS D 121 50.10 0.39 -1.69
CA LYS D 121 50.66 1.74 -1.77
C LYS D 121 51.90 1.71 -0.88
N THR D 122 51.73 1.05 0.27
CA THR D 122 52.80 0.85 1.25
C THR D 122 53.90 -0.12 0.78
N ARG D 123 53.56 -1.38 0.47
CA ARG D 123 54.57 -2.30 -0.08
C ARG D 123 55.40 -1.66 -1.20
N ARG D 124 54.80 -0.79 -2.01
CA ARG D 124 55.53 -0.06 -3.06
C ARG D 124 56.49 1.01 -2.56
N GLN D 125 56.17 1.65 -1.42
CA GLN D 125 57.07 2.64 -0.77
C GLN D 125 58.32 1.97 -0.19
N LEU D 126 58.11 0.94 0.63
CA LEU D 126 59.20 0.21 1.28
C LEU D 126 60.00 -0.63 0.29
N ARG D 127 59.52 -0.73 -0.94
CA ARG D 127 60.34 -1.12 -2.11
C ARG D 127 61.10 -2.46 -1.96
N GLU D 128 62.37 -2.39 -1.53
CA GLU D 128 63.19 -3.58 -1.26
C GLU D 128 63.86 -3.55 0.13
N ASN D 129 63.51 -2.56 0.96
CA ASN D 129 64.09 -2.39 2.27
C ASN D 129 63.42 -3.29 3.33
N ALA D 130 62.42 -4.08 2.90
CA ALA D 130 61.56 -4.89 3.79
C ALA D 130 60.87 -6.04 3.04
N GLU D 131 60.12 -6.86 3.78
CA GLU D 131 59.48 -8.06 3.21
C GLU D 131 58.02 -8.29 3.66
N ASP D 132 57.19 -8.76 2.73
CA ASP D 132 55.81 -9.17 3.02
C ASP D 132 55.86 -10.42 3.89
N MET D 133 55.62 -10.27 5.19
CA MET D 133 55.57 -11.41 6.12
C MET D 133 54.44 -12.40 5.75
N GLY D 134 53.36 -11.91 5.14
CA GLY D 134 52.21 -12.74 4.75
C GLY D 134 51.10 -12.75 5.77
N ASN D 135 51.15 -11.78 6.70
CA ASN D 135 50.12 -11.58 7.70
C ASN D 135 49.66 -10.12 7.72
N GLY D 136 50.00 -9.35 6.68
CA GLY D 136 49.68 -7.92 6.63
C GLY D 136 50.69 -6.98 7.28
N CYS D 137 51.71 -7.54 7.93
CA CYS D 137 52.83 -6.77 8.46
C CYS D 137 54.05 -7.01 7.59
N PHE D 138 54.81 -5.95 7.35
CA PHE D 138 56.12 -6.06 6.72
C PHE D 138 57.17 -6.14 7.83
N LYS D 139 58.28 -6.83 7.59
CA LYS D 139 59.44 -6.70 8.48
C LYS D 139 60.44 -5.72 7.88
N ILE D 140 60.53 -4.56 8.52
CA ILE D 140 61.50 -3.53 8.17
C ILE D 140 62.87 -4.01 8.63
N TYR D 141 63.85 -3.95 7.73
CA TYR D 141 65.20 -4.42 8.01
C TYR D 141 66.17 -3.25 8.22
N HIS D 142 65.80 -2.32 9.10
CA HIS D 142 66.67 -1.21 9.50
C HIS D 142 66.15 -0.47 10.76
N LYS D 143 67.00 0.39 11.32
CA LYS D 143 66.62 1.19 12.47
C LYS D 143 65.50 2.16 12.05
N CYS D 144 64.28 1.95 12.56
CA CYS D 144 63.14 2.78 12.18
C CYS D 144 62.35 3.26 13.40
N ASP D 145 62.58 4.54 13.73
CA ASP D 145 62.06 5.19 14.94
C ASP D 145 60.80 6.03 14.64
N ASN D 146 60.33 6.80 15.62
CA ASN D 146 59.06 7.56 15.53
C ASN D 146 58.87 8.62 14.41
N ALA D 147 59.95 9.04 13.75
CA ALA D 147 59.83 9.90 12.56
C ALA D 147 60.15 9.16 11.27
N CYS D 148 60.71 7.95 11.38
CA CYS D 148 60.91 7.06 10.22
C CYS D 148 59.59 6.38 9.81
N ILE D 149 58.83 5.91 10.81
CA ILE D 149 57.48 5.35 10.63
C ILE D 149 56.56 6.45 10.09
N GLU D 150 56.47 7.55 10.84
CA GLU D 150 55.65 8.72 10.46
C GLU D 150 55.93 9.26 9.03
N SER D 151 57.13 9.01 8.48
CA SER D 151 57.43 9.37 7.08
C SER D 151 56.84 8.39 6.07
N ILE D 152 56.65 7.14 6.49
CA ILE D 152 55.92 6.13 5.71
C ILE D 152 54.43 6.51 5.67
N ARG D 153 53.85 6.57 6.87
CA ARG D 153 52.43 6.87 7.06
C ARG D 153 52.00 8.11 6.29
N ASN D 154 52.76 9.20 6.35
CA ASN D 154 52.44 10.39 5.54
C ASN D 154 53.06 10.38 4.12
N GLY D 155 53.39 9.18 3.63
CA GLY D 155 53.71 8.94 2.22
C GLY D 155 54.79 9.82 1.60
N THR D 156 55.80 10.18 2.40
CA THR D 156 56.99 10.91 1.91
C THR D 156 58.29 10.13 2.13
N TYR D 157 58.22 9.01 2.87
CA TYR D 157 59.37 8.13 3.16
C TYR D 157 60.32 7.97 1.97
N ASP D 158 61.61 8.25 2.21
CA ASP D 158 62.67 8.11 1.18
C ASP D 158 63.43 6.77 1.34
N HIS D 159 63.20 5.85 0.40
CA HIS D 159 63.78 4.50 0.47
C HIS D 159 65.30 4.45 0.21
N ASN D 160 65.84 5.41 -0.56
CA ASN D 160 67.28 5.44 -0.89
C ASN D 160 68.14 5.51 0.38
N ILE D 161 67.83 6.50 1.22
CA ILE D 161 68.47 6.70 2.53
C ILE D 161 68.82 5.33 3.19
N TYR D 162 67.82 4.48 3.43
CA TYR D 162 68.05 3.20 4.15
C TYR D 162 68.38 2.01 3.24
N ARG D 163 68.72 2.25 1.96
CA ARG D 163 68.75 1.19 0.94
C ARG D 163 69.84 0.12 1.14
N ASP D 164 71.03 0.57 1.51
CA ASP D 164 72.20 -0.30 1.68
C ASP D 164 72.12 -1.04 3.01
N GLU D 165 71.93 -0.28 4.09
CA GLU D 165 71.76 -0.81 5.45
C GLU D 165 70.67 -1.89 5.52
N ALA D 166 69.60 -1.67 4.76
CA ALA D 166 68.47 -2.59 4.72
C ALA D 166 68.71 -3.80 3.84
N VAL D 167 69.52 -3.65 2.79
CA VAL D 167 69.99 -4.83 2.05
C VAL D 167 70.97 -5.60 2.96
N ASN D 168 71.74 -4.87 3.78
CA ASN D 168 72.63 -5.46 4.82
C ASN D 168 71.90 -6.36 5.82
N ASN D 169 71.15 -5.76 6.73
CA ASN D 169 70.42 -6.54 7.73
C ASN D 169 69.72 -7.74 7.05
N ARG D 170 69.20 -7.52 5.83
CA ARG D 170 68.57 -8.60 5.03
C ARG D 170 69.55 -9.75 4.69
N PHE D 171 70.26 -9.63 3.57
CA PHE D 171 71.09 -10.74 3.09
C PHE D 171 72.55 -10.73 3.62
N GLN D 172 72.94 -9.69 4.37
CA GLN D 172 74.35 -9.45 4.80
C GLN D 172 75.27 -9.16 3.61
N ASN E 13 -28.35 73.68 35.06
CA ASN E 13 -27.20 73.94 35.99
C ASN E 13 -27.57 74.27 37.45
N ASN E 14 -28.85 74.53 37.73
CA ASN E 14 -29.37 74.55 39.11
C ASN E 14 -29.88 73.16 39.55
N ALA E 15 -29.72 72.17 38.70
CA ALA E 15 -29.96 70.77 39.03
C ALA E 15 -28.96 69.91 38.28
N ALA E 16 -28.85 68.63 38.67
CA ALA E 16 -28.07 67.64 37.94
C ALA E 16 -28.89 66.35 37.86
N THR E 17 -28.32 65.33 37.21
CA THR E 17 -28.93 63.98 37.19
C THR E 17 -27.83 62.92 37.35
N LEU E 18 -27.93 62.17 38.45
CA LEU E 18 -27.02 61.05 38.75
C LEU E 18 -27.73 59.73 38.51
N CYS E 19 -27.11 58.88 37.71
CA CYS E 19 -27.67 57.59 37.40
C CYS E 19 -26.77 56.44 37.83
N LEU E 20 -27.39 55.47 38.51
CA LEU E 20 -26.74 54.24 38.93
C LEU E 20 -27.19 53.13 37.99
N GLY E 21 -26.30 52.20 37.71
CA GLY E 21 -26.64 51.06 36.85
C GLY E 21 -25.59 49.98 36.78
N HIS E 22 -25.75 49.12 35.79
CA HIS E 22 -24.91 47.95 35.63
C HIS E 22 -24.48 47.79 34.20
N HIS E 23 -23.43 46.99 34.01
CA HIS E 23 -22.93 46.67 32.68
C HIS E 23 -23.89 45.72 31.94
N ALA E 24 -23.56 45.41 30.69
CA ALA E 24 -24.30 44.42 29.87
C ALA E 24 -23.46 43.89 28.68
N VAL E 25 -24.02 42.99 27.87
CA VAL E 25 -23.32 42.55 26.66
C VAL E 25 -24.25 42.32 25.45
N PRO E 26 -23.66 42.37 24.22
CA PRO E 26 -24.47 42.16 23.02
C PRO E 26 -25.01 40.74 22.99
N ASN E 27 -24.08 39.78 22.97
CA ASN E 27 -24.40 38.36 23.03
C ASN E 27 -23.96 37.81 24.40
N GLY E 28 -24.97 37.58 25.26
CA GLY E 28 -24.81 36.94 26.57
C GLY E 28 -25.37 35.52 26.51
N THR E 29 -25.25 34.79 27.63
CA THR E 29 -25.55 33.35 27.69
C THR E 29 -26.83 33.04 28.45
N MET E 30 -27.45 31.89 28.14
CA MET E 30 -28.58 31.35 28.90
C MET E 30 -28.14 30.27 29.88
N VAL E 31 -28.65 30.38 31.12
CA VAL E 31 -28.42 29.40 32.20
C VAL E 31 -29.73 29.05 32.87
N LYS E 32 -29.69 28.15 33.86
CA LYS E 32 -30.87 27.73 34.62
C LYS E 32 -30.66 28.06 36.10
N THR E 33 -31.75 28.35 36.80
CA THR E 33 -31.71 28.57 38.25
C THR E 33 -32.88 27.81 38.85
N ILE E 34 -33.02 27.92 40.18
CA ILE E 34 -34.15 27.37 40.92
C ILE E 34 -35.50 27.92 40.45
N THR E 35 -35.49 29.08 39.76
CA THR E 35 -36.72 29.81 39.37
C THR E 35 -36.91 30.25 37.88
N ASP E 36 -35.93 30.00 36.99
CA ASP E 36 -36.12 30.10 35.51
C ASP E 36 -35.44 28.93 34.83
N ASP E 37 -36.07 28.31 33.83
CA ASP E 37 -35.39 27.20 33.13
C ASP E 37 -34.32 27.84 32.28
N GLN E 38 -34.61 29.08 31.88
CA GLN E 38 -33.67 29.89 31.17
C GLN E 38 -33.83 31.38 31.51
N ILE E 39 -32.67 32.05 31.52
CA ILE E 39 -32.53 33.43 31.96
C ILE E 39 -31.16 33.93 31.45
N GLU E 40 -31.09 35.16 30.95
CA GLU E 40 -29.86 35.59 30.27
C GLU E 40 -28.85 36.13 31.25
N VAL E 41 -27.55 35.87 30.97
CA VAL E 41 -26.44 36.33 31.81
C VAL E 41 -25.19 36.76 31.01
N THR E 42 -24.32 37.49 31.70
CA THR E 42 -23.23 38.23 31.09
C THR E 42 -22.04 37.34 30.75
N ASN E 43 -21.67 36.44 31.66
CA ASN E 43 -20.65 35.41 31.40
C ASN E 43 -21.13 34.12 32.04
N ALA E 44 -20.63 33.02 31.52
CA ALA E 44 -20.96 31.71 32.06
C ALA E 44 -19.82 30.77 31.78
N THR E 45 -19.88 29.61 32.42
CA THR E 45 -18.79 28.67 32.35
C THR E 45 -19.33 27.23 32.35
N GLU E 46 -18.64 26.35 31.61
CA GLU E 46 -19.10 24.98 31.41
C GLU E 46 -18.46 24.08 32.42
N LEU E 47 -19.29 23.33 33.17
CA LEU E 47 -18.78 22.47 34.23
C LEU E 47 -18.56 21.01 33.81
N VAL E 48 -19.03 20.63 32.62
CA VAL E 48 -18.93 19.25 32.21
C VAL E 48 -17.94 19.11 31.10
N GLN E 49 -16.95 18.28 31.31
CA GLN E 49 -16.00 17.99 30.26
C GLN E 49 -16.56 16.92 29.36
N ASN E 50 -16.72 17.21 28.08
CA ASN E 50 -17.38 16.26 27.15
C ASN E 50 -16.57 15.82 25.94
N SER E 51 -15.26 16.09 25.92
CA SER E 51 -14.41 15.68 24.81
C SER E 51 -13.08 15.15 25.28
N SER E 52 -12.36 14.55 24.35
CA SER E 52 -11.07 13.92 24.64
C SER E 52 -10.15 14.04 23.42
N THR E 53 -8.92 14.49 23.62
CA THR E 53 -7.93 14.49 22.53
C THR E 53 -7.83 13.13 21.82
N GLY E 54 -8.10 12.06 22.55
CA GLY E 54 -8.12 10.76 21.95
C GLY E 54 -6.86 9.99 22.10
N LYS E 55 -5.94 10.52 22.89
CA LYS E 55 -4.63 9.91 23.09
C LYS E 55 -4.50 9.76 24.57
N ILE E 56 -3.65 8.83 25.00
CA ILE E 56 -3.33 8.63 26.40
C ILE E 56 -1.92 9.12 26.67
N CYS E 57 -1.84 10.17 27.48
CA CYS E 57 -0.59 10.78 27.86
C CYS E 57 0.17 9.87 28.76
N ASN E 58 1.43 9.69 28.47
CA ASN E 58 2.31 8.83 29.27
C ASN E 58 2.91 9.45 30.54
N ASN E 59 2.32 10.54 31.04
CA ASN E 59 2.71 11.17 32.29
C ASN E 59 1.51 11.81 32.99
N PRO E 60 1.54 11.91 34.34
CA PRO E 60 2.54 11.46 35.31
C PRO E 60 2.43 9.99 35.68
N HIS E 61 1.44 9.29 35.15
CA HIS E 61 1.29 7.86 35.41
C HIS E 61 2.12 7.03 34.43
N LYS E 62 2.71 5.95 34.94
CA LYS E 62 3.46 5.00 34.13
C LYS E 62 2.50 4.10 33.36
N ILE E 63 2.38 4.36 32.07
CA ILE E 63 1.50 3.56 31.20
C ILE E 63 2.24 2.38 30.62
N LEU E 64 1.59 1.21 30.52
CA LEU E 64 2.25 0.05 29.93
C LEU E 64 1.36 -0.54 28.87
N ASP E 65 1.85 -0.47 27.63
CA ASP E 65 1.06 -0.88 26.48
C ASP E 65 1.25 -2.35 26.31
N GLY E 66 0.14 -3.07 26.39
CA GLY E 66 0.16 -4.51 26.38
C GLY E 66 0.31 -5.06 24.99
N ARG E 67 -0.09 -4.22 24.02
CA ARG E 67 -0.07 -4.52 22.59
C ARG E 67 -0.83 -5.81 22.32
N ASP E 68 -0.10 -6.83 21.85
CA ASP E 68 -0.68 -8.10 21.43
C ASP E 68 -0.87 -9.06 22.59
N CYS E 69 -0.77 -8.56 23.82
CA CYS E 69 -0.84 -9.38 25.03
C CYS E 69 -1.87 -8.91 26.08
N THR E 70 -2.62 -9.89 26.61
CA THR E 70 -3.47 -9.67 27.77
C THR E 70 -2.62 -9.88 28.99
N LEU E 71 -2.99 -9.20 30.08
CA LEU E 71 -2.21 -9.24 31.32
C LEU E 71 -1.99 -10.68 31.80
N ILE E 72 -3.00 -11.53 31.75
CA ILE E 72 -2.81 -12.94 32.11
C ILE E 72 -1.76 -13.66 31.23
N ASP E 73 -1.81 -13.51 29.90
CA ASP E 73 -0.78 -14.14 29.03
C ASP E 73 0.63 -13.59 29.32
N ALA E 74 0.73 -12.28 29.52
CA ALA E 74 1.98 -11.70 29.97
C ALA E 74 2.41 -12.35 31.29
N LEU E 75 1.47 -12.43 32.22
CA LEU E 75 1.70 -13.15 33.48
C LEU E 75 2.27 -14.53 33.26
N LEU E 76 1.48 -15.38 32.63
CA LEU E 76 1.82 -16.78 32.40
C LEU E 76 3.08 -17.01 31.59
N GLY E 77 3.28 -16.18 30.57
CA GLY E 77 4.48 -16.26 29.71
C GLY E 77 4.26 -16.95 28.37
N ASP E 78 3.18 -16.56 27.71
CA ASP E 78 2.99 -16.90 26.33
C ASP E 78 4.24 -16.40 25.65
N PRO E 79 4.94 -17.27 24.91
CA PRO E 79 6.19 -16.86 24.29
C PRO E 79 6.14 -15.49 23.60
N HIS E 80 5.08 -15.17 22.86
CA HIS E 80 5.00 -13.84 22.25
C HIS E 80 4.77 -12.66 23.22
N CYS E 81 4.83 -12.91 24.54
CA CYS E 81 4.69 -11.86 25.53
C CYS E 81 5.96 -11.83 26.38
N ASP E 82 7.07 -12.35 25.89
CA ASP E 82 8.29 -12.38 26.67
C ASP E 82 8.87 -11.00 26.93
N VAL E 83 8.58 -10.03 26.08
CA VAL E 83 9.12 -8.69 26.28
C VAL E 83 8.59 -8.07 27.60
N PHE E 84 7.42 -8.54 28.06
CA PHE E 84 6.77 -8.05 29.30
C PHE E 84 7.24 -8.70 30.63
N GLN E 85 8.19 -9.64 30.61
CA GLN E 85 8.70 -10.23 31.85
C GLN E 85 9.20 -9.15 32.80
N ASN E 86 9.05 -9.36 34.10
CA ASN E 86 9.48 -8.39 35.11
C ASN E 86 9.05 -6.91 34.90
N GLU E 87 8.09 -6.63 34.02
CA GLU E 87 7.62 -5.26 33.82
C GLU E 87 6.74 -4.78 34.97
N THR E 88 6.45 -3.48 34.96
CA THR E 88 5.62 -2.77 35.96
C THR E 88 4.83 -1.60 35.34
N TRP E 89 3.79 -1.16 36.02
CA TRP E 89 2.87 -0.16 35.48
C TRP E 89 2.15 0.48 36.64
N ASP E 90 1.77 1.74 36.44
CA ASP E 90 0.68 2.31 37.20
C ASP E 90 -0.61 1.85 36.47
N LEU E 91 -0.63 2.00 35.14
CA LEU E 91 -1.77 1.61 34.30
C LEU E 91 -1.45 0.65 33.18
N PHE E 92 -2.11 -0.51 33.17
CA PHE E 92 -1.98 -1.47 32.08
C PHE E 92 -3.07 -1.27 31.05
N VAL E 93 -2.68 -0.99 29.83
CA VAL E 93 -3.63 -0.79 28.75
C VAL E 93 -3.73 -2.09 27.94
N GLU E 94 -4.90 -2.73 27.97
CA GLU E 94 -5.14 -4.02 27.29
C GLU E 94 -5.80 -3.66 25.97
N ARG E 95 -5.39 -4.34 24.91
CA ARG E 95 -5.81 -3.96 23.55
C ARG E 95 -6.82 -4.90 22.96
N SER E 96 -7.84 -4.38 22.29
CA SER E 96 -8.87 -5.27 21.75
C SER E 96 -8.33 -6.37 20.80
N ASN E 97 -7.24 -6.10 20.08
CA ASN E 97 -6.71 -7.03 19.10
C ASN E 97 -5.75 -8.09 19.67
N ALA E 98 -5.70 -8.23 20.99
CA ALA E 98 -4.70 -9.12 21.58
C ALA E 98 -5.15 -10.56 21.39
N PHE E 99 -4.22 -11.47 21.29
CA PHE E 99 -4.56 -12.85 21.08
C PHE E 99 -3.63 -13.65 21.96
N SER E 100 -3.98 -14.91 22.13
CA SER E 100 -3.10 -15.86 22.78
C SER E 100 -2.54 -16.72 21.66
N ASN E 101 -1.43 -17.38 21.94
CA ASN E 101 -0.81 -18.27 20.98
C ASN E 101 0.04 -19.33 21.69
N CYS E 102 -0.54 -19.99 22.69
CA CYS E 102 0.13 -21.06 23.44
C CYS E 102 -0.88 -22.15 23.68
N TYR E 103 -0.52 -23.14 24.47
CA TYR E 103 -1.44 -24.23 24.83
C TYR E 103 -2.76 -23.65 25.36
N PRO E 104 -3.91 -24.24 24.97
CA PRO E 104 -5.17 -23.59 25.35
C PRO E 104 -5.52 -23.78 26.81
N TYR E 105 -6.11 -22.75 27.44
CA TYR E 105 -6.27 -22.71 28.89
C TYR E 105 -7.51 -21.96 29.33
N ASP E 106 -7.88 -22.13 30.59
CA ASP E 106 -8.95 -21.36 31.20
C ASP E 106 -8.51 -21.07 32.61
N VAL E 107 -9.15 -20.06 33.21
CA VAL E 107 -8.81 -19.66 34.56
C VAL E 107 -10.09 -19.58 35.33
N PRO E 108 -10.35 -20.59 36.14
CA PRO E 108 -11.46 -20.41 37.05
C PRO E 108 -11.21 -19.15 37.81
N ASP E 109 -12.20 -18.26 37.75
CA ASP E 109 -12.16 -16.94 38.35
C ASP E 109 -11.10 -15.98 37.76
N TYR E 110 -11.03 -16.02 36.43
CA TYR E 110 -10.12 -15.17 35.64
C TYR E 110 -10.25 -13.70 36.01
N ALA E 111 -11.47 -13.20 36.07
CA ALA E 111 -11.71 -11.79 36.36
C ALA E 111 -10.95 -11.35 37.59
N SER E 112 -10.95 -12.21 38.61
CA SER E 112 -10.26 -11.90 39.87
C SER E 112 -8.76 -12.01 39.75
N LEU E 113 -8.23 -13.10 39.22
CA LEU E 113 -6.78 -13.18 38.94
C LEU E 113 -6.29 -11.93 38.20
N ARG E 114 -7.01 -11.57 37.15
CA ARG E 114 -6.68 -10.36 36.43
C ARG E 114 -6.68 -9.14 37.33
N SER E 115 -7.77 -8.90 38.06
CA SER E 115 -7.83 -7.75 38.98
C SER E 115 -6.65 -7.67 39.96
N ILE E 116 -6.26 -8.80 40.56
CA ILE E 116 -5.35 -8.72 41.69
C ILE E 116 -3.94 -8.41 41.24
N VAL E 117 -3.62 -8.93 40.05
CA VAL E 117 -2.33 -8.71 39.45
C VAL E 117 -2.25 -7.28 38.95
N ALA E 118 -3.29 -6.83 38.26
CA ALA E 118 -3.37 -5.45 37.79
C ALA E 118 -3.11 -4.46 38.94
N SER E 119 -3.54 -4.82 40.14
CA SER E 119 -3.50 -3.90 41.28
C SER E 119 -2.11 -3.90 41.95
N SER E 120 -1.51 -5.07 41.96
CA SER E 120 -0.13 -5.26 42.36
C SER E 120 0.83 -4.43 41.51
N GLY E 121 0.55 -4.22 40.24
CA GLY E 121 1.36 -3.30 39.42
C GLY E 121 2.75 -3.75 38.98
N THR E 122 3.02 -5.06 39.07
CA THR E 122 4.33 -5.65 38.73
C THR E 122 4.23 -7.10 38.27
N LEU E 123 5.11 -7.53 37.35
CA LEU E 123 5.24 -8.95 36.99
C LEU E 123 6.57 -9.54 37.43
N GLU E 124 7.21 -8.91 38.40
CA GLU E 124 8.51 -9.34 38.88
C GLU E 124 8.48 -10.77 39.35
N PHE E 125 9.30 -11.61 38.73
CA PHE E 125 9.19 -13.05 38.96
C PHE E 125 10.47 -13.53 39.52
N ILE E 126 10.36 -14.29 40.61
CA ILE E 126 11.54 -14.78 41.31
C ILE E 126 11.53 -16.26 41.17
N THR E 127 12.58 -16.77 40.57
CA THR E 127 12.70 -18.21 40.44
C THR E 127 13.24 -18.87 41.69
N GLU E 128 12.67 -20.02 41.98
CA GLU E 128 12.88 -20.78 43.19
C GLU E 128 13.23 -22.20 42.81
N GLY E 129 14.18 -22.78 43.53
CA GLY E 129 14.71 -24.11 43.22
C GLY E 129 13.79 -25.24 43.62
N PHE E 130 12.75 -25.42 42.83
CA PHE E 130 11.86 -26.51 43.07
C PHE E 130 12.59 -27.77 42.67
N THR E 131 12.57 -28.74 43.56
CA THR E 131 13.10 -30.09 43.32
C THR E 131 11.94 -31.02 42.98
N TRP E 132 11.96 -31.52 41.74
CA TRP E 132 10.87 -32.33 41.20
C TRP E 132 11.37 -33.74 40.90
N ALA E 133 11.37 -34.56 41.94
CA ALA E 133 12.13 -35.82 41.89
C ALA E 133 11.34 -36.98 41.27
N GLY E 134 11.89 -37.51 40.17
CA GLY E 134 11.37 -38.69 39.50
C GLY E 134 10.44 -38.40 38.33
N VAL E 135 10.73 -37.33 37.58
CA VAL E 135 9.82 -36.81 36.55
C VAL E 135 10.58 -35.96 35.53
N THR E 136 9.97 -35.68 34.38
CA THR E 136 10.64 -34.84 33.39
C THR E 136 10.10 -33.44 33.41
N GLN E 137 11.00 -32.48 33.46
CA GLN E 137 10.62 -31.09 33.47
C GLN E 137 10.64 -30.58 32.07
N ASN E 138 10.27 -29.33 31.91
CA ASN E 138 10.29 -28.62 30.63
C ASN E 138 9.61 -29.29 29.44
N GLY E 139 8.48 -29.95 29.70
CA GLY E 139 7.59 -30.35 28.65
C GLY E 139 7.25 -29.14 27.78
N GLY E 140 7.08 -29.40 26.49
CA GLY E 140 6.72 -28.39 25.50
C GLY E 140 5.55 -28.93 24.70
N SER E 141 5.09 -28.16 23.72
CA SER E 141 3.95 -28.57 22.89
C SER E 141 3.89 -27.86 21.56
N GLY E 142 3.10 -28.46 20.68
CA GLY E 142 2.92 -28.02 19.32
C GLY E 142 1.99 -26.86 19.22
N ALA E 143 1.27 -26.57 20.31
CA ALA E 143 0.42 -25.38 20.33
C ALA E 143 1.15 -24.10 20.65
N CYS E 144 2.37 -24.23 21.18
CA CYS E 144 3.06 -23.11 21.81
C CYS E 144 4.50 -23.02 21.34
N LYS E 145 4.68 -22.67 20.07
CA LYS E 145 6.00 -22.69 19.44
C LYS E 145 6.88 -21.43 19.66
N ARG E 146 8.19 -21.64 19.80
CA ARG E 146 9.20 -20.57 19.80
C ARG E 146 9.94 -20.68 18.46
N GLY E 147 9.41 -19.95 17.48
CA GLY E 147 9.89 -20.01 16.11
C GLY E 147 9.41 -21.33 15.53
N PRO E 148 10.34 -22.23 15.20
CA PRO E 148 9.97 -23.55 14.70
C PRO E 148 9.91 -24.60 15.80
N ALA E 149 10.39 -24.23 17.00
CA ALA E 149 10.63 -25.18 18.10
C ALA E 149 9.46 -25.22 19.07
N ASN E 150 9.29 -26.33 19.76
CA ASN E 150 8.17 -26.55 20.70
C ASN E 150 8.43 -26.04 22.09
N SER E 151 7.44 -25.36 22.65
CA SER E 151 7.69 -24.56 23.83
C SER E 151 6.47 -24.52 24.73
N PHE E 152 6.48 -23.62 25.70
CA PHE E 152 5.46 -23.57 26.72
C PHE E 152 5.56 -22.25 27.45
N PHE E 153 4.57 -22.03 28.32
CA PHE E 153 4.52 -20.81 29.12
C PHE E 153 5.84 -20.74 29.89
N SER E 154 6.51 -19.60 29.77
CA SER E 154 7.76 -19.35 30.44
C SER E 154 7.70 -19.56 31.95
N ARG E 155 6.59 -19.19 32.60
CA ARG E 155 6.52 -19.24 34.08
C ARG E 155 6.02 -20.53 34.67
N LEU E 156 5.72 -21.49 33.79
CA LEU E 156 5.17 -22.75 34.21
C LEU E 156 6.02 -23.87 33.68
N ASN E 157 5.85 -25.05 34.26
CA ASN E 157 6.74 -26.19 34.06
C ASN E 157 5.94 -27.49 33.97
N TRP E 158 5.79 -27.97 32.74
CA TRP E 158 5.03 -29.20 32.47
C TRP E 158 5.78 -30.48 32.86
N LEU E 159 5.33 -31.08 33.96
CA LEU E 159 5.90 -32.33 34.46
C LEU E 159 5.17 -33.54 33.91
N THR E 160 5.98 -34.28 33.16
CA THR E 160 5.64 -35.56 32.57
C THR E 160 6.36 -36.71 33.32
N LYS E 161 6.11 -37.96 32.89
CA LYS E 161 6.71 -39.13 33.50
C LYS E 161 8.21 -39.22 33.25
N SER E 162 8.83 -40.16 33.96
CA SER E 162 10.19 -40.56 33.70
C SER E 162 10.32 -42.06 34.01
N GLY E 163 11.00 -42.76 33.11
CA GLY E 163 10.95 -44.22 33.08
C GLY E 163 9.54 -44.60 32.67
N ASN E 164 8.98 -45.58 33.37
CA ASN E 164 7.56 -45.95 33.22
C ASN E 164 6.81 -45.69 34.53
N THR E 165 7.34 -44.76 35.35
CA THR E 165 6.64 -44.28 36.56
C THR E 165 6.65 -42.74 36.76
N TYR E 166 5.56 -42.26 37.36
CA TYR E 166 5.40 -40.90 37.85
C TYR E 166 5.12 -41.05 39.35
N PRO E 167 6.08 -40.68 40.21
CA PRO E 167 5.88 -40.87 41.64
C PRO E 167 4.96 -39.79 42.17
N VAL E 168 4.65 -39.90 43.45
CA VAL E 168 3.83 -38.90 44.12
C VAL E 168 4.71 -37.75 44.52
N LEU E 169 4.58 -36.62 43.81
CA LEU E 169 5.34 -35.41 44.14
C LEU E 169 4.85 -34.79 45.47
N ASN E 170 5.79 -34.38 46.33
CA ASN E 170 5.51 -33.86 47.69
C ASN E 170 6.62 -32.87 47.94
N VAL E 171 6.41 -31.58 47.63
CA VAL E 171 7.43 -30.53 47.84
C VAL E 171 6.90 -29.37 48.68
N THR E 172 7.82 -28.50 49.13
CA THR E 172 7.46 -27.33 49.92
C THR E 172 8.39 -26.13 49.71
N MET E 173 7.91 -24.94 50.11
CA MET E 173 8.65 -23.72 49.85
C MET E 173 8.17 -22.58 50.73
N PRO E 174 8.80 -22.43 51.89
CA PRO E 174 8.39 -21.50 52.94
C PRO E 174 8.53 -20.06 52.51
N ASN E 175 7.82 -19.15 53.14
CA ASN E 175 7.97 -17.75 52.81
C ASN E 175 8.65 -17.04 53.96
N ASN E 176 9.95 -16.80 53.76
CA ASN E 176 10.80 -16.12 54.74
C ASN E 176 11.02 -14.68 54.29
N ASN E 177 10.03 -14.18 53.57
CA ASN E 177 10.07 -12.84 53.03
C ASN E 177 9.02 -12.04 53.73
N ASN E 178 9.07 -10.73 53.53
CA ASN E 178 8.17 -9.81 54.22
C ASN E 178 7.13 -9.25 53.25
N PHE E 179 6.90 -9.97 52.17
CA PHE E 179 5.87 -9.63 51.20
C PHE E 179 5.08 -10.89 50.91
N ASP E 180 3.93 -10.73 50.26
CA ASP E 180 3.15 -11.90 49.94
C ASP E 180 3.70 -12.47 48.60
N LYS E 181 3.69 -13.79 48.48
CA LYS E 181 4.06 -14.41 47.24
C LYS E 181 2.83 -14.93 46.46
N LEU E 182 2.76 -14.62 45.19
CA LEU E 182 1.69 -15.12 44.33
C LEU E 182 2.25 -16.28 43.53
N TYR E 183 1.74 -17.48 43.79
CA TYR E 183 2.16 -18.69 43.07
C TYR E 183 1.09 -19.00 42.04
N ILE E 184 1.51 -19.23 40.80
CA ILE E 184 0.58 -19.60 39.74
C ILE E 184 0.96 -20.97 39.20
N TRP E 185 -0.06 -21.77 38.97
CA TRP E 185 0.16 -23.15 38.61
C TRP E 185 -1.08 -23.59 37.87
N GLY E 186 -1.12 -24.84 37.46
CA GLY E 186 -2.29 -25.33 36.80
C GLY E 186 -2.40 -26.83 36.83
N VAL E 187 -3.48 -27.29 36.23
CA VAL E 187 -3.76 -28.68 36.07
C VAL E 187 -4.13 -28.92 34.63
N HIS E 188 -3.57 -30.01 34.09
CA HIS E 188 -3.82 -30.43 32.71
C HIS E 188 -4.95 -31.43 32.62
N HIS E 189 -5.96 -31.16 31.80
CA HIS E 189 -7.02 -32.12 31.56
C HIS E 189 -6.78 -32.74 30.17
N PRO E 190 -6.34 -34.03 30.08
CA PRO E 190 -6.14 -34.63 28.75
C PRO E 190 -7.45 -35.07 28.08
N SER E 191 -7.38 -35.33 26.78
CA SER E 191 -8.57 -35.56 25.96
C SER E 191 -8.93 -37.03 25.89
N THR E 192 -7.93 -37.87 25.63
CA THR E 192 -8.08 -39.33 25.58
C THR E 192 -7.21 -39.93 26.69
N ASN E 193 -7.61 -41.09 27.22
CA ASN E 193 -6.75 -41.85 28.19
C ASN E 193 -5.37 -42.25 27.67
N GLN E 194 -5.24 -42.50 26.36
CA GLN E 194 -3.93 -42.67 25.71
C GLN E 194 -2.97 -41.59 26.20
N GLU E 195 -3.46 -40.35 26.24
CA GLU E 195 -2.66 -39.19 26.63
C GLU E 195 -2.44 -39.18 28.15
N GLN E 196 -3.49 -39.48 28.93
CA GLN E 196 -3.37 -39.48 30.41
C GLN E 196 -2.15 -40.28 30.82
N THR E 197 -2.10 -41.50 30.31
CA THR E 197 -1.07 -42.49 30.64
C THR E 197 0.21 -42.31 29.83
N SER E 198 0.09 -42.00 28.54
CA SER E 198 1.26 -41.62 27.75
C SER E 198 2.13 -40.54 28.43
N LEU E 199 1.57 -39.78 29.39
CA LEU E 199 2.33 -38.71 30.05
C LEU E 199 2.52 -38.88 31.58
N TYR E 200 1.47 -39.31 32.28
CA TYR E 200 1.47 -39.33 33.76
C TYR E 200 1.33 -40.73 34.40
N ILE E 201 1.44 -41.77 33.57
CA ILE E 201 1.38 -43.18 34.02
C ILE E 201 0.10 -43.54 34.75
N GLN E 202 -0.23 -42.81 35.81
CA GLN E 202 -1.46 -43.08 36.58
C GLN E 202 -2.72 -42.99 35.71
N ALA E 203 -3.84 -43.38 36.31
CA ALA E 203 -5.12 -43.46 35.62
C ALA E 203 -5.89 -42.15 35.71
N SER E 204 -5.75 -41.46 36.84
CA SER E 204 -6.42 -40.19 37.02
C SER E 204 -5.72 -39.38 38.11
N GLY E 205 -4.95 -38.40 37.66
CA GLY E 205 -4.14 -37.54 38.53
C GLY E 205 -4.89 -36.75 39.60
N ARG E 206 -4.15 -35.87 40.26
CA ARG E 206 -4.72 -35.07 41.35
C ARG E 206 -3.67 -34.07 41.78
N VAL E 207 -4.12 -32.85 42.09
CA VAL E 207 -3.21 -31.74 42.44
C VAL E 207 -3.73 -31.02 43.65
N THR E 208 -2.87 -30.93 44.69
CA THR E 208 -3.29 -30.37 45.97
C THR E 208 -2.25 -29.40 46.48
N VAL E 209 -2.45 -28.12 46.17
CA VAL E 209 -1.64 -27.03 46.67
C VAL E 209 -2.24 -26.43 47.93
N SER E 210 -1.42 -26.21 48.95
CA SER E 210 -1.93 -25.83 50.29
C SER E 210 -1.01 -24.91 51.08
N THR E 211 -1.61 -24.19 52.03
CA THR E 211 -0.86 -23.48 53.06
C THR E 211 -1.23 -24.03 54.44
N ARG E 212 -0.77 -23.37 55.49
CA ARG E 212 -1.20 -23.68 56.86
C ARG E 212 -2.69 -23.49 56.96
N ARG E 213 -3.19 -22.51 56.22
CA ARG E 213 -4.54 -21.97 56.45
C ARG E 213 -5.55 -22.33 55.35
N SER E 214 -5.10 -22.64 54.15
CA SER E 214 -6.02 -22.99 53.07
C SER E 214 -5.50 -24.16 52.20
N GLN E 215 -6.35 -24.60 51.29
CA GLN E 215 -6.01 -25.66 50.34
C GLN E 215 -6.94 -25.64 49.12
N GLN E 216 -6.47 -26.23 48.03
CA GLN E 216 -7.31 -26.44 46.86
C GLN E 216 -6.95 -27.78 46.27
N THR E 217 -7.94 -28.62 45.99
CA THR E 217 -7.65 -29.88 45.32
C THR E 217 -8.47 -29.99 44.06
N ILE E 218 -7.79 -30.42 43.01
CA ILE E 218 -8.31 -30.46 41.67
C ILE E 218 -8.07 -31.84 41.09
N ILE E 219 -9.14 -32.54 40.78
CA ILE E 219 -9.03 -33.71 39.94
C ILE E 219 -9.21 -33.27 38.50
N PRO E 220 -8.34 -33.76 37.61
CA PRO E 220 -8.54 -33.58 36.19
C PRO E 220 -9.85 -34.19 35.70
N ASN E 221 -10.07 -34.12 34.39
CA ASN E 221 -11.34 -34.43 33.77
C ASN E 221 -11.06 -34.75 32.33
N ILE E 222 -10.90 -36.03 32.04
CA ILE E 222 -10.52 -36.49 30.70
C ILE E 222 -11.75 -36.31 29.79
N GLY E 223 -11.52 -36.14 28.48
CA GLY E 223 -12.60 -35.80 27.55
C GLY E 223 -12.17 -34.78 26.51
N SER E 224 -12.94 -34.67 25.43
CA SER E 224 -12.54 -33.85 24.29
C SER E 224 -13.18 -32.49 24.34
N ARG E 225 -12.40 -31.49 23.96
CA ARG E 225 -12.86 -30.09 23.90
C ARG E 225 -12.64 -29.62 22.47
N PRO E 226 -13.30 -28.52 22.07
CA PRO E 226 -13.08 -28.03 20.75
C PRO E 226 -11.61 -27.86 20.54
N LEU E 227 -11.17 -28.02 19.29
CA LEU E 227 -9.76 -28.15 18.95
C LEU E 227 -9.18 -26.76 18.82
N VAL E 228 -8.01 -26.54 19.42
CA VAL E 228 -7.32 -25.24 19.40
C VAL E 228 -5.83 -25.44 19.30
N ARG E 229 -5.23 -24.69 18.37
CA ARG E 229 -3.82 -24.87 17.92
C ARG E 229 -3.39 -26.36 17.97
N GLY E 230 -4.18 -27.18 17.30
CA GLY E 230 -3.97 -28.62 17.24
C GLY E 230 -4.18 -29.39 18.53
N GLN E 231 -4.89 -28.80 19.50
CA GLN E 231 -5.06 -29.42 20.82
C GLN E 231 -6.50 -29.35 21.31
N SER E 232 -6.95 -30.46 21.88
CA SER E 232 -8.27 -30.59 22.45
C SER E 232 -8.16 -30.99 23.90
N GLY E 233 -7.00 -30.81 24.51
CA GLY E 233 -6.87 -30.84 25.96
C GLY E 233 -6.90 -29.41 26.45
N ARG E 234 -6.86 -29.22 27.75
CA ARG E 234 -6.89 -27.88 28.30
C ARG E 234 -6.09 -27.82 29.55
N ILE E 235 -5.50 -26.66 29.79
CA ILE E 235 -4.90 -26.42 31.08
C ILE E 235 -5.77 -25.48 31.87
N SER E 236 -6.14 -25.88 33.08
CA SER E 236 -6.82 -24.98 33.96
C SER E 236 -5.81 -24.33 34.92
N VAL E 237 -5.92 -23.02 35.14
CA VAL E 237 -4.95 -22.31 35.95
C VAL E 237 -5.49 -21.84 37.29
N TYR E 238 -4.64 -21.90 38.31
CA TYR E 238 -5.02 -21.58 39.67
C TYR E 238 -3.90 -20.81 40.37
N TRP E 239 -4.25 -20.02 41.36
CA TRP E 239 -3.24 -19.30 42.11
C TRP E 239 -3.28 -19.53 43.61
N THR E 240 -2.12 -19.47 44.22
CA THR E 240 -2.06 -19.49 45.65
C THR E 240 -1.20 -18.36 46.11
N ILE E 241 -1.73 -17.61 47.06
CA ILE E 241 -0.99 -16.59 47.78
C ILE E 241 -0.41 -17.16 49.07
N VAL E 242 0.83 -16.79 49.39
CA VAL E 242 1.47 -17.32 50.57
C VAL E 242 2.03 -16.17 51.37
N LYS E 243 1.52 -16.02 52.58
CA LYS E 243 1.85 -14.85 53.37
C LYS E 243 3.18 -15.08 54.07
N PRO E 244 3.86 -14.00 54.45
CA PRO E 244 5.09 -14.12 55.22
C PRO E 244 4.91 -15.08 56.36
N GLY E 245 5.88 -15.95 56.53
CA GLY E 245 5.82 -16.86 57.65
C GLY E 245 4.95 -18.05 57.40
N ASP E 246 4.09 -18.02 56.38
CA ASP E 246 3.34 -19.21 55.96
C ASP E 246 4.22 -20.10 55.09
N ILE E 247 3.75 -21.29 54.77
CA ILE E 247 4.50 -22.25 53.93
C ILE E 247 3.65 -22.66 52.74
N LEU E 248 4.28 -23.07 51.63
CA LEU E 248 3.53 -23.66 50.49
C LEU E 248 3.82 -25.14 50.36
N VAL E 249 2.82 -25.94 50.04
CA VAL E 249 3.08 -27.37 49.85
C VAL E 249 2.32 -27.94 48.67
N ILE E 250 3.06 -28.41 47.66
CA ILE E 250 2.49 -29.00 46.44
C ILE E 250 2.56 -30.51 46.53
N ASN E 251 1.48 -31.18 46.18
CA ASN E 251 1.36 -32.61 46.43
C ASN E 251 0.47 -33.23 45.36
N SER E 252 1.06 -34.00 44.45
CA SER E 252 0.32 -34.50 43.30
C SER E 252 0.88 -35.80 42.75
N ASN E 253 -0.01 -36.68 42.32
CA ASN E 253 0.39 -37.91 41.62
C ASN E 253 0.07 -37.88 40.12
N GLY E 254 0.30 -36.76 39.46
CA GLY E 254 0.05 -36.65 38.03
C GLY E 254 -0.81 -35.46 37.67
N ASN E 255 -0.50 -34.90 36.49
CA ASN E 255 -1.24 -33.82 35.84
C ASN E 255 -0.86 -32.40 36.32
N LEU E 256 0.10 -32.30 37.25
CA LEU E 256 0.47 -31.00 37.81
C LEU E 256 1.23 -30.27 36.76
N ILE E 257 0.83 -29.03 36.53
CA ILE E 257 1.61 -28.10 35.78
C ILE E 257 2.18 -27.14 36.82
N ALA E 258 3.50 -27.16 36.99
CA ALA E 258 4.12 -26.67 38.20
C ALA E 258 4.61 -25.27 38.00
N PRO E 259 4.75 -24.53 39.10
CA PRO E 259 5.32 -23.22 39.03
C PRO E 259 6.82 -23.31 39.11
N ARG E 260 7.47 -22.31 38.57
CA ARG E 260 8.91 -22.23 38.64
C ARG E 260 9.35 -21.32 39.75
N GLY E 261 8.41 -20.60 40.37
CA GLY E 261 8.75 -19.50 41.30
C GLY E 261 7.53 -18.73 41.79
N TYR E 262 7.70 -17.43 42.03
CA TYR E 262 6.58 -16.63 42.50
C TYR E 262 6.64 -15.23 41.97
N PHE E 263 5.48 -14.58 41.99
CA PHE E 263 5.37 -13.16 41.69
C PHE E 263 5.36 -12.33 42.97
N LYS E 264 6.18 -11.31 43.04
CA LYS E 264 6.12 -10.37 44.15
C LYS E 264 4.76 -9.68 44.13
N MET E 265 4.07 -9.66 45.26
CA MET E 265 2.93 -8.77 45.39
C MET E 265 3.21 -7.39 46.02
N HIS E 266 2.60 -6.36 45.44
CA HIS E 266 2.66 -4.99 45.92
C HIS E 266 1.29 -4.47 46.27
N ILE E 267 1.32 -3.40 47.06
CA ILE E 267 0.15 -2.65 47.43
C ILE E 267 0.39 -1.29 46.83
N GLY E 268 -0.63 -0.69 46.25
CA GLY E 268 -0.46 0.62 45.64
C GLY E 268 -1.55 0.97 44.68
N LYS E 269 -1.32 2.05 43.95
CA LYS E 269 -2.30 2.72 43.09
C LYS E 269 -2.44 2.09 41.69
N SER E 270 -2.08 0.82 41.54
CA SER E 270 -1.99 0.22 40.21
C SER E 270 -3.31 -0.38 39.72
N SER E 271 -3.51 -0.30 38.40
CA SER E 271 -4.73 -0.83 37.79
C SER E 271 -4.56 -1.14 36.29
N ILE E 272 -5.68 -1.43 35.64
CA ILE E 272 -5.73 -1.88 34.26
C ILE E 272 -7.00 -1.36 33.60
N MET E 273 -6.89 -1.05 32.32
CA MET E 273 -7.95 -0.42 31.56
C MET E 273 -7.93 -1.02 30.19
N ARG E 274 -9.10 -1.16 29.58
CA ARG E 274 -9.18 -1.64 28.19
C ARG E 274 -9.38 -0.47 27.28
N SER E 275 -8.45 -0.28 26.36
CA SER E 275 -8.58 0.83 25.42
C SER E 275 -7.72 0.67 24.20
N ASP E 276 -8.21 1.26 23.11
CA ASP E 276 -7.45 1.25 21.86
C ASP E 276 -6.80 2.60 21.54
N ALA E 277 -6.81 3.52 22.50
CA ALA E 277 -6.17 4.82 22.34
C ALA E 277 -4.64 4.72 22.27
N PRO E 278 -4.01 5.59 21.46
CA PRO E 278 -2.54 5.49 21.34
C PRO E 278 -1.88 6.29 22.45
N ILE E 279 -0.62 5.95 22.73
CA ILE E 279 0.12 6.56 23.87
C ILE E 279 0.92 7.74 23.37
N ASP E 280 0.87 8.86 24.09
CA ASP E 280 1.54 10.11 23.67
C ASP E 280 2.43 10.58 24.78
N THR E 281 3.41 11.39 24.40
CA THR E 281 4.16 12.18 25.36
C THR E 281 3.41 13.44 25.64
N CYS E 282 2.83 13.53 26.83
CA CYS E 282 2.22 14.77 27.32
C CYS E 282 1.95 14.53 28.78
N ILE E 283 1.32 15.49 29.44
CA ILE E 283 0.99 15.38 30.86
C ILE E 283 -0.50 15.46 31.05
N SER E 284 -1.06 14.45 31.70
CA SER E 284 -2.46 14.48 32.08
C SER E 284 -2.78 13.54 33.23
N GLU E 285 -3.37 14.11 34.28
CA GLU E 285 -3.69 13.36 35.46
C GLU E 285 -4.79 12.36 35.19
N CYS E 286 -5.87 12.82 34.53
CA CYS E 286 -7.02 11.97 34.24
C CYS E 286 -6.88 11.18 32.96
N ILE E 287 -7.15 9.87 33.04
CA ILE E 287 -7.16 8.98 31.87
C ILE E 287 -8.51 8.28 31.72
N THR E 288 -9.06 8.26 30.50
CA THR E 288 -10.23 7.40 30.21
C THR E 288 -9.92 6.46 29.07
N PRO E 289 -10.73 5.41 28.91
CA PRO E 289 -10.45 4.50 27.82
C PRO E 289 -10.47 5.26 26.49
N ASN E 290 -11.38 6.26 26.38
CA ASN E 290 -11.43 7.19 25.23
C ASN E 290 -10.16 8.13 25.06
N GLY E 291 -9.09 7.96 25.85
CA GLY E 291 -8.00 8.93 25.93
C GLY E 291 -8.08 9.82 27.18
N SER E 292 -7.01 10.59 27.41
CA SER E 292 -6.91 11.49 28.55
C SER E 292 -7.89 12.66 28.49
N ILE E 293 -8.09 13.30 29.64
CA ILE E 293 -8.92 14.50 29.70
C ILE E 293 -8.44 15.50 30.75
N PRO E 294 -8.60 16.81 30.48
CA PRO E 294 -8.33 17.82 31.51
C PRO E 294 -9.26 17.69 32.73
N ASN E 295 -8.72 17.92 33.91
CA ASN E 295 -9.46 17.72 35.15
C ASN E 295 -9.75 19.01 35.92
N GLU E 296 -10.03 20.08 35.17
CA GLU E 296 -10.22 21.43 35.73
C GLU E 296 -11.68 21.59 36.10
N LYS E 297 -12.54 21.03 35.27
CA LYS E 297 -13.96 21.02 35.50
C LYS E 297 -14.31 19.95 36.51
N PRO E 298 -15.28 20.23 37.37
CA PRO E 298 -15.67 19.22 38.36
C PRO E 298 -16.36 17.97 37.75
N PHE E 299 -16.90 18.06 36.55
CA PHE E 299 -17.65 16.95 35.99
C PHE E 299 -17.16 16.56 34.60
N GLN E 300 -17.68 15.44 34.13
CA GLN E 300 -17.29 14.90 32.84
C GLN E 300 -18.29 13.88 32.33
N ASN E 301 -18.36 13.84 31.02
CA ASN E 301 -19.40 13.15 30.33
C ASN E 301 -18.78 12.18 29.31
N VAL E 302 -17.49 11.93 29.44
CA VAL E 302 -16.75 11.13 28.49
C VAL E 302 -16.81 9.64 28.78
N ASN E 303 -16.74 9.25 30.05
CA ASN E 303 -16.75 7.82 30.36
C ASN E 303 -16.82 7.60 31.88
N LYS E 304 -17.73 6.73 32.30
CA LYS E 304 -17.79 6.33 33.72
C LYS E 304 -16.53 5.61 34.20
N ILE E 305 -15.80 5.03 33.26
CA ILE E 305 -14.52 4.41 33.51
C ILE E 305 -13.43 5.44 33.49
N THR E 306 -12.67 5.55 34.58
CA THR E 306 -11.55 6.50 34.64
C THR E 306 -10.42 5.98 35.51
N TYR E 307 -9.30 6.72 35.48
CA TYR E 307 -8.11 6.42 36.29
C TYR E 307 -7.34 7.69 36.55
N GLY E 308 -7.00 7.96 37.80
CA GLY E 308 -6.29 9.17 38.14
C GLY E 308 -7.19 10.21 38.78
N ALA E 309 -6.71 11.46 38.74
CA ALA E 309 -7.44 12.60 39.30
C ALA E 309 -8.36 13.13 38.23
N CYS E 310 -9.65 12.90 38.40
CA CYS E 310 -10.60 13.00 37.31
C CYS E 310 -11.85 13.69 37.79
N PRO E 311 -12.51 14.43 36.91
CA PRO E 311 -13.85 14.88 37.24
C PRO E 311 -14.85 13.72 37.43
N LYS E 312 -16.02 14.04 37.97
CA LYS E 312 -17.04 13.07 38.25
C LYS E 312 -17.91 12.79 37.01
N TYR E 313 -18.10 11.53 36.69
CA TYR E 313 -18.92 11.23 35.55
C TYR E 313 -20.31 11.58 35.94
N VAL E 314 -21.01 12.25 35.02
CA VAL E 314 -22.43 12.49 35.10
C VAL E 314 -23.05 12.25 33.74
N LYS E 315 -24.38 12.36 33.66
CA LYS E 315 -25.13 12.03 32.46
C LYS E 315 -25.21 13.19 31.47
N GLN E 316 -25.35 14.40 32.02
CA GLN E 316 -25.47 15.65 31.25
C GLN E 316 -24.26 15.93 30.34
N ASN E 317 -24.50 16.43 29.13
CA ASN E 317 -23.42 16.83 28.18
C ASN E 317 -22.98 18.27 28.36
N THR E 318 -23.78 19.02 29.14
CA THR E 318 -23.51 20.43 29.43
C THR E 318 -24.21 20.91 30.70
N LEU E 319 -23.50 21.75 31.45
CA LEU E 319 -24.04 22.47 32.61
C LEU E 319 -23.34 23.81 32.71
N LYS E 320 -24.12 24.89 32.68
CA LYS E 320 -23.57 26.24 32.69
C LYS E 320 -23.77 27.01 34.03
N LEU E 321 -22.65 27.33 34.64
CA LEU E 321 -22.62 28.11 35.86
C LEU E 321 -22.45 29.60 35.53
N ALA E 322 -23.27 30.42 36.17
CA ALA E 322 -23.21 31.87 35.96
C ALA E 322 -22.00 32.42 36.66
N THR E 323 -21.12 33.03 35.86
CA THR E 323 -19.97 33.77 36.38
C THR E 323 -20.24 35.29 36.43
N GLY E 324 -21.43 35.71 36.00
CA GLY E 324 -21.83 37.11 36.04
C GLY E 324 -23.31 37.34 36.27
N MET E 325 -23.69 38.62 36.39
CA MET E 325 -25.06 39.01 36.73
C MET E 325 -26.05 38.80 35.58
N ARG E 326 -27.30 39.19 35.83
CA ARG E 326 -28.34 39.07 34.79
C ARG E 326 -28.11 40.10 33.69
N ASN E 327 -28.35 39.71 32.44
CA ASN E 327 -28.02 40.57 31.30
C ASN E 327 -29.25 41.14 30.54
N VAL E 328 -29.44 42.47 30.63
CA VAL E 328 -30.52 43.21 29.89
C VAL E 328 -29.93 44.26 28.94
N PRO E 329 -29.80 43.94 27.64
CA PRO E 329 -29.19 44.88 26.68
C PRO E 329 -29.98 46.19 26.41
N GLY F 1 -35.13 39.30 39.89
CA GLY F 1 -34.35 39.04 41.14
C GLY F 1 -35.06 39.42 42.42
N LEU F 2 -34.49 38.98 43.53
CA LEU F 2 -35.15 39.10 44.83
C LEU F 2 -35.37 40.53 45.35
N PHE F 3 -34.48 41.48 45.03
CA PHE F 3 -34.69 42.88 45.46
C PHE F 3 -35.37 43.70 44.37
N GLY F 4 -35.19 43.27 43.12
CA GLY F 4 -35.86 43.88 41.99
C GLY F 4 -35.22 45.18 41.55
N ALA F 5 -33.90 45.26 41.65
CA ALA F 5 -33.14 46.40 41.13
C ALA F 5 -32.78 46.09 39.69
N ILE F 6 -31.76 45.23 39.49
CA ILE F 6 -31.36 44.75 38.16
C ILE F 6 -32.59 44.20 37.47
N ALA F 7 -32.75 44.49 36.17
CA ALA F 7 -33.98 44.15 35.46
C ALA F 7 -35.24 44.34 36.32
N GLY F 8 -35.31 45.46 37.04
CA GLY F 8 -36.39 45.73 37.99
C GLY F 8 -36.93 47.15 37.87
N PHE F 9 -36.57 48.02 38.82
CA PHE F 9 -36.81 49.43 38.58
C PHE F 9 -35.80 49.99 37.55
N ILE F 10 -34.58 49.45 37.50
CA ILE F 10 -33.61 49.81 36.43
C ILE F 10 -33.88 49.05 35.14
N GLU F 11 -34.25 49.78 34.10
CA GLU F 11 -34.67 49.19 32.81
C GLU F 11 -33.57 48.38 32.13
N ASN F 12 -32.32 48.77 32.36
CA ASN F 12 -31.28 48.54 31.38
C ASN F 12 -29.85 48.58 31.91
N GLY F 13 -28.96 48.04 31.10
CA GLY F 13 -27.54 47.99 31.38
C GLY F 13 -26.72 48.62 30.26
N TRP F 14 -25.58 49.16 30.65
CA TRP F 14 -24.83 50.06 29.80
C TRP F 14 -23.67 49.35 29.09
N GLU F 15 -23.97 48.90 27.88
CA GLU F 15 -23.03 48.14 27.04
C GLU F 15 -21.71 48.85 26.68
N GLY F 16 -21.52 50.06 27.18
CA GLY F 16 -20.23 50.73 27.05
C GLY F 16 -19.33 50.36 28.21
N MET F 17 -19.89 50.32 29.42
CA MET F 17 -19.12 50.28 30.66
C MET F 17 -18.12 49.10 30.69
N VAL F 18 -17.04 49.22 29.91
CA VAL F 18 -15.94 48.25 29.86
C VAL F 18 -14.93 48.54 30.99
N ASP F 19 -15.38 49.13 32.11
CA ASP F 19 -14.47 49.48 33.22
C ASP F 19 -14.93 48.96 34.59
N GLY F 20 -16.09 48.32 34.63
CA GLY F 20 -16.67 47.88 35.90
C GLY F 20 -18.03 47.24 35.73
N TRP F 21 -18.59 46.77 36.84
CA TRP F 21 -19.89 46.09 36.85
C TRP F 21 -20.96 47.06 37.30
N TYR F 22 -20.61 47.92 38.26
CA TYR F 22 -21.47 49.02 38.66
C TYR F 22 -20.75 50.39 38.50
N GLY F 23 -21.49 51.47 38.71
CA GLY F 23 -20.94 52.82 38.53
C GLY F 23 -22.00 53.88 38.24
N PHE F 24 -21.55 55.06 37.79
CA PHE F 24 -22.42 56.24 37.66
C PHE F 24 -22.33 56.99 36.31
N ARG F 25 -23.52 57.35 35.79
CA ARG F 25 -23.66 58.21 34.60
C ARG F 25 -24.37 59.52 35.00
N HIS F 26 -23.59 60.61 35.11
CA HIS F 26 -24.08 61.93 35.58
C HIS F 26 -24.40 62.92 34.45
N GLN F 27 -25.32 63.86 34.72
CA GLN F 27 -25.70 64.94 33.77
C GLN F 27 -25.95 66.28 34.46
N ASN F 28 -25.05 67.24 34.25
CA ASN F 28 -25.03 68.47 35.04
C ASN F 28 -24.88 69.74 34.18
N SER F 29 -24.22 70.76 34.75
CA SER F 29 -23.90 72.01 34.08
C SER F 29 -22.80 71.88 33.03
N GLU F 30 -21.77 71.12 33.35
CA GLU F 30 -20.61 70.98 32.48
C GLU F 30 -20.84 70.01 31.34
N GLY F 31 -21.79 69.08 31.56
CA GLY F 31 -22.10 68.05 30.58
C GLY F 31 -22.45 66.75 31.27
N THR F 32 -21.73 65.68 30.93
CA THR F 32 -22.01 64.32 31.43
C THR F 32 -20.71 63.52 31.69
N GLY F 33 -20.84 62.20 31.88
CA GLY F 33 -19.68 61.28 31.97
C GLY F 33 -20.08 59.85 32.33
N GLN F 34 -19.11 59.05 32.75
CA GLN F 34 -19.37 57.68 33.23
C GLN F 34 -18.15 57.11 33.91
N ALA F 35 -18.31 56.59 35.12
CA ALA F 35 -17.17 56.04 35.86
C ALA F 35 -17.51 54.76 36.62
N ALA F 36 -16.59 53.79 36.60
CA ALA F 36 -16.74 52.56 37.36
C ALA F 36 -16.81 52.84 38.85
N ASP F 37 -17.44 51.91 39.57
CA ASP F 37 -17.37 51.83 41.05
C ASP F 37 -16.75 50.49 41.51
N LEU F 38 -15.48 50.54 41.90
CA LEU F 38 -14.71 49.34 42.23
C LEU F 38 -15.09 48.64 43.54
N LYS F 39 -15.64 49.36 44.52
CA LYS F 39 -15.87 48.76 45.83
C LYS F 39 -16.97 47.69 45.82
N SER F 40 -18.07 47.95 45.12
CA SER F 40 -19.14 46.96 44.97
C SER F 40 -18.99 46.09 43.68
N THR F 41 -18.07 46.44 42.78
CA THR F 41 -17.76 45.58 41.66
C THR F 41 -16.80 44.50 42.12
N GLN F 42 -15.92 44.82 43.06
CA GLN F 42 -15.07 43.81 43.69
C GLN F 42 -15.86 42.87 44.60
N ALA F 43 -16.90 43.38 45.24
CA ALA F 43 -17.67 42.58 46.19
C ALA F 43 -18.46 41.44 45.54
N ALA F 44 -18.76 41.57 44.25
CA ALA F 44 -19.38 40.49 43.49
C ALA F 44 -18.33 39.54 42.91
N ILE F 45 -17.24 40.10 42.42
CA ILE F 45 -16.15 39.32 41.84
C ILE F 45 -15.36 38.51 42.91
N ASP F 46 -15.54 38.84 44.20
CA ASP F 46 -14.98 38.05 45.30
C ASP F 46 -15.96 37.01 45.82
N GLN F 47 -17.25 37.32 45.75
CA GLN F 47 -18.29 36.36 46.13
C GLN F 47 -18.50 35.27 45.08
N ILE F 48 -18.35 35.62 43.81
CA ILE F 48 -18.56 34.70 42.71
C ILE F 48 -17.35 33.79 42.46
N ASN F 49 -16.20 34.11 43.04
CA ASN F 49 -15.02 33.26 42.78
C ASN F 49 -14.78 32.31 43.91
N GLY F 50 -14.87 32.82 45.12
CA GLY F 50 -14.95 31.94 46.24
C GLY F 50 -16.36 31.38 46.33
N LYS F 51 -16.96 30.88 45.25
CA LYS F 51 -18.24 30.11 45.40
C LYS F 51 -18.25 28.83 44.59
N LEU F 52 -17.09 28.42 44.12
CA LEU F 52 -17.03 27.45 43.04
C LEU F 52 -16.69 26.07 43.63
N ASN F 53 -15.57 26.05 44.34
CA ASN F 53 -15.06 24.91 45.05
C ASN F 53 -14.99 25.31 46.50
N ARG F 54 -16.01 26.04 46.94
CA ARG F 54 -16.23 26.16 48.36
C ARG F 54 -16.81 24.84 48.82
N VAL F 55 -17.45 24.14 47.87
CA VAL F 55 -18.22 22.91 48.13
C VAL F 55 -17.72 21.62 47.45
N ILE F 56 -16.92 21.72 46.39
CA ILE F 56 -16.32 20.53 45.77
C ILE F 56 -14.85 20.35 46.16
N GLU F 57 -14.46 19.10 46.35
CA GLU F 57 -13.13 18.72 46.83
C GLU F 57 -12.02 19.03 45.85
N LYS F 58 -10.80 18.81 46.32
CA LYS F 58 -9.59 18.96 45.52
C LYS F 58 -9.56 17.91 44.40
N THR F 59 -10.66 17.75 43.68
CA THR F 59 -10.82 16.68 42.71
C THR F 59 -10.36 15.33 43.26
N ASN F 60 -11.27 14.58 43.87
CA ASN F 60 -11.01 13.19 44.28
C ASN F 60 -10.20 12.33 43.25
N GLU F 61 -9.19 11.62 43.74
CA GLU F 61 -8.25 10.87 42.92
C GLU F 61 -8.48 9.37 43.17
N LYS F 62 -9.01 8.66 42.17
CA LYS F 62 -9.30 7.22 42.27
C LYS F 62 -8.42 6.38 41.38
N PHE F 63 -8.28 5.12 41.77
CA PHE F 63 -7.30 4.23 41.19
C PHE F 63 -7.94 2.96 40.68
N HIS F 64 -7.55 1.77 41.18
CA HIS F 64 -8.25 0.54 40.81
C HIS F 64 -9.62 0.51 41.42
N GLN F 65 -10.61 0.35 40.56
CA GLN F 65 -11.99 0.29 40.98
C GLN F 65 -12.60 -1.03 40.45
N ILE F 66 -13.90 -1.05 40.23
CA ILE F 66 -14.59 -2.20 39.69
C ILE F 66 -14.71 -2.05 38.17
N GLU F 67 -14.83 -3.17 37.44
CA GLU F 67 -15.04 -3.12 36.00
C GLU F 67 -16.48 -2.71 35.76
N LYS F 68 -16.69 -2.00 34.65
CA LYS F 68 -17.96 -1.33 34.36
C LYS F 68 -18.53 -1.65 32.98
N GLU F 69 -17.79 -2.44 32.20
CA GLU F 69 -18.28 -3.04 30.96
C GLU F 69 -17.96 -4.57 30.90
N PHE F 70 -18.75 -5.33 30.15
CA PHE F 70 -18.63 -6.78 30.20
C PHE F 70 -18.82 -7.45 28.82
N SER F 71 -17.95 -8.40 28.52
CA SER F 71 -18.03 -9.17 27.28
C SER F 71 -19.04 -10.26 27.35
N GLU F 72 -19.22 -10.86 28.53
CA GLU F 72 -20.05 -12.06 28.71
C GLU F 72 -21.16 -11.82 29.72
N VAL F 73 -22.31 -12.44 29.48
CA VAL F 73 -23.41 -12.46 30.45
C VAL F 73 -22.96 -13.32 31.61
N GLU F 74 -23.36 -12.99 32.84
CA GLU F 74 -22.92 -13.76 34.03
C GLU F 74 -23.96 -13.84 35.13
N GLY F 75 -24.95 -12.98 35.13
CA GLY F 75 -26.01 -13.08 36.13
C GLY F 75 -25.83 -12.22 37.35
N ARG F 76 -25.89 -12.84 38.49
CA ARG F 76 -26.17 -12.15 39.75
C ARG F 76 -25.11 -11.13 40.10
N ILE F 77 -23.86 -11.55 39.99
CA ILE F 77 -22.76 -10.74 40.43
C ILE F 77 -22.57 -9.52 39.52
N GLN F 78 -22.67 -9.72 38.21
CA GLN F 78 -22.61 -8.63 37.26
C GLN F 78 -23.87 -7.72 37.33
N ASP F 79 -25.04 -8.29 37.57
CA ASP F 79 -26.21 -7.47 37.89
C ASP F 79 -25.87 -6.43 39.00
N LEU F 80 -25.17 -6.90 40.01
CA LEU F 80 -24.88 -6.10 41.17
C LEU F 80 -23.84 -5.03 40.82
N GLU F 81 -22.79 -5.44 40.09
CA GLU F 81 -21.75 -4.50 39.65
C GLU F 81 -22.36 -3.36 38.83
N ARG F 82 -23.25 -3.69 37.92
CA ARG F 82 -23.83 -2.69 37.04
C ARG F 82 -24.70 -1.74 37.83
N TYR F 83 -25.46 -2.31 38.79
CA TYR F 83 -26.42 -1.55 39.56
C TYR F 83 -25.69 -0.62 40.49
N VAL F 84 -24.55 -1.06 40.99
CA VAL F 84 -23.79 -0.21 41.87
C VAL F 84 -23.40 1.05 41.11
N GLU F 85 -22.90 0.91 39.88
CA GLU F 85 -22.45 2.05 39.13
C GLU F 85 -23.66 2.89 38.78
N ASP F 86 -24.65 2.26 38.16
CA ASP F 86 -25.86 2.98 37.69
C ASP F 86 -26.40 3.85 38.84
N THR F 87 -26.38 3.29 40.05
CA THR F 87 -26.88 3.95 41.23
C THR F 87 -26.09 5.20 41.59
N LYS F 88 -24.77 5.12 41.50
CA LYS F 88 -23.86 6.25 41.75
C LYS F 88 -23.98 7.35 40.71
N VAL F 89 -24.07 6.95 39.45
CA VAL F 89 -24.05 7.90 38.38
C VAL F 89 -25.29 8.77 38.50
N ASP F 90 -26.43 8.17 38.83
CA ASP F 90 -27.67 8.93 38.96
C ASP F 90 -27.65 9.88 40.17
N LEU F 91 -26.85 9.55 41.18
CA LEU F 91 -26.79 10.40 42.34
C LEU F 91 -25.86 11.59 42.09
N TRP F 92 -24.75 11.37 41.41
CA TRP F 92 -23.88 12.48 41.06
C TRP F 92 -24.59 13.30 40.02
N SER F 93 -25.20 12.67 39.05
CA SER F 93 -25.96 13.44 38.07
C SER F 93 -27.00 14.35 38.73
N TYR F 94 -27.63 13.94 39.83
CA TYR F 94 -28.60 14.82 40.49
C TYR F 94 -27.86 15.90 41.23
N ASN F 95 -26.87 15.51 42.02
CA ASN F 95 -26.11 16.45 42.84
C ASN F 95 -25.59 17.64 42.03
N ALA F 96 -25.21 17.39 40.78
CA ALA F 96 -24.59 18.42 39.94
C ALA F 96 -25.63 19.24 39.23
N GLU F 97 -26.77 18.64 38.93
CA GLU F 97 -27.93 19.42 38.52
C GLU F 97 -28.35 20.44 39.60
N LEU F 98 -28.47 19.97 40.85
CA LEU F 98 -28.95 20.81 41.92
C LEU F 98 -27.91 21.79 42.33
N LEU F 99 -26.64 21.40 42.26
CA LEU F 99 -25.56 22.30 42.65
C LEU F 99 -25.67 23.58 41.86
N VAL F 100 -25.73 23.43 40.55
CA VAL F 100 -25.75 24.55 39.61
C VAL F 100 -27.01 25.41 39.79
N ALA F 101 -28.16 24.76 39.86
CA ALA F 101 -29.40 25.49 40.01
C ALA F 101 -29.40 26.36 41.26
N LEU F 102 -28.78 25.88 42.32
CA LEU F 102 -28.70 26.64 43.57
C LEU F 102 -27.67 27.75 43.45
N GLU F 103 -26.53 27.44 42.85
CA GLU F 103 -25.49 28.43 42.73
C GLU F 103 -26.02 29.53 41.81
N ASN F 104 -26.55 29.16 40.67
CA ASN F 104 -27.11 30.15 39.75
C ASN F 104 -28.22 31.01 40.37
N GLN F 105 -29.14 30.45 41.14
CA GLN F 105 -30.12 31.31 41.87
C GLN F 105 -29.42 32.30 42.78
N ASN F 106 -28.38 31.84 43.46
CA ASN F 106 -27.67 32.67 44.40
C ASN F 106 -26.81 33.75 43.73
N THR F 107 -26.14 33.41 42.62
CA THR F 107 -25.31 34.37 41.89
C THR F 107 -26.18 35.54 41.48
N ILE F 108 -27.25 35.20 40.80
CA ILE F 108 -28.23 36.16 40.35
C ILE F 108 -28.84 37.00 41.46
N ASP F 109 -29.05 36.40 42.62
CA ASP F 109 -29.54 37.16 43.80
C ASP F 109 -28.48 38.05 44.44
N LEU F 110 -27.24 37.59 44.54
CA LEU F 110 -26.22 38.38 45.23
C LEU F 110 -25.87 39.61 44.41
N THR F 111 -25.94 39.54 43.08
CA THR F 111 -25.72 40.72 42.23
C THR F 111 -26.85 41.77 42.33
N ASP F 112 -28.11 41.31 42.23
CA ASP F 112 -29.29 42.16 42.46
C ASP F 112 -29.25 42.79 43.87
N SER F 113 -28.58 42.15 44.83
CA SER F 113 -28.30 42.79 46.11
C SER F 113 -27.26 43.88 45.94
N GLU F 114 -26.13 43.56 45.33
CA GLU F 114 -25.05 44.53 45.24
C GLU F 114 -25.45 45.84 44.53
N MET F 115 -26.40 45.78 43.60
CA MET F 115 -26.88 46.98 42.91
C MET F 115 -27.74 47.83 43.84
N ASN F 116 -28.74 47.21 44.42
CA ASN F 116 -29.65 47.86 45.35
C ASN F 116 -29.02 48.27 46.71
N LYS F 117 -27.81 47.80 47.01
CA LYS F 117 -27.08 48.31 48.17
C LYS F 117 -26.22 49.54 47.81
N LEU F 118 -25.81 49.68 46.55
CA LEU F 118 -25.12 50.90 46.06
C LEU F 118 -26.11 52.06 46.02
N PHE F 119 -27.35 51.74 45.65
CA PHE F 119 -28.44 52.71 45.55
C PHE F 119 -28.87 53.28 46.90
N GLU F 120 -28.72 52.49 47.96
CA GLU F 120 -29.11 52.91 49.30
C GLU F 120 -27.90 53.19 50.23
N LYS F 121 -26.70 53.15 49.67
CA LYS F 121 -25.52 53.80 50.27
C LYS F 121 -25.56 55.23 49.77
N THR F 122 -25.86 55.35 48.47
CA THR F 122 -25.99 56.63 47.78
C THR F 122 -27.23 57.44 48.20
N ARG F 123 -28.45 56.91 48.04
CA ARG F 123 -29.65 57.60 48.55
C ARG F 123 -29.46 58.14 49.98
N ARG F 124 -28.72 57.42 50.82
CA ARG F 124 -28.44 57.86 52.20
C ARG F 124 -27.46 59.04 52.31
N GLN F 125 -26.52 59.13 51.37
CA GLN F 125 -25.57 60.26 51.28
C GLN F 125 -26.29 61.57 50.87
N LEU F 126 -27.02 61.51 49.76
CA LEU F 126 -27.74 62.66 49.21
C LEU F 126 -28.93 63.06 50.09
N ARG F 127 -29.26 62.22 51.08
CA ARG F 127 -30.08 62.62 52.25
C ARG F 127 -31.44 63.26 51.91
N GLU F 128 -31.50 64.59 51.86
CA GLU F 128 -32.71 65.34 51.46
C GLU F 128 -32.44 66.39 50.35
N ASN F 129 -31.23 66.40 49.80
CA ASN F 129 -30.83 67.35 48.78
C ASN F 129 -31.30 66.93 47.37
N ALA F 130 -31.98 65.77 47.27
CA ALA F 130 -32.36 65.14 46.00
C ALA F 130 -33.52 64.14 46.18
N GLU F 131 -33.99 63.56 45.07
CA GLU F 131 -35.16 62.67 45.09
C GLU F 131 -35.01 61.39 44.22
N ASP F 132 -35.56 60.29 44.74
CA ASP F 132 -35.61 59.02 44.01
C ASP F 132 -36.61 59.19 42.85
N MET F 133 -36.08 59.36 41.63
CA MET F 133 -36.93 59.48 40.44
C MET F 133 -37.76 58.20 40.20
N GLY F 134 -37.25 57.05 40.64
CA GLY F 134 -37.93 55.76 40.47
C GLY F 134 -37.49 54.99 39.24
N ASN F 135 -36.35 55.41 38.67
CA ASN F 135 -35.73 54.74 37.55
C ASN F 135 -34.26 54.45 37.83
N GLY F 136 -33.84 54.55 39.11
CA GLY F 136 -32.44 54.38 39.48
C GLY F 136 -31.56 55.63 39.42
N CYS F 137 -32.10 56.73 38.90
CA CYS F 137 -31.43 58.03 38.93
C CYS F 137 -32.09 58.91 39.97
N PHE F 138 -31.28 59.67 40.69
CA PHE F 138 -31.78 60.72 41.57
C PHE F 138 -31.77 62.02 40.79
N LYS F 139 -32.68 62.94 41.09
CA LYS F 139 -32.53 64.32 40.61
C LYS F 139 -31.93 65.19 41.71
N ILE F 140 -30.67 65.59 41.48
CA ILE F 140 -29.95 66.51 42.35
C ILE F 140 -30.55 67.90 42.13
N TYR F 141 -30.89 68.57 43.22
CA TYR F 141 -31.51 69.89 43.18
C TYR F 141 -30.52 70.98 43.58
N HIS F 142 -29.34 70.99 42.94
CA HIS F 142 -28.33 72.04 43.13
C HIS F 142 -27.22 72.00 42.05
N LYS F 143 -26.41 73.05 42.01
CA LYS F 143 -25.28 73.12 41.08
C LYS F 143 -24.27 72.02 41.48
N CYS F 144 -24.13 71.00 40.64
CA CYS F 144 -23.23 69.88 40.93
C CYS F 144 -22.31 69.54 39.76
N ASP F 145 -21.06 69.97 39.89
CA ASP F 145 -20.03 69.92 38.85
C ASP F 145 -19.08 68.71 39.05
N ASN F 146 -18.02 68.64 38.24
CA ASN F 146 -17.10 67.47 38.22
C ASN F 146 -16.35 67.06 39.52
N ALA F 147 -16.31 67.93 40.53
CA ALA F 147 -15.77 67.55 41.84
C ALA F 147 -16.86 67.40 42.89
N CYS F 148 -18.07 67.84 42.57
CA CYS F 148 -19.25 67.61 43.42
C CYS F 148 -19.77 66.15 43.26
N ILE F 149 -19.83 65.68 42.02
CA ILE F 149 -20.17 64.30 41.68
C ILE F 149 -19.10 63.37 42.26
N GLU F 150 -17.85 63.61 41.87
CA GLU F 150 -16.69 62.83 42.35
C GLU F 150 -16.59 62.74 43.90
N SER F 151 -17.18 63.68 44.63
CA SER F 151 -17.24 63.61 46.11
C SER F 151 -18.32 62.64 46.59
N ILE F 152 -19.38 62.46 45.79
CA ILE F 152 -20.41 61.44 46.04
C ILE F 152 -19.79 60.06 45.81
N ARG F 153 -19.33 59.86 44.58
CA ARG F 153 -18.75 58.61 44.12
C ARG F 153 -17.69 58.08 45.08
N ASN F 154 -16.77 58.93 45.54
CA ASN F 154 -15.78 58.49 46.56
C ASN F 154 -16.27 58.65 48.02
N GLY F 155 -17.60 58.71 48.21
CA GLY F 155 -18.23 58.58 49.51
C GLY F 155 -17.74 59.51 50.61
N THR F 156 -17.36 60.74 50.24
CA THR F 156 -17.01 61.80 51.20
C THR F 156 -17.93 63.04 51.10
N TYR F 157 -18.79 63.08 50.07
CA TYR F 157 -19.76 64.15 49.86
C TYR F 157 -20.38 64.71 51.16
N ASP F 158 -20.29 66.03 51.34
CA ASP F 158 -20.88 66.72 52.51
C ASP F 158 -22.25 67.34 52.16
N HIS F 159 -23.32 66.77 52.69
CA HIS F 159 -24.68 67.21 52.39
C HIS F 159 -25.06 68.57 52.99
N ASN F 160 -24.44 68.95 54.12
CA ASN F 160 -24.76 70.23 54.80
C ASN F 160 -24.54 71.42 53.86
N ILE F 161 -23.32 71.47 53.30
CA ILE F 161 -22.92 72.48 52.32
C ILE F 161 -24.10 72.88 51.41
N TYR F 162 -24.68 71.92 50.68
CA TYR F 162 -25.75 72.22 49.71
C TYR F 162 -27.18 72.15 50.28
N ARG F 163 -27.32 72.13 51.61
CA ARG F 163 -28.59 71.75 52.26
C ARG F 163 -29.76 72.72 52.04
N ASP F 164 -29.46 74.01 52.13
CA ASP F 164 -30.45 75.09 52.02
C ASP F 164 -30.80 75.32 50.56
N GLU F 165 -29.77 75.53 49.74
CA GLU F 165 -29.91 75.72 48.28
C GLU F 165 -30.71 74.61 47.61
N ALA F 166 -30.51 73.38 48.11
CA ALA F 166 -31.18 72.20 47.58
C ALA F 166 -32.60 72.05 48.11
N VAL F 167 -32.88 72.52 49.32
CA VAL F 167 -34.27 72.63 49.77
C VAL F 167 -34.96 73.75 48.96
N ASN F 168 -34.18 74.80 48.61
CA ASN F 168 -34.65 75.90 47.71
C ASN F 168 -35.11 75.41 46.34
N ASN F 169 -34.17 75.04 45.48
CA ASN F 169 -34.53 74.57 44.14
C ASN F 169 -35.71 73.56 44.23
N ARG F 170 -35.73 72.73 45.29
CA ARG F 170 -36.85 71.79 45.55
C ARG F 170 -38.19 72.50 45.78
N PHE F 171 -38.50 72.86 47.03
CA PHE F 171 -39.82 73.41 47.35
C PHE F 171 -39.95 74.94 47.24
N GLN F 172 -38.84 75.64 46.95
CA GLN F 172 -38.75 77.12 46.97
C GLN F 172 -38.94 77.70 48.39
N ASN G 13 66.40 -32.53 -9.46
CA ASN G 13 66.25 -32.81 -7.99
C ASN G 13 66.83 -31.75 -7.03
N ASN G 14 67.61 -30.80 -7.55
CA ASN G 14 67.96 -29.57 -6.82
C ASN G 14 66.95 -28.43 -7.06
N ALA G 15 65.90 -28.72 -7.81
CA ALA G 15 64.74 -27.84 -7.97
C ALA G 15 63.49 -28.69 -8.09
N ALA G 16 62.33 -28.06 -7.96
CA ALA G 16 61.04 -28.71 -8.21
C ALA G 16 60.17 -27.75 -9.03
N THR G 17 58.95 -28.19 -9.36
CA THR G 17 57.95 -27.33 -10.01
C THR G 17 56.55 -27.59 -9.43
N LEU G 18 55.98 -26.55 -8.82
CA LEU G 18 54.61 -26.59 -8.26
C LEU G 18 53.68 -25.81 -9.17
N CYS G 19 52.59 -26.46 -9.57
CA CYS G 19 51.60 -25.83 -10.43
C CYS G 19 50.23 -25.75 -9.78
N LEU G 20 49.65 -24.55 -9.86
CA LEU G 20 48.30 -24.28 -9.40
C LEU G 20 47.40 -24.21 -10.62
N GLY G 21 46.15 -24.66 -10.46
CA GLY G 21 45.18 -24.58 -11.55
C GLY G 21 43.76 -24.94 -11.16
N HIS G 22 42.95 -25.15 -12.19
CA HIS G 22 41.54 -25.41 -12.01
C HIS G 22 41.09 -26.57 -12.87
N HIS G 23 39.93 -27.12 -12.52
CA HIS G 23 39.32 -28.21 -13.28
C HIS G 23 38.79 -27.69 -14.62
N ALA G 24 38.25 -28.62 -15.43
CA ALA G 24 37.58 -28.31 -16.71
C ALA G 24 36.67 -29.45 -17.19
N VAL G 25 36.00 -29.27 -18.34
CA VAL G 25 35.22 -30.38 -18.92
C VAL G 25 35.29 -30.46 -20.45
N PRO G 26 34.98 -31.66 -21.00
CA PRO G 26 35.00 -31.81 -22.46
C PRO G 26 33.92 -30.97 -23.12
N ASN G 27 32.67 -31.24 -22.75
CA ASN G 27 31.51 -30.48 -23.19
C ASN G 27 30.95 -29.70 -21.99
N GLY G 28 31.22 -28.38 -22.01
CA GLY G 28 30.69 -27.42 -21.05
C GLY G 28 29.62 -26.57 -21.72
N THR G 29 29.00 -25.68 -20.94
CA THR G 29 27.81 -24.92 -21.36
C THR G 29 28.11 -23.47 -21.64
N MET G 30 27.27 -22.85 -22.50
CA MET G 30 27.30 -21.41 -22.75
C MET G 30 26.23 -20.68 -21.94
N VAL G 31 26.63 -19.57 -21.30
CA VAL G 31 25.74 -18.68 -20.54
C VAL G 31 25.99 -17.23 -20.94
N LYS G 32 25.24 -16.30 -20.36
CA LYS G 32 25.40 -14.85 -20.60
C LYS G 32 25.74 -14.16 -19.28
N THR G 33 26.50 -13.08 -19.37
CA THR G 33 26.81 -12.23 -18.20
C THR G 33 26.65 -10.80 -18.63
N ILE G 34 26.91 -9.89 -17.70
CA ILE G 34 26.91 -8.45 -17.96
C ILE G 34 27.91 -8.04 -19.03
N THR G 35 28.91 -8.90 -19.30
CA THR G 35 30.03 -8.59 -20.21
C THR G 35 30.40 -9.59 -21.35
N ASP G 36 29.70 -10.74 -21.47
CA ASP G 36 29.75 -11.60 -22.70
C ASP G 36 28.35 -12.09 -23.02
N ASP G 37 27.96 -12.10 -24.31
CA ASP G 37 26.61 -12.61 -24.64
C ASP G 37 26.70 -14.10 -24.50
N GLN G 38 27.90 -14.60 -24.72
CA GLN G 38 28.21 -15.99 -24.50
C GLN G 38 29.66 -16.19 -24.03
N ILE G 39 29.80 -17.19 -23.16
CA ILE G 39 31.03 -17.50 -22.45
C ILE G 39 30.92 -18.92 -21.88
N GLU G 40 31.97 -19.73 -21.97
CA GLU G 40 31.80 -21.15 -21.65
C GLU G 40 31.98 -21.38 -20.15
N VAL G 41 31.21 -22.35 -19.62
CA VAL G 41 31.25 -22.73 -18.18
C VAL G 41 31.07 -24.24 -17.94
N THR G 42 31.44 -24.64 -16.73
CA THR G 42 31.61 -26.03 -16.36
C THR G 42 30.30 -26.73 -16.08
N ASN G 43 29.41 -26.07 -15.34
CA ASN G 43 28.03 -26.56 -15.11
C ASN G 43 27.10 -25.37 -15.18
N ALA G 44 25.85 -25.65 -15.50
CA ALA G 44 24.85 -24.61 -15.54
C ALA G 44 23.48 -25.22 -15.25
N THR G 45 22.51 -24.36 -15.03
CA THR G 45 21.20 -24.79 -14.60
C THR G 45 20.12 -23.91 -15.22
N GLU G 46 18.97 -24.53 -15.53
CA GLU G 46 17.90 -23.87 -16.25
C GLU G 46 16.91 -23.32 -15.26
N LEU G 47 16.63 -22.01 -15.36
CA LEU G 47 15.72 -21.35 -14.43
C LEU G 47 14.28 -21.25 -14.91
N VAL G 48 14.02 -21.56 -16.19
CA VAL G 48 12.68 -21.42 -16.70
C VAL G 48 12.08 -22.76 -16.93
N GLN G 49 10.94 -23.01 -16.33
CA GLN G 49 10.19 -24.22 -16.59
C GLN G 49 9.36 -24.04 -17.85
N ASN G 50 9.57 -24.87 -18.87
CA ASN G 50 8.90 -24.68 -20.17
C ASN G 50 8.05 -25.87 -20.66
N SER G 51 7.78 -26.85 -19.81
CA SER G 51 6.97 -27.99 -20.20
C SER G 51 5.99 -28.38 -19.12
N SER G 52 5.07 -29.27 -19.49
CA SER G 52 4.03 -29.72 -18.60
C SER G 52 3.68 -31.19 -18.91
N THR G 53 3.62 -32.04 -17.90
CA THR G 53 3.13 -33.41 -18.10
C THR G 53 1.80 -33.47 -18.88
N GLY G 54 0.99 -32.44 -18.71
CA GLY G 54 -0.24 -32.35 -19.43
C GLY G 54 -1.45 -32.82 -18.70
N LYS G 55 -1.26 -33.12 -17.41
CA LYS G 55 -2.34 -33.66 -16.57
C LYS G 55 -2.41 -32.71 -15.41
N ILE G 56 -3.56 -32.67 -14.76
CA ILE G 56 -3.76 -31.90 -13.54
C ILE G 56 -3.85 -32.86 -12.35
N CYS G 57 -2.85 -32.76 -11.49
CA CYS G 57 -2.75 -33.57 -10.29
C CYS G 57 -3.82 -33.17 -9.32
N ASN G 58 -4.53 -34.16 -8.80
CA ASN G 58 -5.60 -33.91 -7.83
C ASN G 58 -5.17 -33.70 -6.37
N ASN G 59 -3.90 -33.35 -6.14
CA ASN G 59 -3.36 -33.03 -4.81
C ASN G 59 -2.24 -32.00 -4.91
N PRO G 60 -2.05 -31.18 -3.85
CA PRO G 60 -2.78 -31.07 -2.58
C PRO G 60 -4.04 -30.26 -2.68
N HIS G 61 -4.33 -29.68 -3.84
CA HIS G 61 -5.55 -28.91 -4.02
C HIS G 61 -6.71 -29.79 -4.42
N LYS G 62 -7.89 -29.46 -3.89
CA LYS G 62 -9.14 -30.15 -4.22
C LYS G 62 -9.65 -29.70 -5.58
N ILE G 63 -9.48 -30.56 -6.57
CA ILE G 63 -9.90 -30.25 -7.94
C ILE G 63 -11.32 -30.71 -8.16
N LEU G 64 -12.12 -29.93 -8.88
CA LEU G 64 -13.51 -30.34 -9.14
C LEU G 64 -13.80 -30.22 -10.63
N ASP G 65 -14.03 -31.36 -11.26
CA ASP G 65 -14.16 -31.45 -12.69
C ASP G 65 -15.59 -31.15 -13.00
N GLY G 66 -15.79 -30.10 -13.77
CA GLY G 66 -17.12 -29.62 -14.06
C GLY G 66 -17.80 -30.42 -15.13
N ARG G 67 -16.96 -31.08 -15.94
CA ARG G 67 -17.36 -31.92 -17.08
C ARG G 67 -18.25 -31.13 -18.00
N ASP G 68 -19.50 -31.56 -18.11
CA ASP G 68 -20.46 -30.99 -19.04
C ASP G 68 -21.15 -29.75 -18.49
N CYS G 69 -20.64 -29.21 -17.39
CA CYS G 69 -21.26 -28.09 -16.68
C CYS G 69 -20.35 -26.89 -16.43
N THR G 70 -20.89 -25.70 -16.70
CA THR G 70 -20.25 -24.46 -16.31
C THR G 70 -20.68 -24.17 -14.90
N LEU G 71 -19.82 -23.46 -14.17
CA LEU G 71 -20.09 -23.14 -12.75
C LEU G 71 -21.43 -22.45 -12.54
N ILE G 72 -21.80 -21.51 -13.39
CA ILE G 72 -23.14 -20.91 -13.28
C ILE G 72 -24.30 -21.94 -13.45
N ASP G 73 -24.25 -22.82 -14.46
CA ASP G 73 -25.31 -23.85 -14.61
C ASP G 73 -25.35 -24.82 -13.42
N ALA G 74 -24.18 -25.23 -12.94
CA ALA G 74 -24.10 -25.96 -11.68
C ALA G 74 -24.76 -25.16 -10.53
N LEU G 75 -24.39 -23.89 -10.43
CA LEU G 75 -25.02 -22.96 -9.49
C LEU G 75 -26.53 -23.01 -9.58
N LEU G 76 -27.05 -22.58 -10.74
CA LEU G 76 -28.49 -22.47 -10.98
C LEU G 76 -29.27 -23.77 -10.88
N GLY G 77 -28.68 -24.86 -11.35
CA GLY G 77 -29.29 -26.20 -11.25
C GLY G 77 -29.95 -26.66 -12.54
N ASP G 78 -29.23 -26.49 -13.62
CA ASP G 78 -29.56 -27.15 -14.86
C ASP G 78 -29.67 -28.62 -14.48
N PRO G 79 -30.79 -29.26 -14.79
CA PRO G 79 -30.98 -30.65 -14.41
C PRO G 79 -29.75 -31.54 -14.66
N HIS G 80 -29.11 -31.43 -15.82
CA HIS G 80 -27.90 -32.25 -16.06
C HIS G 80 -26.66 -31.88 -15.22
N CYS G 81 -26.80 -30.98 -14.25
CA CYS G 81 -25.71 -30.61 -13.35
C CYS G 81 -26.10 -30.92 -11.92
N ASP G 82 -27.07 -31.80 -11.71
CA ASP G 82 -27.52 -32.11 -10.37
C ASP G 82 -26.48 -32.81 -9.52
N VAL G 83 -25.57 -33.52 -10.14
CA VAL G 83 -24.55 -34.23 -9.39
C VAL G 83 -23.67 -33.23 -8.59
N PHE G 84 -23.57 -31.98 -9.07
CA PHE G 84 -22.75 -30.89 -8.45
C PHE G 84 -23.43 -30.11 -7.28
N GLN G 85 -24.67 -30.42 -6.91
CA GLN G 85 -25.30 -29.78 -5.76
C GLN G 85 -24.43 -29.89 -4.51
N ASN G 86 -24.46 -28.87 -3.66
CA ASN G 86 -23.66 -28.84 -2.43
C ASN G 86 -22.15 -29.21 -2.56
N GLU G 87 -21.59 -29.23 -3.77
CA GLU G 87 -20.18 -29.51 -3.94
C GLU G 87 -19.29 -28.35 -3.52
N THR G 88 -17.98 -28.62 -3.44
CA THR G 88 -16.92 -27.66 -3.05
C THR G 88 -15.60 -27.96 -3.78
N TRP G 89 -14.72 -26.95 -3.83
CA TRP G 89 -13.48 -27.05 -4.61
C TRP G 89 -12.51 -26.03 -4.08
N ASP G 90 -11.24 -26.34 -4.20
CA ASP G 90 -10.21 -25.33 -4.17
C ASP G 90 -10.14 -24.78 -5.60
N LEU G 91 -10.11 -25.70 -6.59
CA LEU G 91 -10.09 -25.35 -8.03
C LEU G 91 -11.21 -25.97 -8.86
N PHE G 92 -12.01 -25.12 -9.51
CA PHE G 92 -13.02 -25.56 -10.45
C PHE G 92 -12.48 -25.57 -11.87
N VAL G 93 -12.47 -26.72 -12.50
CA VAL G 93 -12.03 -26.85 -13.87
C VAL G 93 -13.24 -26.86 -14.81
N GLU G 94 -13.35 -25.83 -15.66
CA GLU G 94 -14.50 -25.65 -16.58
C GLU G 94 -14.00 -26.18 -17.90
N ARG G 95 -14.87 -26.90 -18.60
CA ARG G 95 -14.46 -27.63 -19.80
C ARG G 95 -14.96 -27.00 -21.07
N SER G 96 -14.13 -26.92 -22.10
CA SER G 96 -14.58 -26.30 -23.35
C SER G 96 -15.87 -26.89 -23.96
N ASN G 97 -16.12 -28.18 -23.75
CA ASN G 97 -17.28 -28.86 -24.35
C ASN G 97 -18.59 -28.74 -23.52
N ALA G 98 -18.62 -27.87 -22.51
CA ALA G 98 -19.78 -27.83 -21.63
C ALA G 98 -20.92 -27.13 -22.36
N PHE G 99 -22.14 -27.50 -22.03
CA PHE G 99 -23.29 -26.91 -22.67
C PHE G 99 -24.32 -26.68 -21.59
N SER G 100 -25.31 -25.88 -21.95
CA SER G 100 -26.49 -25.70 -21.11
C SER G 100 -27.59 -26.50 -21.78
N ASN G 101 -28.60 -26.85 -21.02
CA ASN G 101 -29.74 -27.59 -21.52
C ASN G 101 -31.00 -27.33 -20.68
N CYS G 102 -31.28 -26.05 -20.42
CA CYS G 102 -32.46 -25.64 -19.67
C CYS G 102 -33.04 -24.42 -20.34
N TYR G 103 -34.02 -23.79 -19.72
CA TYR G 103 -34.59 -22.55 -20.25
C TYR G 103 -33.49 -21.54 -20.55
N PRO G 104 -33.59 -20.82 -21.68
CA PRO G 104 -32.46 -19.95 -22.04
C PRO G 104 -32.39 -18.70 -21.18
N TYR G 105 -31.15 -18.27 -20.86
CA TYR G 105 -30.94 -17.21 -19.86
C TYR G 105 -29.73 -16.34 -20.16
N ASP G 106 -29.64 -15.21 -19.49
CA ASP G 106 -28.46 -14.35 -19.53
C ASP G 106 -28.24 -13.84 -18.12
N VAL G 107 -27.02 -13.38 -17.86
CA VAL G 107 -26.66 -12.89 -16.55
C VAL G 107 -26.01 -11.54 -16.78
N PRO G 108 -26.75 -10.48 -16.54
CA PRO G 108 -26.08 -9.23 -16.49
C PRO G 108 -24.97 -9.35 -15.48
N ASP G 109 -23.76 -9.02 -15.94
CA ASP G 109 -22.53 -9.14 -15.18
C ASP G 109 -22.14 -10.58 -14.79
N TYR G 110 -22.31 -11.48 -15.75
CA TYR G 110 -21.94 -12.88 -15.63
C TYR G 110 -20.52 -13.09 -15.13
N ALA G 111 -19.58 -12.40 -15.75
CA ALA G 111 -18.16 -12.56 -15.38
C ALA G 111 -17.95 -12.43 -13.90
N SER G 112 -18.66 -11.46 -13.29
CA SER G 112 -18.55 -11.23 -11.85
C SER G 112 -19.25 -12.27 -11.03
N LEU G 113 -20.52 -12.57 -11.33
CA LEU G 113 -21.20 -13.69 -10.65
C LEU G 113 -20.31 -14.93 -10.66
N ARG G 114 -19.79 -15.27 -11.82
CA ARG G 114 -18.89 -16.39 -11.91
C ARG G 114 -17.72 -16.25 -10.95
N SER G 115 -17.00 -15.13 -11.01
CA SER G 115 -15.83 -14.91 -10.15
C SER G 115 -16.16 -15.11 -8.65
N ILE G 116 -17.28 -14.57 -8.20
CA ILE G 116 -17.46 -14.48 -6.76
C ILE G 116 -17.80 -15.82 -6.18
N VAL G 117 -18.50 -16.62 -6.98
CA VAL G 117 -18.88 -17.95 -6.58
C VAL G 117 -17.63 -18.84 -6.63
N ALA G 118 -16.87 -18.75 -7.69
CA ALA G 118 -15.62 -19.48 -7.81
C ALA G 118 -14.72 -19.26 -6.59
N SER G 119 -14.78 -18.06 -6.03
CA SER G 119 -13.87 -17.68 -4.95
C SER G 119 -14.36 -18.16 -3.57
N SER G 120 -15.67 -18.15 -3.42
CA SER G 120 -16.37 -18.77 -2.31
C SER G 120 -16.07 -20.27 -2.18
N GLY G 121 -15.87 -20.99 -3.27
CA GLY G 121 -15.40 -22.37 -3.19
C GLY G 121 -16.42 -23.43 -2.74
N THR G 122 -17.71 -23.08 -2.78
CA THR G 122 -18.81 -23.97 -2.36
C THR G 122 -20.15 -23.70 -3.06
N LEU G 123 -20.96 -24.73 -3.28
CA LEU G 123 -22.33 -24.57 -3.78
C LEU G 123 -23.36 -24.98 -2.74
N GLU G 124 -22.95 -25.01 -1.49
CA GLU G 124 -23.81 -25.40 -0.40
C GLU G 124 -25.08 -24.56 -0.37
N PHE G 125 -26.24 -25.21 -0.49
CA PHE G 125 -27.48 -24.50 -0.68
C PHE G 125 -28.40 -24.81 0.45
N ILE G 126 -28.95 -23.77 1.05
CA ILE G 126 -29.79 -23.92 2.22
C ILE G 126 -31.16 -23.48 1.80
N THR G 127 -32.12 -24.39 1.89
CA THR G 127 -33.47 -24.05 1.57
C THR G 127 -34.18 -23.35 2.72
N GLU G 128 -34.99 -22.37 2.33
CA GLU G 128 -35.65 -21.46 3.22
C GLU G 128 -37.14 -21.43 2.88
N GLY G 129 -37.99 -21.40 3.90
CA GLY G 129 -39.43 -21.50 3.74
C GLY G 129 -40.07 -20.24 3.23
N PHE G 130 -39.88 -19.97 1.95
CA PHE G 130 -40.49 -18.82 1.36
C PHE G 130 -41.97 -19.13 1.25
N THR G 131 -42.79 -18.19 1.72
CA THR G 131 -44.24 -18.22 1.59
C THR G 131 -44.65 -17.36 0.41
N TRP G 132 -45.24 -18.00 -0.59
CA TRP G 132 -45.57 -17.33 -1.86
C TRP G 132 -47.08 -17.38 -2.06
N ALA G 133 -47.75 -16.40 -1.46
CA ALA G 133 -49.20 -16.49 -1.28
C ALA G 133 -49.98 -15.95 -2.49
N GLY G 134 -50.77 -16.84 -3.08
CA GLY G 134 -51.70 -16.51 -4.16
C GLY G 134 -51.15 -16.74 -5.56
N VAL G 135 -50.36 -17.80 -5.72
CA VAL G 135 -49.61 -18.05 -6.96
C VAL G 135 -49.21 -19.53 -7.08
N THR G 136 -48.83 -19.96 -8.28
CA THR G 136 -48.42 -21.34 -8.43
C THR G 136 -46.91 -21.47 -8.45
N GLN G 137 -46.40 -22.38 -7.66
CA GLN G 137 -44.98 -22.62 -7.60
C GLN G 137 -44.64 -23.73 -8.54
N ASN G 138 -43.36 -24.03 -8.64
CA ASN G 138 -42.83 -25.12 -9.44
C ASN G 138 -43.27 -25.21 -10.92
N GLY G 139 -43.38 -24.03 -11.55
CA GLY G 139 -43.49 -23.99 -12.99
C GLY G 139 -42.33 -24.75 -13.61
N GLY G 140 -42.60 -25.38 -14.74
CA GLY G 140 -41.62 -26.15 -15.51
C GLY G 140 -41.72 -25.69 -16.95
N SER G 141 -40.92 -26.28 -17.83
CA SER G 141 -40.89 -25.91 -19.24
C SER G 141 -40.34 -27.00 -20.14
N GLY G 142 -40.65 -26.83 -21.42
CA GLY G 142 -40.27 -27.74 -22.48
C GLY G 142 -38.85 -27.57 -22.90
N ALA G 143 -38.21 -26.49 -22.47
CA ALA G 143 -36.77 -26.32 -22.74
C ALA G 143 -35.88 -27.05 -21.76
N CYS G 144 -36.44 -27.49 -20.63
CA CYS G 144 -35.64 -27.93 -19.50
C CYS G 144 -36.17 -29.24 -18.94
N LYS G 145 -36.04 -30.31 -19.71
CA LYS G 145 -36.64 -31.62 -19.36
C LYS G 145 -35.81 -32.50 -18.40
N ARG G 146 -36.52 -33.22 -17.52
CA ARG G 146 -35.94 -34.28 -16.68
C ARG G 146 -36.44 -35.62 -17.24
N GLY G 147 -35.64 -36.16 -18.15
CA GLY G 147 -36.01 -37.35 -18.90
C GLY G 147 -37.08 -36.92 -19.89
N PRO G 148 -38.32 -37.44 -19.74
CA PRO G 148 -39.41 -37.06 -20.62
C PRO G 148 -40.25 -35.92 -20.05
N ALA G 149 -40.00 -35.60 -18.78
CA ALA G 149 -40.85 -34.71 -17.98
C ALA G 149 -40.35 -33.28 -18.00
N ASN G 150 -41.24 -32.32 -17.81
CA ASN G 150 -40.91 -30.90 -17.85
C ASN G 150 -40.43 -30.34 -16.54
N SER G 151 -39.37 -29.55 -16.59
CA SER G 151 -38.64 -29.23 -15.39
C SER G 151 -38.04 -27.83 -15.46
N PHE G 152 -37.16 -27.53 -14.54
CA PHE G 152 -36.62 -26.19 -14.39
C PHE G 152 -35.39 -26.25 -13.51
N PHE G 153 -34.72 -25.10 -13.42
CA PHE G 153 -33.52 -24.98 -12.60
C PHE G 153 -33.93 -25.40 -11.19
N SER G 154 -33.16 -26.34 -10.63
CA SER G 154 -33.36 -26.83 -9.27
C SER G 154 -33.39 -25.73 -8.22
N ARG G 155 -32.57 -24.69 -8.35
CA ARG G 155 -32.46 -23.65 -7.30
C ARG G 155 -33.38 -22.46 -7.43
N LEU G 156 -34.20 -22.50 -8.46
CA LEU G 156 -35.12 -21.41 -8.74
C LEU G 156 -36.53 -21.94 -8.83
N ASN G 157 -37.49 -21.03 -8.73
CA ASN G 157 -38.90 -21.37 -8.57
C ASN G 157 -39.78 -20.43 -9.41
N TRP G 158 -40.27 -20.95 -10.53
CA TRP G 158 -41.10 -20.17 -11.45
C TRP G 158 -42.54 -19.97 -10.95
N LEU G 159 -42.81 -18.75 -10.51
CA LEU G 159 -44.12 -18.35 -10.04
C LEU G 159 -45.00 -17.78 -11.16
N THR G 160 -46.07 -18.54 -11.38
CA THR G 160 -47.14 -18.26 -12.31
C THR G 160 -48.40 -17.83 -11.53
N LYS G 161 -49.47 -17.50 -12.27
CA LYS G 161 -50.74 -17.10 -11.67
C LYS G 161 -51.44 -18.24 -10.95
N SER G 162 -52.48 -17.86 -10.22
CA SER G 162 -53.42 -18.81 -9.65
C SER G 162 -54.81 -18.16 -9.65
N GLY G 163 -55.81 -18.96 -10.06
CA GLY G 163 -57.12 -18.43 -10.42
C GLY G 163 -56.94 -17.62 -11.68
N ASN G 164 -57.56 -16.45 -11.70
CA ASN G 164 -57.32 -15.46 -12.77
C ASN G 164 -56.66 -14.18 -12.20
N THR G 165 -55.97 -14.33 -11.06
CA THR G 165 -55.15 -13.24 -10.47
C THR G 165 -53.72 -13.67 -9.99
N TYR G 166 -52.81 -12.72 -10.13
CA TYR G 166 -51.46 -12.77 -9.56
C TYR G 166 -51.35 -11.54 -8.64
N PRO G 167 -51.32 -11.76 -7.32
CA PRO G 167 -51.31 -10.63 -6.41
C PRO G 167 -49.93 -10.06 -6.36
N VAL G 168 -49.80 -8.98 -5.61
CA VAL G 168 -48.50 -8.35 -5.40
C VAL G 168 -47.77 -9.11 -4.32
N LEU G 169 -46.76 -9.88 -4.70
CA LEU G 169 -45.93 -10.59 -3.74
C LEU G 169 -45.06 -9.61 -2.89
N ASN G 170 -44.98 -9.85 -1.58
CA ASN G 170 -44.27 -8.97 -0.62
C ASN G 170 -43.79 -9.88 0.47
N VAL G 171 -42.56 -10.40 0.38
CA VAL G 171 -42.00 -11.33 1.38
C VAL G 171 -40.65 -10.84 1.93
N THR G 172 -40.19 -11.47 3.02
CA THR G 172 -38.90 -11.13 3.63
C THR G 172 -38.20 -12.31 4.30
N MET G 173 -36.91 -12.16 4.54
CA MET G 173 -36.10 -13.25 5.03
C MET G 173 -34.80 -12.74 5.63
N PRO G 174 -34.83 -12.45 6.94
CA PRO G 174 -33.72 -11.86 7.65
C PRO G 174 -32.49 -12.76 7.70
N ASN G 175 -31.31 -12.19 7.92
CA ASN G 175 -30.13 -13.00 8.05
C ASN G 175 -29.67 -12.95 9.50
N ASN G 176 -29.97 -14.04 10.20
CA ASN G 176 -29.62 -14.21 11.62
C ASN G 176 -28.43 -15.19 11.70
N ASN G 177 -27.63 -15.16 10.64
CA ASN G 177 -26.47 -15.99 10.54
C ASN G 177 -25.26 -15.10 10.59
N ASN G 178 -24.09 -15.72 10.72
CA ASN G 178 -22.85 -15.01 10.88
C ASN G 178 -21.99 -15.12 9.62
N PHE G 179 -22.65 -15.41 8.50
CA PHE G 179 -22.00 -15.49 7.20
C PHE G 179 -22.87 -14.72 6.24
N ASP G 180 -22.32 -14.44 5.07
CA ASP G 180 -23.09 -13.71 4.09
C ASP G 180 -23.95 -14.73 3.32
N LYS G 181 -25.14 -14.33 2.94
CA LYS G 181 -25.98 -15.16 2.11
C LYS G 181 -26.01 -14.66 0.65
N LEU G 182 -25.81 -15.55 -0.30
CA LEU G 182 -25.92 -15.22 -1.71
C LEU G 182 -27.26 -15.70 -2.22
N TYR G 183 -28.14 -14.77 -2.59
CA TYR G 183 -29.47 -15.09 -3.10
C TYR G 183 -29.43 -14.93 -4.61
N ILE G 184 -29.90 -15.93 -5.33
CA ILE G 184 -29.94 -15.85 -6.78
C ILE G 184 -31.39 -15.96 -7.22
N TRP G 185 -31.73 -15.14 -8.18
CA TRP G 185 -33.11 -15.04 -8.61
C TRP G 185 -33.07 -14.55 -10.03
N GLY G 186 -34.24 -14.35 -10.63
CA GLY G 186 -34.27 -13.81 -11.96
C GLY G 186 -35.58 -13.17 -12.29
N VAL G 187 -35.62 -12.68 -13.51
CA VAL G 187 -36.78 -12.11 -14.10
C VAL G 187 -36.97 -12.74 -15.46
N HIS G 188 -38.24 -13.09 -15.74
CA HIS G 188 -38.65 -13.65 -17.04
C HIS G 188 -39.12 -12.58 -18.02
N HIS G 189 -38.54 -12.54 -19.21
CA HIS G 189 -39.00 -11.64 -20.25
C HIS G 189 -39.78 -12.48 -21.28
N PRO G 190 -41.14 -12.36 -21.35
CA PRO G 190 -41.88 -13.15 -22.34
C PRO G 190 -41.82 -12.56 -23.75
N SER G 191 -42.18 -13.36 -24.74
CA SER G 191 -41.99 -13.00 -26.15
C SER G 191 -43.19 -12.27 -26.73
N THR G 192 -44.38 -12.82 -26.47
CA THR G 192 -45.65 -12.23 -26.90
C THR G 192 -46.46 -11.89 -25.65
N ASN G 193 -47.31 -10.86 -25.73
CA ASN G 193 -48.25 -10.54 -24.62
C ASN G 193 -49.22 -11.66 -24.24
N GLN G 194 -49.60 -12.51 -25.20
CA GLN G 194 -50.34 -13.76 -24.91
C GLN G 194 -49.70 -14.47 -23.72
N GLU G 195 -48.37 -14.55 -23.74
CA GLU G 195 -47.61 -15.24 -22.71
C GLU G 195 -47.54 -14.41 -21.42
N GLN G 196 -47.35 -13.10 -21.54
CA GLN G 196 -47.27 -12.22 -20.35
C GLN G 196 -48.45 -12.49 -19.45
N THR G 197 -49.63 -12.42 -20.05
CA THR G 197 -50.90 -12.54 -19.36
C THR G 197 -51.32 -14.00 -19.14
N SER G 198 -51.08 -14.86 -20.12
CA SER G 198 -51.29 -16.30 -19.92
C SER G 198 -50.60 -16.82 -18.64
N LEU G 199 -49.59 -16.10 -18.12
CA LEU G 199 -48.87 -16.56 -16.91
C LEU G 199 -48.98 -15.63 -15.68
N TYR G 200 -48.89 -14.32 -15.88
CA TYR G 200 -48.79 -13.35 -14.77
C TYR G 200 -49.96 -12.35 -14.66
N ILE G 201 -51.03 -12.58 -15.44
CA ILE G 201 -52.25 -11.76 -15.43
C ILE G 201 -52.01 -10.28 -15.73
N GLN G 202 -51.12 -9.63 -15.00
CA GLN G 202 -50.79 -8.21 -15.23
C GLN G 202 -50.28 -7.97 -16.65
N ALA G 203 -50.12 -6.69 -16.97
CA ALA G 203 -49.76 -6.23 -18.32
C ALA G 203 -48.25 -6.11 -18.46
N SER G 204 -47.58 -5.72 -17.38
CA SER G 204 -46.14 -5.60 -17.41
C SER G 204 -45.59 -5.65 -15.99
N GLY G 205 -45.03 -6.82 -15.64
CA GLY G 205 -44.52 -7.09 -14.30
C GLY G 205 -43.40 -6.19 -13.79
N ARG G 206 -42.84 -6.58 -12.65
CA ARG G 206 -41.79 -5.77 -12.02
C ARG G 206 -41.26 -6.55 -10.84
N VAL G 207 -39.95 -6.48 -10.63
CA VAL G 207 -39.29 -7.25 -9.58
C VAL G 207 -38.33 -6.36 -8.83
N THR G 208 -38.50 -6.29 -7.51
CA THR G 208 -37.70 -5.38 -6.68
C THR G 208 -37.19 -6.09 -5.45
N VAL G 209 -35.98 -6.61 -5.55
CA VAL G 209 -35.27 -7.24 -4.44
C VAL G 209 -34.38 -6.22 -3.75
N SER G 210 -34.43 -6.18 -2.42
CA SER G 210 -33.76 -5.12 -1.65
C SER G 210 -33.21 -5.55 -0.29
N THR G 211 -32.22 -4.81 0.18
CA THR G 211 -31.77 -4.88 1.57
C THR G 211 -32.01 -3.53 2.26
N ARG G 212 -31.49 -3.38 3.49
CA ARG G 212 -31.50 -2.10 4.18
C ARG G 212 -30.71 -1.10 3.38
N ARG G 213 -29.68 -1.59 2.70
CA ARG G 213 -28.64 -0.74 2.14
C ARG G 213 -28.64 -0.66 0.61
N SER G 214 -29.22 -1.64 -0.07
CA SER G 214 -29.27 -1.60 -1.53
C SER G 214 -30.61 -2.09 -2.10
N GLN G 215 -30.78 -1.94 -3.39
CA GLN G 215 -31.96 -2.40 -4.12
C GLN G 215 -31.69 -2.57 -5.62
N GLN G 216 -32.50 -3.37 -6.27
CA GLN G 216 -32.44 -3.50 -7.71
C GLN G 216 -33.86 -3.65 -8.20
N THR G 217 -34.26 -2.87 -9.20
CA THR G 217 -35.57 -3.05 -9.79
C THR G 217 -35.44 -3.29 -11.27
N ILE G 218 -36.19 -4.28 -11.73
CA ILE G 218 -36.14 -4.78 -13.08
C ILE G 218 -37.54 -4.82 -13.63
N ILE G 219 -37.78 -4.05 -14.68
CA ILE G 219 -38.94 -4.27 -15.49
C ILE G 219 -38.58 -5.26 -16.60
N PRO G 220 -39.44 -6.25 -16.81
CA PRO G 220 -39.32 -7.10 -17.99
C PRO G 220 -39.37 -6.30 -19.30
N ASN G 221 -39.34 -7.03 -20.41
CA ASN G 221 -39.17 -6.48 -21.74
C ASN G 221 -39.70 -7.48 -22.71
N ILE G 222 -40.96 -7.32 -23.09
CA ILE G 222 -41.63 -8.28 -23.96
C ILE G 222 -41.04 -8.10 -25.37
N GLY G 223 -41.11 -9.16 -26.20
CA GLY G 223 -40.42 -9.17 -27.49
C GLY G 223 -39.77 -10.50 -27.80
N SER G 224 -39.45 -10.72 -29.08
CA SER G 224 -38.97 -12.03 -29.53
C SER G 224 -37.46 -12.05 -29.61
N ARG G 225 -36.89 -13.18 -29.21
CA ARG G 225 -35.45 -13.41 -29.25
C ARG G 225 -35.22 -14.66 -30.08
N PRO G 226 -34.00 -14.85 -30.58
CA PRO G 226 -33.74 -16.04 -31.36
C PRO G 226 -34.19 -17.23 -30.57
N LEU G 227 -34.62 -18.27 -31.28
CA LEU G 227 -35.33 -19.39 -30.68
C LEU G 227 -34.31 -20.36 -30.14
N VAL G 228 -34.52 -20.84 -28.90
CA VAL G 228 -33.63 -21.78 -28.21
C VAL G 228 -34.41 -22.77 -27.38
N ARG G 229 -34.04 -24.06 -27.56
CA ARG G 229 -34.81 -25.22 -27.08
C ARG G 229 -36.32 -24.96 -27.08
N GLY G 230 -36.82 -24.57 -28.25
CA GLY G 230 -38.23 -24.24 -28.45
C GLY G 230 -38.73 -22.99 -27.75
N GLN G 231 -37.83 -22.09 -27.34
CA GLN G 231 -38.22 -20.89 -26.60
C GLN G 231 -37.54 -19.64 -27.11
N SER G 232 -38.33 -18.57 -27.19
CA SER G 232 -37.86 -17.27 -27.59
C SER G 232 -38.15 -16.24 -26.50
N GLY G 233 -38.41 -16.70 -25.28
CA GLY G 233 -38.37 -15.82 -24.12
C GLY G 233 -37.01 -16.01 -23.47
N ARG G 234 -36.74 -15.26 -22.42
CA ARG G 234 -35.45 -15.35 -21.76
C ARG G 234 -35.62 -15.07 -20.29
N ILE G 235 -34.78 -15.73 -19.51
CA ILE G 235 -34.69 -15.37 -18.12
C ILE G 235 -33.41 -14.62 -17.87
N SER G 236 -33.52 -13.44 -17.27
CA SER G 236 -32.34 -12.72 -16.85
C SER G 236 -32.09 -12.99 -15.34
N VAL G 237 -30.83 -13.24 -14.98
CA VAL G 237 -30.51 -13.64 -13.63
C VAL G 237 -29.75 -12.58 -12.85
N TYR G 238 -30.07 -12.48 -11.57
CA TYR G 238 -29.50 -11.44 -10.72
C TYR G 238 -29.18 -12.03 -9.35
N TRP G 239 -28.23 -11.42 -8.65
CA TRP G 239 -27.92 -11.87 -7.31
C TRP G 239 -27.99 -10.77 -6.25
N THR G 240 -28.36 -11.18 -5.05
CA THR G 240 -28.30 -10.28 -3.94
C THR G 240 -27.58 -10.96 -2.82
N ILE G 241 -26.60 -10.26 -2.29
CA ILE G 241 -25.90 -10.67 -1.07
C ILE G 241 -26.54 -10.00 0.15
N VAL G 242 -26.67 -10.75 1.24
CA VAL G 242 -27.31 -10.23 2.42
C VAL G 242 -26.43 -10.50 3.59
N LYS G 243 -25.98 -9.43 4.23
CA LYS G 243 -24.97 -9.55 5.27
C LYS G 243 -25.67 -9.91 6.57
N PRO G 244 -24.92 -10.48 7.52
CA PRO G 244 -25.46 -10.78 8.83
C PRO G 244 -26.17 -9.57 9.40
N GLY G 245 -27.33 -9.79 9.94
CA GLY G 245 -28.04 -8.70 10.56
C GLY G 245 -28.80 -7.86 9.59
N ASP G 246 -28.50 -7.95 8.30
CA ASP G 246 -29.33 -7.30 7.27
C ASP G 246 -30.58 -8.16 6.98
N ILE G 247 -31.51 -7.63 6.19
CA ILE G 247 -32.75 -8.34 5.83
C ILE G 247 -32.90 -8.38 4.33
N LEU G 248 -33.63 -9.38 3.80
CA LEU G 248 -33.95 -9.41 2.36
C LEU G 248 -35.43 -9.16 2.14
N VAL G 249 -35.78 -8.41 1.11
CA VAL G 249 -37.20 -8.21 0.82
C VAL G 249 -37.52 -8.27 -0.65
N ILE G 250 -38.34 -9.26 -1.04
CA ILE G 250 -38.74 -9.45 -2.44
C ILE G 250 -40.13 -8.91 -2.63
N ASN G 251 -40.35 -8.18 -3.71
CA ASN G 251 -41.57 -7.43 -3.89
C ASN G 251 -41.89 -7.30 -5.38
N SER G 252 -42.89 -8.01 -5.85
CA SER G 252 -43.15 -8.09 -7.29
C SER G 252 -44.60 -8.37 -7.62
N ASN G 253 -45.08 -7.73 -8.69
CA ASN G 253 -46.40 -8.01 -9.23
C ASN G 253 -46.37 -8.78 -10.56
N GLY G 254 -45.50 -9.76 -10.68
CA GLY G 254 -45.42 -10.56 -11.89
C GLY G 254 -44.02 -10.65 -12.45
N ASN G 255 -43.74 -11.82 -13.01
CA ASN G 255 -42.51 -12.12 -13.76
C ASN G 255 -41.32 -12.56 -12.86
N LEU G 256 -41.53 -12.64 -11.55
CA LEU G 256 -40.45 -12.99 -10.63
C LEU G 256 -40.18 -14.44 -10.80
N ILE G 257 -38.91 -14.76 -10.97
CA ILE G 257 -38.44 -16.12 -10.86
C ILE G 257 -37.71 -16.16 -9.53
N ALA G 258 -38.25 -16.92 -8.58
CA ALA G 258 -37.95 -16.73 -7.19
C ALA G 258 -36.89 -17.69 -6.75
N PRO G 259 -36.18 -17.33 -5.68
CA PRO G 259 -35.22 -18.23 -5.10
C PRO G 259 -35.89 -19.15 -4.15
N ARG G 260 -35.28 -20.30 -3.95
CA ARG G 260 -35.76 -21.25 -2.98
C ARG G 260 -35.02 -21.14 -1.67
N GLY G 261 -33.94 -20.36 -1.65
CA GLY G 261 -32.99 -20.38 -0.51
C GLY G 261 -31.76 -19.51 -0.74
N TYR G 262 -30.63 -19.93 -0.18
CA TYR G 262 -29.39 -19.16 -0.35
C TYR G 262 -28.18 -20.05 -0.43
N PHE G 263 -27.12 -19.49 -1.00
CA PHE G 263 -25.83 -20.12 -1.01
C PHE G 263 -24.96 -19.57 0.12
N LYS G 264 -24.34 -20.44 0.89
CA LYS G 264 -23.37 -19.99 1.88
C LYS G 264 -22.20 -19.34 1.17
N MET G 265 -21.81 -18.14 1.61
CA MET G 265 -20.53 -17.60 1.15
C MET G 265 -19.33 -17.85 2.09
N HIS G 266 -18.19 -18.18 1.48
CA HIS G 266 -16.94 -18.41 2.18
C HIS G 266 -15.88 -17.44 1.70
N ILE G 267 -14.85 -17.34 2.51
CA ILE G 267 -13.66 -16.58 2.20
C ILE G 267 -12.57 -17.61 2.19
N GLY G 268 -11.67 -17.52 1.23
CA GLY G 268 -10.59 -18.49 1.15
C GLY G 268 -9.91 -18.51 -0.18
N LYS G 269 -9.08 -19.53 -0.38
CA LYS G 269 -8.15 -19.66 -1.51
C LYS G 269 -8.79 -20.26 -2.78
N SER G 270 -10.10 -20.13 -2.93
CA SER G 270 -10.79 -20.84 -3.99
C SER G 270 -10.87 -20.07 -5.30
N SER G 271 -10.82 -20.82 -6.40
CA SER G 271 -10.85 -20.24 -7.74
C SER G 271 -11.32 -21.21 -8.81
N ILE G 272 -11.19 -20.78 -10.06
CA ILE G 272 -11.71 -21.47 -11.23
C ILE G 272 -10.80 -21.22 -12.43
N MET G 273 -10.66 -22.25 -13.26
CA MET G 273 -9.72 -22.26 -14.36
C MET G 273 -10.40 -22.95 -15.51
N ARG G 274 -10.11 -22.52 -16.73
CA ARG G 274 -10.64 -23.19 -17.92
C ARG G 274 -9.57 -24.06 -18.50
N SER G 275 -9.83 -25.35 -18.58
CA SER G 275 -8.84 -26.27 -19.14
C SER G 275 -9.42 -27.57 -19.55
N ASP G 276 -8.79 -28.16 -20.57
CA ASP G 276 -9.18 -29.46 -21.04
C ASP G 276 -8.23 -30.60 -20.61
N ALA G 277 -7.32 -30.29 -19.68
CA ALA G 277 -6.40 -31.28 -19.13
C ALA G 277 -7.12 -32.33 -18.25
N PRO G 278 -6.67 -33.60 -18.31
CA PRO G 278 -7.35 -34.63 -17.52
C PRO G 278 -6.79 -34.64 -16.11
N ILE G 279 -7.57 -35.19 -15.16
CA ILE G 279 -7.21 -35.16 -13.73
C ILE G 279 -6.48 -36.44 -13.39
N ASP G 280 -5.39 -36.33 -12.64
CA ASP G 280 -4.57 -37.49 -12.26
C ASP G 280 -4.39 -37.53 -10.77
N THR G 281 -4.09 -38.72 -10.27
CA THR G 281 -3.59 -38.89 -8.92
C THR G 281 -2.11 -38.66 -8.91
N CYS G 282 -1.70 -37.52 -8.37
CA CYS G 282 -0.29 -37.24 -8.15
C CYS G 282 -0.28 -36.02 -7.26
N ILE G 283 0.91 -35.50 -6.96
CA ILE G 283 1.05 -34.32 -6.11
C ILE G 283 1.74 -33.23 -6.90
N SER G 284 1.10 -32.07 -6.96
CA SER G 284 1.72 -30.87 -7.52
C SER G 284 1.07 -29.59 -7.02
N GLU G 285 1.91 -28.72 -6.47
CA GLU G 285 1.45 -27.45 -5.93
C GLU G 285 0.97 -26.53 -7.03
N CYS G 286 1.78 -26.40 -8.10
CA CYS G 286 1.45 -25.52 -9.23
C CYS G 286 0.56 -26.17 -10.27
N ILE G 287 -0.51 -25.47 -10.65
CA ILE G 287 -1.43 -25.90 -11.72
C ILE G 287 -1.53 -24.85 -12.82
N THR G 288 -1.44 -25.27 -14.08
CA THR G 288 -1.78 -24.37 -15.20
C THR G 288 -2.85 -24.98 -16.06
N PRO G 289 -3.49 -24.17 -16.92
CA PRO G 289 -4.55 -24.75 -17.75
C PRO G 289 -3.95 -25.85 -18.61
N ASN G 290 -2.68 -25.67 -19.06
CA ASN G 290 -1.92 -26.71 -19.75
C ASN G 290 -1.59 -28.02 -18.90
N GLY G 291 -2.09 -28.14 -17.67
CA GLY G 291 -1.63 -29.18 -16.75
C GLY G 291 -0.68 -28.63 -15.68
N SER G 292 -0.39 -29.47 -14.68
CA SER G 292 0.47 -29.11 -13.56
C SER G 292 1.91 -28.88 -13.98
N ILE G 293 2.68 -28.23 -13.13
CA ILE G 293 4.11 -28.07 -13.36
C ILE G 293 4.93 -28.06 -12.04
N PRO G 294 6.17 -28.59 -12.10
CA PRO G 294 7.06 -28.48 -10.94
C PRO G 294 7.40 -27.03 -10.62
N ASN G 295 7.52 -26.72 -9.33
CA ASN G 295 7.74 -25.35 -8.89
C ASN G 295 9.09 -25.12 -8.22
N GLU G 296 10.11 -25.80 -8.75
CA GLU G 296 11.47 -25.80 -8.18
C GLU G 296 12.24 -24.62 -8.78
N LYS G 297 11.99 -24.37 -10.05
CA LYS G 297 12.58 -23.26 -10.75
C LYS G 297 11.84 -21.99 -10.41
N PRO G 298 12.55 -20.88 -10.31
CA PRO G 298 11.88 -19.62 -10.02
C PRO G 298 10.97 -19.09 -11.18
N PHE G 299 11.16 -19.54 -12.39
CA PHE G 299 10.39 -19.01 -13.51
C PHE G 299 9.74 -20.10 -14.34
N GLN G 300 8.88 -19.66 -15.27
CA GLN G 300 8.11 -20.57 -16.10
C GLN G 300 7.53 -19.86 -17.30
N ASN G 301 7.40 -20.65 -18.35
CA ASN G 301 7.14 -20.17 -19.67
C ASN G 301 5.92 -20.88 -20.24
N VAL G 302 5.19 -21.59 -19.38
CA VAL G 302 4.09 -22.42 -19.82
C VAL G 302 2.79 -21.65 -19.93
N ASN G 303 2.50 -20.75 -19.00
CA ASN G 303 1.23 -20.03 -19.05
C ASN G 303 1.16 -18.93 -18.00
N LYS G 304 0.77 -17.73 -18.42
CA LYS G 304 0.54 -16.62 -17.49
C LYS G 304 -0.60 -16.88 -16.50
N ILE G 305 -1.51 -17.76 -16.88
CA ILE G 305 -2.54 -18.26 -15.99
C ILE G 305 -2.04 -19.39 -15.12
N THR G 306 -2.14 -19.23 -13.80
CA THR G 306 -1.71 -20.28 -12.86
C THR G 306 -2.56 -20.30 -11.61
N TYR G 307 -2.34 -21.32 -10.79
CA TYR G 307 -3.02 -21.48 -9.49
C TYR G 307 -2.16 -22.29 -8.56
N GLY G 308 -1.94 -21.79 -7.36
CA GLY G 308 -1.09 -22.48 -6.40
C GLY G 308 0.27 -21.85 -6.29
N ALA G 309 1.21 -22.63 -5.76
CA ALA G 309 2.59 -22.18 -5.56
C ALA G 309 3.36 -22.44 -6.82
N CYS G 310 3.70 -21.38 -7.53
CA CYS G 310 4.08 -21.49 -8.93
C CYS G 310 5.25 -20.58 -9.21
N PRO G 311 6.11 -20.97 -10.14
CA PRO G 311 7.09 -20.01 -10.62
C PRO G 311 6.45 -18.80 -11.33
N LYS G 312 7.26 -17.79 -11.58
CA LYS G 312 6.80 -16.58 -12.22
C LYS G 312 6.80 -16.70 -13.75
N TYR G 313 5.69 -16.34 -14.37
CA TYR G 313 5.64 -16.40 -15.80
C TYR G 313 6.57 -15.34 -16.30
N VAL G 314 7.38 -15.72 -17.28
CA VAL G 314 8.16 -14.78 -18.07
C VAL G 314 8.08 -15.17 -19.54
N LYS G 315 8.71 -14.37 -20.40
CA LYS G 315 8.60 -14.53 -21.85
C LYS G 315 9.59 -15.53 -22.40
N GLN G 316 10.81 -15.52 -21.83
CA GLN G 316 11.93 -16.38 -22.24
C GLN G 316 11.64 -17.89 -22.10
N ASN G 317 12.09 -18.69 -23.07
CA ASN G 317 11.93 -20.17 -23.04
C ASN G 317 13.10 -20.85 -22.33
N THR G 318 14.16 -20.08 -22.08
CA THR G 318 15.35 -20.57 -21.41
C THR G 318 16.16 -19.45 -20.79
N LEU G 319 16.73 -19.74 -19.63
CA LEU G 319 17.70 -18.89 -18.93
C LEU G 319 18.65 -19.78 -18.14
N LYS G 320 19.95 -19.65 -18.43
CA LYS G 320 20.96 -20.49 -17.80
C LYS G 320 21.83 -19.76 -16.77
N LEU G 321 21.72 -20.23 -15.54
CA LEU G 321 22.55 -19.73 -14.44
C LEU G 321 23.81 -20.59 -14.28
N ALA G 322 24.95 -19.92 -14.13
CA ALA G 322 26.22 -20.61 -13.95
C ALA G 322 26.30 -21.18 -12.56
N THR G 323 26.43 -22.51 -12.49
CA THR G 323 26.69 -23.21 -11.24
C THR G 323 28.18 -23.56 -11.07
N GLY G 324 29.01 -23.18 -12.04
CA GLY G 324 30.45 -23.38 -11.98
C GLY G 324 31.28 -22.30 -12.68
N MET G 325 32.59 -22.43 -12.56
CA MET G 325 33.54 -21.41 -13.08
C MET G 325 33.64 -21.41 -14.60
N ARG G 326 34.52 -20.55 -15.12
CA ARG G 326 34.75 -20.48 -16.56
C ARG G 326 35.51 -21.72 -17.05
N ASN G 327 35.16 -22.22 -18.22
CA ASN G 327 35.71 -23.49 -18.70
C ASN G 327 36.65 -23.36 -19.92
N VAL G 328 37.95 -23.65 -19.72
CA VAL G 328 38.98 -23.65 -20.79
C VAL G 328 39.64 -25.03 -20.94
N PRO G 329 39.18 -25.86 -21.90
CA PRO G 329 39.72 -27.23 -22.06
C PRO G 329 41.20 -27.34 -22.49
N GLY H 1 38.12 -12.68 -16.89
CA GLY H 1 37.67 -12.31 -15.52
C GLY H 1 38.42 -11.13 -14.91
N LEU H 2 37.90 -10.64 -13.79
CA LEU H 2 38.37 -9.40 -13.19
C LEU H 2 39.81 -9.42 -12.64
N PHE H 3 40.29 -10.56 -12.14
CA PHE H 3 41.68 -10.65 -11.67
C PHE H 3 42.60 -11.20 -12.74
N GLY H 4 42.03 -11.97 -13.66
CA GLY H 4 42.76 -12.47 -14.82
C GLY H 4 43.65 -13.65 -14.50
N ALA H 5 43.19 -14.50 -13.57
CA ALA H 5 43.88 -15.75 -13.26
C ALA H 5 43.34 -16.81 -14.19
N ILE H 6 42.14 -17.33 -13.88
CA ILE H 6 41.42 -18.29 -14.73
C ILE H 6 41.34 -17.71 -16.14
N ALA H 7 41.57 -18.55 -17.15
CA ALA H 7 41.69 -18.08 -18.54
C ALA H 7 42.46 -16.74 -18.64
N GLY H 8 43.56 -16.63 -17.91
CA GLY H 8 44.31 -15.37 -17.79
C GLY H 8 45.80 -15.60 -17.93
N PHE H 9 46.53 -15.54 -16.82
CA PHE H 9 47.89 -16.02 -16.86
C PHE H 9 47.91 -17.57 -16.90
N ILE H 10 46.93 -18.23 -16.29
CA ILE H 10 46.79 -19.70 -16.40
C ILE H 10 46.10 -20.07 -17.71
N GLU H 11 46.83 -20.76 -18.58
CA GLU H 11 46.36 -21.13 -19.92
C GLU H 11 45.12 -22.03 -19.92
N ASN H 12 45.00 -22.85 -18.88
CA ASN H 12 44.29 -24.11 -19.03
C ASN H 12 43.76 -24.72 -17.72
N GLY H 13 42.84 -25.66 -17.90
CA GLY H 13 42.27 -26.43 -16.82
C GLY H 13 42.44 -27.93 -17.02
N TRP H 14 42.51 -28.63 -15.90
CA TRP H 14 42.94 -30.01 -15.88
C TRP H 14 41.77 -30.98 -15.84
N GLU H 15 41.36 -31.42 -17.03
CA GLU H 15 40.21 -32.31 -17.24
C GLU H 15 40.29 -33.68 -16.52
N GLY H 16 41.36 -33.92 -15.78
CA GLY H 16 41.44 -35.10 -14.94
C GLY H 16 40.85 -34.83 -13.58
N MET H 17 41.14 -33.64 -13.03
CA MET H 17 40.90 -33.34 -11.63
C MET H 17 39.43 -33.57 -11.21
N VAL H 18 39.05 -34.85 -11.09
CA VAL H 18 37.70 -35.28 -10.64
C VAL H 18 37.66 -35.32 -9.11
N ASP H 19 38.48 -34.51 -8.44
CA ASP H 19 38.52 -34.52 -6.96
C ASP H 19 38.35 -33.13 -6.32
N GLY H 20 38.22 -32.10 -7.14
CA GLY H 20 38.18 -30.73 -6.63
C GLY H 20 38.13 -29.70 -7.74
N TRP H 21 38.00 -28.43 -7.34
CA TRP H 21 37.92 -27.32 -8.29
C TRP H 21 39.29 -26.66 -8.42
N TYR H 22 40.00 -26.58 -7.30
CA TYR H 22 41.39 -26.13 -7.30
C TYR H 22 42.33 -27.20 -6.70
N GLY H 23 43.63 -26.95 -6.77
CA GLY H 23 44.63 -27.91 -6.29
C GLY H 23 45.98 -27.77 -6.96
N PHE H 24 46.85 -28.78 -6.77
CA PHE H 24 48.26 -28.72 -7.18
C PHE H 24 48.79 -29.92 -7.98
N ARG H 25 49.55 -29.59 -9.05
CA ARG H 25 50.28 -30.56 -9.86
C ARG H 25 51.80 -30.30 -9.74
N HIS H 26 52.49 -31.14 -8.95
CA HIS H 26 53.92 -30.95 -8.63
C HIS H 26 54.85 -31.82 -9.49
N GLN H 27 56.10 -31.35 -9.68
CA GLN H 27 57.15 -32.11 -10.42
C GLN H 27 58.54 -31.96 -9.78
N ASN H 28 59.04 -33.04 -9.18
CA ASN H 28 60.23 -32.98 -8.32
C ASN H 28 61.25 -34.10 -8.62
N SER H 29 61.97 -34.53 -7.58
CA SER H 29 62.93 -35.62 -7.64
C SER H 29 62.27 -37.00 -7.78
N GLU H 30 61.20 -37.21 -7.04
CA GLU H 30 60.54 -38.51 -7.00
C GLU H 30 59.65 -38.74 -8.20
N GLY H 31 59.20 -37.64 -8.82
CA GLY H 31 58.30 -37.70 -9.96
C GLY H 31 57.31 -36.56 -9.92
N THR H 32 56.01 -36.89 -9.95
CA THR H 32 54.92 -35.89 -10.00
C THR H 32 53.70 -36.32 -9.16
N GLY H 33 52.56 -35.65 -9.36
CA GLY H 33 51.27 -36.05 -8.76
C GLY H 33 50.16 -35.03 -9.03
N GLN H 34 49.07 -35.13 -8.27
CA GLN H 34 47.97 -34.15 -8.33
C GLN H 34 47.01 -34.34 -7.18
N ALA H 35 46.70 -33.25 -6.46
CA ALA H 35 45.81 -33.34 -5.29
C ALA H 35 44.85 -32.16 -5.21
N ALA H 36 43.60 -32.45 -4.83
CA ALA H 36 42.60 -31.41 -4.61
C ALA H 36 43.01 -30.49 -3.48
N ASP H 37 42.49 -29.26 -3.52
CA ASP H 37 42.51 -28.31 -2.38
C ASP H 37 41.08 -27.95 -1.91
N LEU H 38 40.65 -28.56 -0.82
CA LEU H 38 39.26 -28.44 -0.33
C LEU H 38 38.89 -27.09 0.27
N LYS H 39 39.85 -26.33 0.81
CA LYS H 39 39.51 -25.11 1.54
C LYS H 39 38.98 -23.98 0.63
N SER H 40 39.59 -23.80 -0.53
CA SER H 40 39.10 -22.84 -1.52
C SER H 40 38.15 -23.46 -2.58
N THR H 41 38.03 -24.79 -2.61
CA THR H 41 37.02 -25.43 -3.44
C THR H 41 35.68 -25.40 -2.71
N GLN H 42 35.69 -25.49 -1.40
CA GLN H 42 34.48 -25.29 -0.60
C GLN H 42 34.03 -23.83 -0.61
N ALA H 43 34.97 -22.90 -0.67
CA ALA H 43 34.62 -21.47 -0.59
C ALA H 43 33.84 -20.96 -1.80
N ALA H 44 33.97 -21.65 -2.92
CA ALA H 44 33.17 -21.33 -4.12
C ALA H 44 31.85 -22.08 -4.09
N ILE H 45 31.89 -23.33 -3.66
CA ILE H 45 30.67 -24.15 -3.58
C ILE H 45 29.71 -23.70 -2.44
N ASP H 46 30.19 -22.86 -1.52
CA ASP H 46 29.33 -22.23 -0.51
C ASP H 46 28.82 -20.86 -0.95
N GLN H 47 29.62 -20.15 -1.74
CA GLN H 47 29.20 -18.87 -2.31
C GLN H 47 28.20 -19.03 -3.48
N ILE H 48 28.37 -20.07 -4.26
CA ILE H 48 27.50 -20.33 -5.39
C ILE H 48 26.16 -20.98 -5.01
N ASN H 49 26.03 -21.47 -3.79
CA ASN H 49 24.77 -22.14 -3.42
C ASN H 49 23.90 -21.23 -2.61
N GLY H 50 24.51 -20.56 -1.66
CA GLY H 50 23.83 -19.46 -1.04
C GLY H 50 23.88 -18.26 -1.97
N LYS H 51 23.58 -18.37 -3.26
CA LYS H 51 23.40 -17.16 -4.10
C LYS H 51 22.17 -17.23 -4.98
N LEU H 52 21.29 -18.17 -4.70
CA LEU H 52 20.30 -18.58 -5.67
C LEU H 52 18.95 -17.92 -5.30
N ASN H 53 18.54 -18.21 -4.08
CA ASN H 53 17.36 -17.69 -3.45
C ASN H 53 17.82 -16.90 -2.22
N ARG H 54 18.93 -16.20 -2.38
CA ARG H 54 19.24 -15.17 -1.43
C ARG H 54 18.30 -14.02 -1.70
N VAL H 55 17.82 -13.96 -2.95
CA VAL H 55 17.04 -12.84 -3.49
C VAL H 55 15.60 -13.16 -3.95
N ILE H 56 15.30 -14.42 -4.25
CA ILE H 56 13.93 -14.82 -4.59
C ILE H 56 13.21 -15.50 -3.42
N GLU H 57 11.92 -15.19 -3.30
CA GLU H 57 11.08 -15.64 -2.18
C GLU H 57 10.84 -17.13 -2.16
N LYS H 58 10.20 -17.55 -1.09
CA LYS H 58 9.80 -18.94 -0.90
C LYS H 58 8.72 -19.33 -1.93
N THR H 59 8.96 -19.01 -3.21
CA THR H 59 7.97 -19.16 -4.26
C THR H 59 6.60 -18.63 -3.83
N ASN H 60 6.33 -17.36 -4.12
CA ASN H 60 4.99 -16.77 -3.94
C ASN H 60 3.79 -17.69 -4.38
N GLU H 61 2.79 -17.78 -3.52
CA GLU H 61 1.67 -18.68 -3.71
C GLU H 61 0.41 -17.83 -3.98
N LYS H 62 -0.11 -17.89 -5.21
CA LYS H 62 -1.31 -17.13 -5.61
C LYS H 62 -2.49 -18.01 -5.90
N PHE H 63 -3.67 -17.41 -5.77
CA PHE H 63 -4.94 -18.13 -5.77
C PHE H 63 -5.88 -17.56 -6.81
N HIS H 64 -7.08 -17.05 -6.43
CA HIS H 64 -7.96 -16.40 -7.39
C HIS H 64 -7.40 -15.07 -7.80
N GLN H 65 -7.21 -14.90 -9.09
CA GLN H 65 -6.66 -13.69 -9.65
C GLN H 65 -7.68 -13.16 -10.70
N ILE H 66 -7.19 -12.41 -11.66
CA ILE H 66 -7.99 -11.88 -12.71
C ILE H 66 -7.92 -12.82 -13.90
N GLU H 67 -8.97 -12.80 -14.76
CA GLU H 67 -8.97 -13.63 -15.96
C GLU H 67 -8.02 -12.96 -16.96
N LYS H 68 -7.40 -13.80 -17.80
CA LYS H 68 -6.31 -13.38 -18.67
C LYS H 68 -6.48 -13.76 -20.14
N GLU H 69 -7.57 -14.47 -20.45
CA GLU H 69 -8.00 -14.75 -21.81
C GLU H 69 -9.53 -14.49 -21.95
N PHE H 70 -9.97 -14.18 -23.16
CA PHE H 70 -11.34 -13.70 -23.35
C PHE H 70 -11.99 -14.22 -24.66
N SER H 71 -13.23 -14.68 -24.54
CA SER H 71 -13.99 -15.16 -25.69
C SER H 71 -14.59 -14.06 -26.47
N GLU H 72 -14.95 -12.95 -25.81
CA GLU H 72 -15.70 -11.85 -26.42
C GLU H 72 -14.95 -10.54 -26.30
N VAL H 73 -15.08 -9.70 -27.32
CA VAL H 73 -14.59 -8.32 -27.27
C VAL H 73 -15.48 -7.58 -26.27
N GLU H 74 -14.92 -6.62 -25.52
CA GLU H 74 -15.69 -5.88 -24.50
C GLU H 74 -15.26 -4.42 -24.34
N GLY H 75 -14.08 -4.05 -24.80
CA GLY H 75 -13.66 -2.68 -24.73
C GLY H 75 -12.85 -2.33 -23.49
N ARG H 76 -13.31 -1.33 -22.77
CA ARG H 76 -12.45 -0.55 -21.87
C ARG H 76 -11.90 -1.37 -20.74
N ILE H 77 -12.79 -2.14 -20.14
CA ILE H 77 -12.45 -2.89 -18.96
C ILE H 77 -11.49 -4.04 -19.28
N GLN H 78 -11.74 -4.77 -20.36
CA GLN H 78 -10.84 -5.80 -20.83
C GLN H 78 -9.52 -5.21 -21.36
N ASP H 79 -9.56 -4.08 -22.03
CA ASP H 79 -8.32 -3.37 -22.36
C ASP H 79 -7.42 -3.24 -21.12
N LEU H 80 -8.04 -2.86 -20.01
CA LEU H 80 -7.32 -2.59 -18.78
C LEU H 80 -6.80 -3.90 -18.15
N GLU H 81 -7.64 -4.92 -18.12
CA GLU H 81 -7.23 -6.25 -17.64
C GLU H 81 -6.00 -6.77 -18.41
N ARG H 82 -6.04 -6.65 -19.72
CA ARG H 82 -4.96 -7.21 -20.53
C ARG H 82 -3.69 -6.44 -20.30
N TYR H 83 -3.83 -5.12 -20.17
CA TYR H 83 -2.69 -4.23 -20.04
C TYR H 83 -2.05 -4.45 -18.69
N VAL H 84 -2.87 -4.74 -17.68
CA VAL H 84 -2.31 -4.97 -16.36
C VAL H 84 -1.38 -6.18 -16.42
N GLU H 85 -1.82 -7.25 -17.08
CA GLU H 85 -1.00 -8.44 -17.15
C GLU H 85 0.21 -8.15 -17.98
N ASP H 86 -0.01 -7.68 -19.20
CA ASP H 86 1.08 -7.42 -20.15
C ASP H 86 2.20 -6.61 -19.46
N THR H 87 1.77 -5.65 -18.65
CA THR H 87 2.67 -4.77 -17.96
C THR H 87 3.53 -5.52 -16.95
N LYS H 88 2.92 -6.43 -16.20
CA LYS H 88 3.62 -7.28 -15.22
C LYS H 88 4.58 -8.27 -15.85
N VAL H 89 4.14 -8.88 -16.94
CA VAL H 89 4.92 -9.93 -17.53
C VAL H 89 6.20 -9.33 -18.04
N ASP H 90 6.13 -8.14 -18.63
CA ASP H 90 7.34 -7.49 -19.15
C ASP H 90 8.30 -7.05 -18.05
N LEU H 91 7.77 -6.81 -16.85
CA LEU H 91 8.63 -6.39 -15.75
C LEU H 91 9.31 -7.61 -15.11
N TRP H 92 8.60 -8.72 -14.98
CA TRP H 92 9.23 -9.92 -14.49
C TRP H 92 10.19 -10.44 -15.56
N SER H 93 9.77 -10.44 -16.80
CA SER H 93 10.69 -10.83 -17.86
C SER H 93 11.98 -10.02 -17.85
N TYR H 94 11.95 -8.74 -17.48
CA TYR H 94 13.21 -7.96 -17.38
C TYR H 94 13.96 -8.36 -16.15
N ASN H 95 13.27 -8.38 -15.01
CA ASN H 95 13.89 -8.71 -13.73
C ASN H 95 14.71 -10.00 -13.77
N ALA H 96 14.23 -10.97 -14.54
CA ALA H 96 14.85 -12.30 -14.59
C ALA H 96 15.94 -12.36 -15.60
N GLU H 97 15.84 -11.56 -16.64
CA GLU H 97 16.98 -11.32 -17.52
C GLU H 97 18.15 -10.71 -16.74
N LEU H 98 17.87 -9.66 -15.97
CA LEU H 98 18.93 -8.91 -15.28
C LEU H 98 19.44 -9.70 -14.13
N LEU H 99 18.57 -10.45 -13.48
CA LEU H 99 19.00 -11.26 -12.34
C LEU H 99 20.15 -12.15 -12.74
N VAL H 100 19.93 -12.91 -13.81
CA VAL H 100 20.88 -13.90 -14.30
C VAL H 100 22.17 -13.25 -14.77
N ALA H 101 22.05 -12.20 -15.55
CA ALA H 101 23.22 -11.52 -16.07
C ALA H 101 24.11 -11.01 -14.95
N LEU H 102 23.52 -10.56 -13.86
CA LEU H 102 24.30 -10.10 -12.72
C LEU H 102 24.89 -11.26 -11.93
N GLU H 103 24.10 -12.31 -11.73
CA GLU H 103 24.58 -13.44 -10.98
C GLU H 103 25.71 -14.09 -11.77
N ASN H 104 25.48 -14.36 -13.04
CA ASN H 104 26.54 -14.91 -13.88
C ASN H 104 27.83 -14.05 -13.93
N GLN H 105 27.76 -12.74 -14.04
CA GLN H 105 28.99 -11.92 -13.93
C GLN H 105 29.68 -12.15 -12.60
N ASN H 106 28.91 -12.25 -11.54
CA ASN H 106 29.46 -12.41 -10.20
C ASN H 106 30.04 -13.81 -9.95
N THR H 107 29.38 -14.84 -10.45
CA THR H 107 29.85 -16.23 -10.27
C THR H 107 31.23 -16.31 -10.88
N ILE H 108 31.29 -15.92 -12.13
CA ILE H 108 32.52 -15.91 -12.90
C ILE H 108 33.62 -15.08 -12.26
N ASP H 109 33.27 -13.96 -11.63
CA ASP H 109 34.24 -13.14 -10.90
C ASP H 109 34.67 -13.75 -9.56
N LEU H 110 33.76 -14.36 -8.81
CA LEU H 110 34.14 -14.88 -7.49
C LEU H 110 35.03 -16.10 -7.63
N THR H 111 34.90 -16.88 -8.70
CA THR H 111 35.82 -18.01 -8.98
C THR H 111 37.24 -17.56 -9.39
N ASP H 112 37.32 -16.61 -10.33
CA ASP H 112 38.60 -15.95 -10.72
C ASP H 112 39.28 -15.29 -9.51
N SER H 113 38.51 -14.89 -8.51
CA SER H 113 39.07 -14.48 -7.22
C SER H 113 39.64 -15.67 -6.50
N GLU H 114 38.84 -16.71 -6.31
CA GLU H 114 39.29 -17.85 -5.50
C GLU H 114 40.59 -18.50 -6.01
N MET H 115 40.83 -18.44 -7.33
CA MET H 115 42.07 -18.99 -7.89
C MET H 115 43.26 -18.13 -7.55
N ASN H 116 43.15 -16.84 -7.87
CA ASN H 116 44.19 -15.86 -7.61
C ASN H 116 44.41 -15.56 -6.10
N LYS H 117 43.52 -16.00 -5.23
CA LYS H 117 43.80 -15.93 -3.78
C LYS H 117 44.54 -17.17 -3.26
N LEU H 118 44.39 -18.32 -3.94
CA LEU H 118 45.20 -19.53 -3.62
C LEU H 118 46.64 -19.31 -4.03
N PHE H 119 46.81 -18.61 -5.16
CA PHE H 119 48.14 -18.28 -5.71
C PHE H 119 48.94 -17.31 -4.84
N GLU H 120 48.24 -16.44 -4.10
CA GLU H 120 48.90 -15.47 -3.24
C GLU H 120 48.74 -15.77 -1.74
N LYS H 121 48.18 -16.93 -1.41
CA LYS H 121 48.35 -17.55 -0.09
C LYS H 121 49.62 -18.39 -0.20
N THR H 122 49.76 -19.05 -1.34
CA THR H 122 50.91 -19.87 -1.68
C THR H 122 52.18 -19.04 -1.97
N ARG H 123 52.17 -18.14 -2.95
CA ARG H 123 53.32 -17.25 -3.18
C ARG H 123 53.85 -16.65 -1.87
N ARG H 124 52.97 -16.34 -0.92
CA ARG H 124 53.37 -15.80 0.39
C ARG H 124 54.06 -16.79 1.31
N GLN H 125 53.70 -18.08 1.20
CA GLN H 125 54.35 -19.17 1.96
C GLN H 125 55.80 -19.42 1.47
N LEU H 126 55.94 -19.62 0.15
CA LEU H 126 57.24 -19.90 -0.47
C LEU H 126 58.14 -18.67 -0.47
N ARG H 127 57.59 -17.51 -0.11
CA ARG H 127 58.38 -16.35 0.35
C ARG H 127 59.48 -15.87 -0.61
N GLU H 128 60.72 -16.34 -0.42
CA GLU H 128 61.85 -16.05 -1.32
C GLU H 128 62.62 -17.31 -1.78
N ASN H 129 62.08 -18.49 -1.44
CA ASN H 129 62.71 -19.76 -1.78
C ASN H 129 62.39 -20.21 -3.22
N ALA H 130 61.60 -19.40 -3.94
CA ALA H 130 61.07 -19.75 -5.28
C ALA H 130 60.64 -18.50 -6.07
N GLU H 131 60.20 -18.70 -7.30
CA GLU H 131 59.85 -17.59 -8.20
C GLU H 131 58.56 -17.80 -9.03
N ASP H 132 57.81 -16.71 -9.21
CA ASP H 132 56.62 -16.69 -10.06
C ASP H 132 57.08 -16.83 -11.51
N MET H 133 56.92 -18.03 -12.06
CA MET H 133 57.27 -18.29 -13.48
C MET H 133 56.42 -17.42 -14.44
N GLY H 134 55.20 -17.07 -14.02
CA GLY H 134 54.28 -16.27 -14.85
C GLY H 134 53.29 -17.11 -15.66
N ASN H 135 53.17 -18.37 -15.28
CA ASN H 135 52.22 -19.30 -15.88
C ASN H 135 51.39 -20.00 -14.80
N GLY H 136 51.42 -19.49 -13.56
CA GLY H 136 50.74 -20.13 -12.44
C GLY H 136 51.52 -21.18 -11.68
N CYS H 137 52.71 -21.54 -12.18
CA CYS H 137 53.62 -22.43 -11.49
C CYS H 137 54.77 -21.63 -10.94
N PHE H 138 55.21 -21.97 -9.72
CA PHE H 138 56.43 -21.44 -9.16
C PHE H 138 57.56 -22.42 -9.47
N LYS H 139 58.78 -21.94 -9.64
CA LYS H 139 59.94 -22.84 -9.62
C LYS H 139 60.59 -22.85 -8.24
N ILE H 140 60.43 -23.98 -7.55
CA ILE H 140 61.05 -24.22 -6.26
C ILE H 140 62.53 -24.46 -6.50
N TYR H 141 63.38 -23.75 -5.76
CA TYR H 141 64.83 -23.83 -5.93
C TYR H 141 65.47 -24.63 -4.78
N HIS H 142 64.94 -25.84 -4.52
CA HIS H 142 65.53 -26.77 -3.54
C HIS H 142 64.94 -28.20 -3.68
N LYS H 143 65.58 -29.15 -2.99
CA LYS H 143 65.10 -30.53 -2.97
C LYS H 143 63.74 -30.56 -2.26
N CYS H 144 62.68 -30.85 -3.02
CA CYS H 144 61.33 -30.87 -2.46
C CYS H 144 60.54 -32.13 -2.85
N ASP H 145 60.46 -33.05 -1.88
CA ASP H 145 59.90 -34.39 -2.04
C ASP H 145 58.44 -34.48 -1.53
N ASN H 146 57.88 -35.69 -1.49
CA ASN H 146 56.44 -35.91 -1.16
C ASN H 146 55.89 -35.43 0.21
N ALA H 147 56.75 -35.09 1.16
CA ALA H 147 56.29 -34.48 2.41
C ALA H 147 56.69 -33.01 2.50
N CYS H 148 57.55 -32.55 1.59
CA CYS H 148 57.88 -31.11 1.44
C CYS H 148 56.74 -30.36 0.71
N ILE H 149 56.23 -30.97 -0.37
CA ILE H 149 55.07 -30.47 -1.11
C ILE H 149 53.85 -30.49 -0.19
N GLU H 150 53.53 -31.66 0.34
CA GLU H 150 52.41 -31.85 1.27
C GLU H 150 52.40 -30.88 2.47
N SER H 151 53.57 -30.33 2.86
CA SER H 151 53.64 -29.31 3.91
C SER H 151 53.24 -27.91 3.42
N ILE H 152 53.43 -27.67 2.12
CA ILE H 152 52.92 -26.45 1.45
C ILE H 152 51.39 -26.53 1.39
N ARG H 153 50.92 -27.57 0.71
CA ARG H 153 49.51 -27.82 0.47
C ARG H 153 48.68 -27.72 1.74
N ASN H 154 49.13 -28.34 2.83
CA ASN H 154 48.43 -28.19 4.13
C ASN H 154 48.89 -26.97 4.96
N GLY H 155 49.49 -25.99 4.28
CA GLY H 155 49.74 -24.66 4.86
C GLY H 155 50.49 -24.61 6.18
N THR H 156 51.43 -25.53 6.38
CA THR H 156 52.34 -25.51 7.54
C THR H 156 53.82 -25.39 7.14
N TYR H 157 54.11 -25.50 5.85
CA TYR H 157 55.47 -25.37 5.29
C TYR H 157 56.32 -24.31 5.99
N ASP H 158 57.52 -24.70 6.46
CA ASP H 158 58.47 -23.80 7.12
C ASP H 158 59.56 -23.33 6.14
N HIS H 159 59.52 -22.05 5.75
CA HIS H 159 60.44 -21.49 4.76
C HIS H 159 61.89 -21.32 5.25
N ASN H 160 62.08 -21.15 6.56
CA ASN H 160 63.43 -20.95 7.14
C ASN H 160 64.34 -22.12 6.82
N ILE H 161 63.87 -23.32 7.17
CA ILE H 161 64.54 -24.59 6.87
C ILE H 161 65.28 -24.53 5.52
N TYR H 162 64.59 -24.27 4.42
CA TYR H 162 65.20 -24.29 3.08
C TYR H 162 65.76 -22.94 2.60
N ARG H 163 65.91 -21.96 3.52
CA ARG H 163 66.13 -20.56 3.13
C ARG H 163 67.46 -20.25 2.43
N ASP H 164 68.52 -20.86 2.95
CA ASP H 164 69.88 -20.65 2.46
C ASP H 164 70.13 -21.44 1.20
N GLU H 165 69.84 -22.75 1.27
CA GLU H 165 69.94 -23.67 0.12
C GLU H 165 69.19 -23.17 -1.11
N ALA H 166 68.03 -22.55 -0.86
CA ALA H 166 67.18 -22.01 -1.92
C ALA H 166 67.66 -20.67 -2.44
N VAL H 167 68.30 -19.86 -1.59
CA VAL H 167 69.00 -18.67 -2.10
C VAL H 167 70.23 -19.14 -2.90
N ASN H 168 70.84 -20.25 -2.48
CA ASN H 168 71.95 -20.92 -3.21
C ASN H 168 71.58 -21.32 -4.64
N ASN H 169 70.79 -22.38 -4.79
CA ASN H 169 70.39 -22.84 -6.12
C ASN H 169 69.96 -21.62 -6.99
N ARG H 170 69.29 -20.63 -6.37
CA ARG H 170 68.90 -19.38 -7.06
C ARG H 170 70.11 -18.58 -7.58
N PHE H 171 70.66 -17.70 -6.75
CA PHE H 171 71.72 -16.80 -7.21
C PHE H 171 73.16 -17.32 -7.06
N GLN H 172 73.33 -18.50 -6.44
CA GLN H 172 74.65 -19.06 -6.06
C GLN H 172 75.34 -18.22 -4.98
#